data_4OU0
# 
_entry.id   4OU0 
# 
_audit_conform.dict_name       mmcif_pdbx.dic 
_audit_conform.dict_version    5.379 
_audit_conform.dict_location   http://mmcif.pdb.org/dictionaries/ascii/mmcif_pdbx.dic 
# 
loop_
_database_2.database_id 
_database_2.database_code 
_database_2.pdbx_database_accession 
_database_2.pdbx_DOI 
PDB   4OU0         pdb_00004ou0 10.2210/pdb4ou0/pdb 
RCSB  RCSB084946   ?            ?                   
WWPDB D_1000084946 ?            ?                   
# 
_pdbx_database_related.db_name        PDB 
_pdbx_database_related.db_id          1DPU 
_pdbx_database_related.details        . 
_pdbx_database_related.content_type   unspecified 
# 
_pdbx_database_status.status_code                     REL 
_pdbx_database_status.entry_id                        4OU0 
_pdbx_database_status.recvd_initial_deposition_date   2014-02-14 
_pdbx_database_status.deposit_site                    RCSB 
_pdbx_database_status.process_site                    RCSB 
_pdbx_database_status.status_code_sf                  REL 
_pdbx_database_status.status_code_mr                  ? 
_pdbx_database_status.SG_entry                        ? 
_pdbx_database_status.status_code_cs                  ? 
_pdbx_database_status.methods_development_category    ? 
_pdbx_database_status.pdb_format_compatible           Y 
_pdbx_database_status.status_code_nmr_data            ? 
# 
loop_
_audit_author.name 
_audit_author.pdbx_ordinal 
'Feldkamp, M.D.' 1 
'Mason, A.C.'    2 
'Eichman, B.F.'  3 
'Chazin, W.J.'   4 
# 
_citation.id                        primary 
_citation.title                     
'Structural Analysis of Replication Protein A Recruitment of the DNA Damage Response Protein SMARCAL1.' 
_citation.journal_abbrev            Biochemistry 
_citation.journal_volume            53 
_citation.page_first                3052 
_citation.page_last                 3061 
_citation.year                      2014 
_citation.journal_id_ASTM           BICHAW 
_citation.country                   US 
_citation.journal_id_ISSN           0006-2960 
_citation.journal_id_CSD            0033 
_citation.book_publisher            ? 
_citation.pdbx_database_id_PubMed   24730652 
_citation.pdbx_database_id_DOI      10.1021/bi500252w 
# 
loop_
_citation_author.citation_id 
_citation_author.name 
_citation_author.ordinal 
_citation_author.identifier_ORCID 
primary 'Feldkamp, M.D.' 1 ? 
primary 'Mason, A.C.'    2 ? 
primary 'Eichman, B.F.'  3 ? 
primary 'Chazin, W.J.'   4 ? 
# 
_cell.entry_id           4OU0 
_cell.length_a           69.556 
_cell.length_b           69.556 
_cell.length_c           23.567 
_cell.angle_alpha        90.00 
_cell.angle_beta         90.00 
_cell.angle_gamma        120.00 
_cell.Z_PDB              6 
_cell.pdbx_unique_axis   ? 
_cell.length_a_esd       ? 
_cell.length_b_esd       ? 
_cell.length_c_esd       ? 
_cell.angle_alpha_esd    ? 
_cell.angle_beta_esd     ? 
_cell.angle_gamma_esd    ? 
# 
_symmetry.entry_id                         4OU0 
_symmetry.space_group_name_H-M             'P 65' 
_symmetry.pdbx_full_space_group_name_H-M   ? 
_symmetry.cell_setting                     ? 
_symmetry.Int_Tables_number                170 
_symmetry.space_group_name_Hall            ? 
# 
loop_
_entity.id 
_entity.type 
_entity.src_method 
_entity.pdbx_description 
_entity.formula_weight 
_entity.pdbx_number_of_molecules 
_entity.pdbx_ec 
_entity.pdbx_mutation 
_entity.pdbx_fragment 
_entity.details 
1 polymer man 'Replication protein A 32 kDa subunit' 7995.881 1  ? ? 'UNP RESIDUES 202-270' ? 
2 water   nat water                                  18.015   53 ? ? ?                      ? 
# 
_entity_name_com.entity_id   1 
_entity_name_com.name        
'RP-A p32, Replication factor A protein 2, RF-A protein 2, Replication protein A 34 kDa subunit, RP-A p34' 
# 
_entity_poly.entity_id                      1 
_entity_poly.type                           'polypeptide(L)' 
_entity_poly.nstd_linkage                   no 
_entity_poly.nstd_monomer                   yes 
_entity_poly.pdbx_seq_one_letter_code       'GPGSANGLTVAQNQVLNLIKA(SCH)PRPEGLNFQDLKNQLKHMSVSSIKQAVDFLSNEGHIYSTVDDDHFKSTDAE' 
_entity_poly.pdbx_seq_one_letter_code_can   GPGSANGLTVAQNQVLNLIKACPRPEGLNFQDLKNQLKHMSVSSIKQAVDFLSNEGHIYSTVDDDHFKSTDAE 
_entity_poly.pdbx_strand_id                 A 
_entity_poly.pdbx_target_identifier         ? 
# 
loop_
_entity_poly_seq.entity_id 
_entity_poly_seq.num 
_entity_poly_seq.mon_id 
_entity_poly_seq.hetero 
1 1  GLY n 
1 2  PRO n 
1 3  GLY n 
1 4  SER n 
1 5  ALA n 
1 6  ASN n 
1 7  GLY n 
1 8  LEU n 
1 9  THR n 
1 10 VAL n 
1 11 ALA n 
1 12 GLN n 
1 13 ASN n 
1 14 GLN n 
1 15 VAL n 
1 16 LEU n 
1 17 ASN n 
1 18 LEU n 
1 19 ILE n 
1 20 LYS n 
1 21 ALA n 
1 22 SCH n 
1 23 PRO n 
1 24 ARG n 
1 25 PRO n 
1 26 GLU n 
1 27 GLY n 
1 28 LEU n 
1 29 ASN n 
1 30 PHE n 
1 31 GLN n 
1 32 ASP n 
1 33 LEU n 
1 34 LYS n 
1 35 ASN n 
1 36 GLN n 
1 37 LEU n 
1 38 LYS n 
1 39 HIS n 
1 40 MET n 
1 41 SER n 
1 42 VAL n 
1 43 SER n 
1 44 SER n 
1 45 ILE n 
1 46 LYS n 
1 47 GLN n 
1 48 ALA n 
1 49 VAL n 
1 50 ASP n 
1 51 PHE n 
1 52 LEU n 
1 53 SER n 
1 54 ASN n 
1 55 GLU n 
1 56 GLY n 
1 57 HIS n 
1 58 ILE n 
1 59 TYR n 
1 60 SER n 
1 61 THR n 
1 62 VAL n 
1 63 ASP n 
1 64 ASP n 
1 65 ASP n 
1 66 HIS n 
1 67 PHE n 
1 68 LYS n 
1 69 SER n 
1 70 THR n 
1 71 ASP n 
1 72 ALA n 
1 73 GLU n 
# 
_entity_src_gen.entity_id                          1 
_entity_src_gen.pdbx_src_id                        1 
_entity_src_gen.pdbx_alt_source_flag               sample 
_entity_src_gen.pdbx_seq_type                      ? 
_entity_src_gen.pdbx_beg_seq_num                   ? 
_entity_src_gen.pdbx_end_seq_num                   ? 
_entity_src_gen.gene_src_common_name               human 
_entity_src_gen.gene_src_genus                     ? 
_entity_src_gen.pdbx_gene_src_gene                 'REPA2, RFA2, RPA2, RPA32, RPA34' 
_entity_src_gen.gene_src_species                   ? 
_entity_src_gen.gene_src_strain                    ? 
_entity_src_gen.gene_src_tissue                    ? 
_entity_src_gen.gene_src_tissue_fraction           ? 
_entity_src_gen.gene_src_details                   ? 
_entity_src_gen.pdbx_gene_src_fragment             ? 
_entity_src_gen.pdbx_gene_src_scientific_name      'Homo sapiens' 
_entity_src_gen.pdbx_gene_src_ncbi_taxonomy_id     9606 
_entity_src_gen.pdbx_gene_src_variant              ? 
_entity_src_gen.pdbx_gene_src_cell_line            ? 
_entity_src_gen.pdbx_gene_src_atcc                 ? 
_entity_src_gen.pdbx_gene_src_organ                ? 
_entity_src_gen.pdbx_gene_src_organelle            ? 
_entity_src_gen.pdbx_gene_src_cell                 ? 
_entity_src_gen.pdbx_gene_src_cellular_location    ? 
_entity_src_gen.host_org_common_name               ? 
_entity_src_gen.pdbx_host_org_scientific_name      'Escherichia coli' 
_entity_src_gen.pdbx_host_org_ncbi_taxonomy_id     469008 
_entity_src_gen.host_org_genus                     ? 
_entity_src_gen.pdbx_host_org_gene                 ? 
_entity_src_gen.pdbx_host_org_organ                ? 
_entity_src_gen.host_org_species                   ? 
_entity_src_gen.pdbx_host_org_tissue               ? 
_entity_src_gen.pdbx_host_org_tissue_fraction      ? 
_entity_src_gen.pdbx_host_org_strain               'BL-21 DE3' 
_entity_src_gen.pdbx_host_org_variant              ? 
_entity_src_gen.pdbx_host_org_cell_line            ? 
_entity_src_gen.pdbx_host_org_atcc                 ? 
_entity_src_gen.pdbx_host_org_culture_collection   ? 
_entity_src_gen.pdbx_host_org_cell                 ? 
_entity_src_gen.pdbx_host_org_organelle            ? 
_entity_src_gen.pdbx_host_org_cellular_location    ? 
_entity_src_gen.pdbx_host_org_vector_type          pBG100 
_entity_src_gen.pdbx_host_org_vector               ? 
_entity_src_gen.host_org_details                   ? 
_entity_src_gen.expression_system_id               ? 
_entity_src_gen.plasmid_name                       ? 
_entity_src_gen.plasmid_details                    ? 
_entity_src_gen.pdbx_description                   ? 
# 
_struct_ref.id                         1 
_struct_ref.db_name                    UNP 
_struct_ref.db_code                    RFA2_HUMAN 
_struct_ref.pdbx_db_accession          P15927 
_struct_ref.entity_id                  1 
_struct_ref.pdbx_seq_one_letter_code   ANGLTVAQNQVLNLIKACPRPEGLNFQDLKNQLKHMSVSSIKQAVDFLSNEGHIYSTVDDDHFKSTDAE 
_struct_ref.pdbx_align_begin           202 
_struct_ref.pdbx_db_isoform            ? 
# 
_struct_ref_seq.align_id                      1 
_struct_ref_seq.ref_id                        1 
_struct_ref_seq.pdbx_PDB_id_code              4OU0 
_struct_ref_seq.pdbx_strand_id                A 
_struct_ref_seq.seq_align_beg                 5 
_struct_ref_seq.pdbx_seq_align_beg_ins_code   ? 
_struct_ref_seq.seq_align_end                 73 
_struct_ref_seq.pdbx_seq_align_end_ins_code   ? 
_struct_ref_seq.pdbx_db_accession             P15927 
_struct_ref_seq.db_align_beg                  202 
_struct_ref_seq.pdbx_db_align_beg_ins_code    ? 
_struct_ref_seq.db_align_end                  270 
_struct_ref_seq.pdbx_db_align_end_ins_code    ? 
_struct_ref_seq.pdbx_auth_seq_align_beg       202 
_struct_ref_seq.pdbx_auth_seq_align_end       270 
# 
loop_
_struct_ref_seq_dif.align_id 
_struct_ref_seq_dif.pdbx_pdb_id_code 
_struct_ref_seq_dif.mon_id 
_struct_ref_seq_dif.pdbx_pdb_strand_id 
_struct_ref_seq_dif.seq_num 
_struct_ref_seq_dif.pdbx_pdb_ins_code 
_struct_ref_seq_dif.pdbx_seq_db_name 
_struct_ref_seq_dif.pdbx_seq_db_accession_code 
_struct_ref_seq_dif.db_mon_id 
_struct_ref_seq_dif.pdbx_seq_db_seq_num 
_struct_ref_seq_dif.details 
_struct_ref_seq_dif.pdbx_auth_seq_num 
_struct_ref_seq_dif.pdbx_ordinal 
1 4OU0 GLY A 1 ? UNP P15927 ? ? 'expression tag' 198 1 
1 4OU0 PRO A 2 ? UNP P15927 ? ? 'expression tag' 199 2 
1 4OU0 GLY A 3 ? UNP P15927 ? ? 'expression tag' 200 3 
1 4OU0 SER A 4 ? UNP P15927 ? ? 'expression tag' 201 4 
# 
loop_
_chem_comp.id 
_chem_comp.type 
_chem_comp.mon_nstd_flag 
_chem_comp.name 
_chem_comp.pdbx_synonyms 
_chem_comp.formula 
_chem_comp.formula_weight 
ALA 'L-peptide linking' y ALANINE                ? 'C3 H7 N O2'     89.093  
ARG 'L-peptide linking' y ARGININE               ? 'C6 H15 N4 O2 1' 175.209 
ASN 'L-peptide linking' y ASPARAGINE             ? 'C4 H8 N2 O3'    132.118 
ASP 'L-peptide linking' y 'ASPARTIC ACID'        ? 'C4 H7 N O4'     133.103 
GLN 'L-peptide linking' y GLUTAMINE              ? 'C5 H10 N2 O3'   146.144 
GLU 'L-peptide linking' y 'GLUTAMIC ACID'        ? 'C5 H9 N O4'     147.129 
GLY 'peptide linking'   y GLYCINE                ? 'C2 H5 N O2'     75.067  
HIS 'L-peptide linking' y HISTIDINE              ? 'C6 H10 N3 O2 1' 156.162 
HOH non-polymer         . WATER                  ? 'H2 O'           18.015  
ILE 'L-peptide linking' y ISOLEUCINE             ? 'C6 H13 N O2'    131.173 
LEU 'L-peptide linking' y LEUCINE                ? 'C6 H13 N O2'    131.173 
LYS 'L-peptide linking' y LYSINE                 ? 'C6 H15 N2 O2 1' 147.195 
MET 'L-peptide linking' y METHIONINE             ? 'C5 H11 N O2 S'  149.211 
PHE 'L-peptide linking' y PHENYLALANINE          ? 'C9 H11 N O2'    165.189 
PRO 'L-peptide linking' y PROLINE                ? 'C5 H9 N O2'     115.130 
SCH 'L-peptide linking' n S-METHYL-THIO-CYSTEINE ? 'C4 H9 N O2 S2'  167.250 
SER 'L-peptide linking' y SERINE                 ? 'C3 H7 N O3'     105.093 
THR 'L-peptide linking' y THREONINE              ? 'C4 H9 N O3'     119.119 
TYR 'L-peptide linking' y TYROSINE               ? 'C9 H11 N O3'    181.189 
VAL 'L-peptide linking' y VALINE                 ? 'C5 H11 N O2'    117.146 
# 
_exptl.entry_id          4OU0 
_exptl.method            'X-RAY DIFFRACTION' 
_exptl.crystals_number   1 
# 
_exptl_crystal.id                    1 
_exptl_crystal.density_meas          ? 
_exptl_crystal.density_Matthews      2.06 
_exptl_crystal.density_percent_sol   40.24 
_exptl_crystal.description           ? 
_exptl_crystal.F_000                 ? 
_exptl_crystal.preparation           ? 
# 
_exptl_crystal_grow.crystal_id      1 
_exptl_crystal_grow.method          'VAPOR DIFFUSION, SITTING DROP' 
_exptl_crystal_grow.temp            294 
_exptl_crystal_grow.temp_details    ? 
_exptl_crystal_grow.pH              4.5 
_exptl_crystal_grow.pdbx_details    '50 mM Sodium Acetate, 20% PEG 3350, pH 4.5, VAPOR DIFFUSION, SITTING DROP, temperature 294K' 
_exptl_crystal_grow.pdbx_pH_range   ? 
# 
_diffrn.id                     1 
_diffrn.ambient_temp           100 
_diffrn.ambient_temp_details   ? 
_diffrn.crystal_id             1 
# 
_diffrn_detector.diffrn_id              1 
_diffrn_detector.detector               CCD 
_diffrn_detector.type                   'MARMOSAIC 300 mm CCD' 
_diffrn_detector.pdbx_collection_date   2013-02-18 
_diffrn_detector.details                ? 
# 
_diffrn_radiation.diffrn_id                        1 
_diffrn_radiation.wavelength_id                    1 
_diffrn_radiation.pdbx_monochromatic_or_laue_m_l   M 
_diffrn_radiation.monochromator                    'C(111)' 
_diffrn_radiation.pdbx_diffrn_protocol             'SINGLE WAVELENGTH' 
_diffrn_radiation.pdbx_scattering_type             x-ray 
# 
_diffrn_radiation_wavelength.id           1 
_diffrn_radiation_wavelength.wavelength   0.97857 
_diffrn_radiation_wavelength.wt           1.0 
# 
_diffrn_source.diffrn_id                   1 
_diffrn_source.source                      SYNCHROTRON 
_diffrn_source.type                        'APS BEAMLINE 21-ID-F' 
_diffrn_source.pdbx_synchrotron_site       APS 
_diffrn_source.pdbx_synchrotron_beamline   21-ID-F 
_diffrn_source.pdbx_wavelength             ? 
_diffrn_source.pdbx_wavelength_list        0.97857 
# 
_reflns.entry_id                     4OU0 
_reflns.observed_criterion_sigma_I   ? 
_reflns.observed_criterion_sigma_F   ? 
_reflns.d_resolution_low             30 
_reflns.d_resolution_high            1.4 
_reflns.number_obs                   12921 
_reflns.number_all                   ? 
_reflns.percent_possible_obs         98.41 
_reflns.pdbx_Rmerge_I_obs            0.077 
_reflns.pdbx_netI_over_sigmaI        14.46 
_reflns.B_iso_Wilson_estimate        35.4 
_reflns.pdbx_redundancy              7.6 
_reflns.R_free_details               ? 
_reflns.limit_h_max                  ? 
_reflns.limit_h_min                  ? 
_reflns.limit_k_max                  ? 
_reflns.limit_k_min                  ? 
_reflns.limit_l_max                  ? 
_reflns.limit_l_min                  ? 
_reflns.observed_criterion_F_max     ? 
_reflns.observed_criterion_F_min     ? 
_reflns.pdbx_chi_squared             ? 
_reflns.pdbx_scaling_rejects         ? 
_reflns.pdbx_Rsym_value              ? 
_reflns.pdbx_ordinal                 1 
_reflns.pdbx_diffrn_id               1 
# 
_reflns_shell.d_res_high             1.4 
_reflns_shell.d_res_low              1.45 
_reflns_shell.percent_possible_all   89.03 
_reflns_shell.Rmerge_I_obs           0.357 
_reflns_shell.pdbx_Rsym_value        ? 
_reflns_shell.meanI_over_sigI_obs    4.51 
_reflns_shell.pdbx_redundancy        6.1 
_reflns_shell.percent_possible_obs   ? 
_reflns_shell.number_unique_all      1161 
_reflns_shell.number_measured_all    ? 
_reflns_shell.number_measured_obs    ? 
_reflns_shell.number_unique_obs      ? 
_reflns_shell.pdbx_chi_squared       ? 
_reflns_shell.pdbx_ordinal           1 
_reflns_shell.pdbx_diffrn_id         1 
# 
_refine.entry_id                                 4OU0 
_refine.ls_number_reflns_obs                     12910 
_refine.ls_number_reflns_all                     ? 
_refine.pdbx_ls_sigma_I                          ? 
_refine.pdbx_ls_sigma_F                          1.38 
_refine.pdbx_data_cutoff_high_absF               ? 
_refine.pdbx_data_cutoff_low_absF                ? 
_refine.pdbx_data_cutoff_high_rms_absF           ? 
_refine.ls_d_res_low                             30. 
_refine.ls_d_res_high                            1.400 
_refine.ls_percent_reflns_obs                    98.32 
_refine.ls_R_factor_obs                          0.1988 
_refine.ls_R_factor_R_work                       0.1969 
_refine.ls_R_factor_R_free                       0.2380 
_refine.ls_R_factor_R_free_error                 ? 
_refine.ls_R_factor_R_free_error_details         ? 
_refine.ls_percent_reflns_R_free                 4.88 
_refine.ls_number_reflns_R_free                  630 
_refine.ls_number_parameters                     ? 
_refine.ls_number_restraints                     ? 
_refine.occupancy_min                            ? 
_refine.occupancy_max                            ? 
_refine.correlation_coeff_Fo_to_Fc               ? 
_refine.correlation_coeff_Fo_to_Fc_free          ? 
_refine.B_iso_mean                               ? 
_refine.aniso_B[1][1]                            ? 
_refine.aniso_B[2][2]                            ? 
_refine.aniso_B[3][3]                            ? 
_refine.aniso_B[1][2]                            ? 
_refine.aniso_B[1][3]                            ? 
_refine.aniso_B[2][3]                            ? 
_refine.solvent_model_details                    'FLAT BULK SOLVENT MODEL' 
_refine.solvent_model_param_ksol                 ? 
_refine.solvent_model_param_bsol                 ? 
_refine.pdbx_solvent_vdw_probe_radii             1.11 
_refine.pdbx_solvent_ion_probe_radii             ? 
_refine.pdbx_solvent_shrinkage_radii             0.90 
_refine.pdbx_ls_cross_valid_method               ? 
_refine.details                                  ? 
_refine.pdbx_starting_model                      'PDB entry 1DPU' 
_refine.pdbx_method_to_determine_struct          'MOLECULAR REPLACEMENT' 
_refine.pdbx_isotropic_thermal_model             ? 
_refine.pdbx_stereochemistry_target_values       ML 
_refine.pdbx_stereochem_target_val_spec_case     ? 
_refine.pdbx_R_Free_selection_details            Random 
_refine.pdbx_overall_ESU_R                       ? 
_refine.pdbx_overall_ESU_R_Free                  ? 
_refine.overall_SU_ML                            0.12 
_refine.pdbx_overall_phase_error                 30.93 
_refine.overall_SU_B                             ? 
_refine.overall_SU_R_Cruickshank_DPI             ? 
_refine.ls_redundancy_reflns_obs                 ? 
_refine.B_iso_min                                ? 
_refine.B_iso_max                                ? 
_refine.overall_SU_R_free                        ? 
_refine.ls_wR_factor_R_free                      ? 
_refine.ls_wR_factor_R_work                      ? 
_refine.overall_FOM_free_R_set                   ? 
_refine.overall_FOM_work_R_set                   ? 
_refine.ls_R_factor_all                          ? 
_refine.pdbx_diffrn_id                           1 
_refine.pdbx_refine_id                           'X-RAY DIFFRACTION' 
_refine.pdbx_TLS_residual_ADP_flag               ? 
_refine.pdbx_overall_SU_R_free_Cruickshank_DPI   ? 
_refine.pdbx_overall_SU_R_Blow_DPI               ? 
_refine.pdbx_overall_SU_R_free_Blow_DPI          ? 
# 
_refine_hist.pdbx_refine_id                   'X-RAY DIFFRACTION' 
_refine_hist.cycle_id                         LAST 
_refine_hist.pdbx_number_atoms_protein        503 
_refine_hist.pdbx_number_atoms_nucleic_acid   0 
_refine_hist.pdbx_number_atoms_ligand         0 
_refine_hist.number_atoms_solvent             53 
_refine_hist.number_atoms_total               556 
_refine_hist.d_res_high                       1.400 
_refine_hist.d_res_low                        30. 
# 
loop_
_refine_ls_restr.type 
_refine_ls_restr.dev_ideal 
_refine_ls_restr.dev_ideal_target 
_refine_ls_restr.weight 
_refine_ls_restr.number 
_refine_ls_restr.pdbx_restraint_function 
_refine_ls_restr.pdbx_refine_id 
f_bond_d           0.003  ? ? 540 ? 'X-RAY DIFFRACTION' 
f_angle_d          0.804  ? ? 733 ? 'X-RAY DIFFRACTION' 
f_dihedral_angle_d 12.326 ? ? 196 ? 'X-RAY DIFFRACTION' 
f_chiral_restr     0.043  ? ? 82  ? 'X-RAY DIFFRACTION' 
f_plane_restr      0.003  ? ? 98  ? 'X-RAY DIFFRACTION' 
# 
loop_
_refine_ls_shell.pdbx_total_number_of_bins_used 
_refine_ls_shell.d_res_high 
_refine_ls_shell.d_res_low 
_refine_ls_shell.number_reflns_R_work 
_refine_ls_shell.R_factor_R_work 
_refine_ls_shell.percent_reflns_obs 
_refine_ls_shell.R_factor_R_free 
_refine_ls_shell.R_factor_R_free_error 
_refine_ls_shell.percent_reflns_R_free 
_refine_ls_shell.number_reflns_R_free 
_refine_ls_shell.number_reflns_all 
_refine_ls_shell.R_factor_all 
_refine_ls_shell.number_reflns_obs 
_refine_ls_shell.redundancy_reflns_obs 
_refine_ls_shell.pdbx_refine_id 
. 1.40   1.5406  2890 0.2215 94.00  0.2782 . . 166 . . . . 'X-RAY DIFFRACTION' 
. 1.5406 1.7635  3090 0.1918 100.00 0.2075 . . 150 . . . . 'X-RAY DIFFRACTION' 
. 1.7635 2.2217  3119 0.2015 100.00 0.2264 . . 161 . . . . 'X-RAY DIFFRACTION' 
. 2.2217 30.1256 3181 0.1941 99.00  0.2433 . . 153 . . . . 'X-RAY DIFFRACTION' 
# 
_struct.entry_id                  4OU0 
_struct.title                     'Crystal Structure of RPA32C' 
_struct.pdbx_model_details        ? 
_struct.pdbx_CASP_flag            ? 
_struct.pdbx_model_type_details   ? 
# 
_struct_keywords.entry_id        4OU0 
_struct_keywords.pdbx_keywords   'DNA BINDING PROTEIN' 
_struct_keywords.text            
'winged-helix turn helix, protein-protein interaction, S-Methyl-Thio-Cysteine, DNA BINDING PROTEIN' 
# 
loop_
_struct_asym.id 
_struct_asym.pdbx_blank_PDB_chainid_flag 
_struct_asym.pdbx_modified 
_struct_asym.entity_id 
_struct_asym.details 
A N N 1 ? 
B N N 2 ? 
# 
_struct_biol.id        1 
_struct_biol.details   ? 
# 
loop_
_struct_conf.conf_type_id 
_struct_conf.id 
_struct_conf.pdbx_PDB_helix_id 
_struct_conf.beg_label_comp_id 
_struct_conf.beg_label_asym_id 
_struct_conf.beg_label_seq_id 
_struct_conf.pdbx_beg_PDB_ins_code 
_struct_conf.end_label_comp_id 
_struct_conf.end_label_asym_id 
_struct_conf.end_label_seq_id 
_struct_conf.pdbx_end_PDB_ins_code 
_struct_conf.beg_auth_comp_id 
_struct_conf.beg_auth_asym_id 
_struct_conf.beg_auth_seq_id 
_struct_conf.end_auth_comp_id 
_struct_conf.end_auth_asym_id 
_struct_conf.end_auth_seq_id 
_struct_conf.pdbx_PDB_helix_class 
_struct_conf.details 
_struct_conf.pdbx_PDB_helix_length 
HELX_P HELX_P1 1 THR A 9  ? SCH A 22 ? THR A 206 SCH A 219 1 ? 14 
HELX_P HELX_P2 2 PHE A 30 ? LEU A 37 ? PHE A 227 LEU A 234 1 ? 8  
HELX_P HELX_P3 3 SER A 41 ? GLY A 56 ? SER A 238 GLY A 253 1 ? 16 
# 
_struct_conf_type.id          HELX_P 
_struct_conf_type.criteria    ? 
_struct_conf_type.reference   ? 
# 
loop_
_struct_conn.id 
_struct_conn.conn_type_id 
_struct_conn.pdbx_leaving_atom_flag 
_struct_conn.pdbx_PDB_id 
_struct_conn.ptnr1_label_asym_id 
_struct_conn.ptnr1_label_comp_id 
_struct_conn.ptnr1_label_seq_id 
_struct_conn.ptnr1_label_atom_id 
_struct_conn.pdbx_ptnr1_label_alt_id 
_struct_conn.pdbx_ptnr1_PDB_ins_code 
_struct_conn.pdbx_ptnr1_standard_comp_id 
_struct_conn.ptnr1_symmetry 
_struct_conn.ptnr2_label_asym_id 
_struct_conn.ptnr2_label_comp_id 
_struct_conn.ptnr2_label_seq_id 
_struct_conn.ptnr2_label_atom_id 
_struct_conn.pdbx_ptnr2_label_alt_id 
_struct_conn.pdbx_ptnr2_PDB_ins_code 
_struct_conn.ptnr1_auth_asym_id 
_struct_conn.ptnr1_auth_comp_id 
_struct_conn.ptnr1_auth_seq_id 
_struct_conn.ptnr2_auth_asym_id 
_struct_conn.ptnr2_auth_comp_id 
_struct_conn.ptnr2_auth_seq_id 
_struct_conn.ptnr2_symmetry 
_struct_conn.pdbx_ptnr3_label_atom_id 
_struct_conn.pdbx_ptnr3_label_seq_id 
_struct_conn.pdbx_ptnr3_label_comp_id 
_struct_conn.pdbx_ptnr3_label_asym_id 
_struct_conn.pdbx_ptnr3_label_alt_id 
_struct_conn.pdbx_ptnr3_PDB_ins_code 
_struct_conn.details 
_struct_conn.pdbx_dist_value 
_struct_conn.pdbx_value_order 
_struct_conn.pdbx_role 
covale1 covale both ? A ALA 21 C ? ? ? 1_555 A SCH 22 N ? ? A ALA 218 A SCH 219 1_555 ? ? ? ? ? ? ? 1.330 ? ? 
covale2 covale both ? A SCH 22 C ? ? ? 1_555 A PRO 23 N ? ? A SCH 219 A PRO 220 1_555 ? ? ? ? ? ? ? 1.348 ? ? 
# 
_struct_conn_type.id          covale 
_struct_conn_type.criteria    ? 
_struct_conn_type.reference   ? 
# 
_struct_sheet.id               A 
_struct_sheet.type             ? 
_struct_sheet.number_strands   3 
_struct_sheet.details          ? 
# 
loop_
_struct_sheet_order.sheet_id 
_struct_sheet_order.range_id_1 
_struct_sheet_order.range_id_2 
_struct_sheet_order.offset 
_struct_sheet_order.sense 
A 1 2 ? anti-parallel 
A 2 3 ? anti-parallel 
# 
loop_
_struct_sheet_range.sheet_id 
_struct_sheet_range.id 
_struct_sheet_range.beg_label_comp_id 
_struct_sheet_range.beg_label_asym_id 
_struct_sheet_range.beg_label_seq_id 
_struct_sheet_range.pdbx_beg_PDB_ins_code 
_struct_sheet_range.end_label_comp_id 
_struct_sheet_range.end_label_asym_id 
_struct_sheet_range.end_label_seq_id 
_struct_sheet_range.pdbx_end_PDB_ins_code 
_struct_sheet_range.beg_auth_comp_id 
_struct_sheet_range.beg_auth_asym_id 
_struct_sheet_range.beg_auth_seq_id 
_struct_sheet_range.end_auth_comp_id 
_struct_sheet_range.end_auth_asym_id 
_struct_sheet_range.end_auth_seq_id 
A 1 LEU A 28 ? ASN A 29 ? LEU A 225 ASN A 226 
A 2 HIS A 66 ? SER A 69 ? HIS A 263 SER A 266 
A 3 ILE A 58 ? SER A 60 ? ILE A 255 SER A 257 
# 
loop_
_pdbx_struct_sheet_hbond.sheet_id 
_pdbx_struct_sheet_hbond.range_id_1 
_pdbx_struct_sheet_hbond.range_id_2 
_pdbx_struct_sheet_hbond.range_1_label_atom_id 
_pdbx_struct_sheet_hbond.range_1_label_comp_id 
_pdbx_struct_sheet_hbond.range_1_label_asym_id 
_pdbx_struct_sheet_hbond.range_1_label_seq_id 
_pdbx_struct_sheet_hbond.range_1_PDB_ins_code 
_pdbx_struct_sheet_hbond.range_1_auth_atom_id 
_pdbx_struct_sheet_hbond.range_1_auth_comp_id 
_pdbx_struct_sheet_hbond.range_1_auth_asym_id 
_pdbx_struct_sheet_hbond.range_1_auth_seq_id 
_pdbx_struct_sheet_hbond.range_2_label_atom_id 
_pdbx_struct_sheet_hbond.range_2_label_comp_id 
_pdbx_struct_sheet_hbond.range_2_label_asym_id 
_pdbx_struct_sheet_hbond.range_2_label_seq_id 
_pdbx_struct_sheet_hbond.range_2_PDB_ins_code 
_pdbx_struct_sheet_hbond.range_2_auth_atom_id 
_pdbx_struct_sheet_hbond.range_2_auth_comp_id 
_pdbx_struct_sheet_hbond.range_2_auth_asym_id 
_pdbx_struct_sheet_hbond.range_2_auth_seq_id 
A 1 2 N LEU A 28 ? N LEU A 225 O PHE A 67 ? O PHE A 264 
A 2 3 O LYS A 68 ? O LYS A 265 N TYR A 59 ? N TYR A 256 
# 
_atom_sites.entry_id                    4OU0 
_atom_sites.fract_transf_matrix[1][1]   0.00574231 
_atom_sites.fract_transf_matrix[1][2]   0.01426733 
_atom_sites.fract_transf_matrix[1][3]   -0.00625091 
_atom_sites.fract_transf_matrix[2][1]   0.00473888 
_atom_sites.fract_transf_matrix[2][2]   0.01221697 
_atom_sites.fract_transf_matrix[2][3]   0.01019224 
_atom_sites.fract_transf_matrix[3][1]   0.03942937 
_atom_sites.fract_transf_matrix[3][2]   -0.01567147 
_atom_sites.fract_transf_matrix[3][3]   0.00045199 
_atom_sites.fract_transf_vector[1]      1.410243 
_atom_sites.fract_transf_vector[2]      0.266982 
_atom_sites.fract_transf_vector[3]      0.059519 
# 
loop_
_atom_type.symbol 
C 
H 
N 
O 
S 
# 
loop_
_atom_site.group_PDB 
_atom_site.id 
_atom_site.type_symbol 
_atom_site.label_atom_id 
_atom_site.label_alt_id 
_atom_site.label_comp_id 
_atom_site.label_asym_id 
_atom_site.label_entity_id 
_atom_site.label_seq_id 
_atom_site.pdbx_PDB_ins_code 
_atom_site.Cartn_x 
_atom_site.Cartn_y 
_atom_site.Cartn_z 
_atom_site.occupancy 
_atom_site.B_iso_or_equiv 
_atom_site.pdbx_formal_charge 
_atom_site.auth_seq_id 
_atom_site.auth_comp_id 
_atom_site.auth_asym_id 
_atom_site.auth_atom_id 
_atom_site.pdbx_PDB_model_num 
ATOM   1    N N    . ASN A 1 6  ? 4.997   -15.243 3.354   1.00 55.77  ? 203 ASN A N    1 
ATOM   2    C CA   . ASN A 1 6  ? 4.321   -14.561 4.494   1.00 53.67  ? 203 ASN A CA   1 
ATOM   3    C C    . ASN A 1 6  ? 2.801   -14.710 4.445   1.00 51.15  ? 203 ASN A C    1 
ATOM   4    O O    . ASN A 1 6  ? 2.083   -14.100 5.238   1.00 52.37  ? 203 ASN A O    1 
ATOM   5    C CB   . ASN A 1 6  ? 4.706   -13.080 4.528   1.00 53.33  ? 203 ASN A CB   1 
ATOM   6    C CG   . ASN A 1 6  ? 4.526   -12.398 3.186   1.00 51.66  ? 203 ASN A CG   1 
ATOM   7    O OD1  . ASN A 1 6  ? 3.908   -12.947 2.274   1.00 51.88  ? 203 ASN A OD1  1 
ATOM   8    N ND2  . ASN A 1 6  ? 5.067   -11.192 3.060   1.00 50.60  ? 203 ASN A ND2  1 
ATOM   9    H HA   . ASN A 1 6  ? 4.628   -14.965 5.322   1.00 64.40  ? 203 ASN A HA   1 
ATOM   10   H HB2  . ASN A 1 6  ? 4.146   -12.623 5.176   1.00 63.99  ? 203 ASN A HB2  1 
ATOM   11   H HB3  . ASN A 1 6  ? 5.639   -13.002 4.782   1.00 63.99  ? 203 ASN A HB3  1 
ATOM   12   H HD21 . ASN A 1 6  ? 4.992   -10.763 2.319   1.00 60.72  ? 203 ASN A HD21 1 
ATOM   13   H HD22 . ASN A 1 6  ? 5.491   -10.840 3.719   1.00 60.72  ? 203 ASN A HD22 1 
ATOM   14   N N    . GLY A 1 7  ? 2.318   -15.522 3.506   1.00 46.38  ? 204 GLY A N    1 
ATOM   15   C CA   . GLY A 1 7  ? 0.896   -15.787 3.374   1.00 43.54  ? 204 GLY A CA   1 
ATOM   16   C C    . GLY A 1 7  ? 0.191   -14.858 2.405   1.00 40.58  ? 204 GLY A C    1 
ATOM   17   O O    . GLY A 1 7  ? -0.922  -15.143 1.963   1.00 44.65  ? 204 GLY A O    1 
ATOM   18   H H    . GLY A 1 7  ? 2.803   -15.935 2.929   1.00 55.66  ? 204 GLY A H    1 
ATOM   19   H HA2  . GLY A 1 7  ? 0.769   -16.699 3.069   1.00 52.24  ? 204 GLY A HA2  1 
ATOM   20   H HA3  . GLY A 1 7  ? 0.473   -15.696 4.243   1.00 52.24  ? 204 GLY A HA3  1 
ATOM   21   N N    . LEU A 1 8  ? 0.836   -13.747 2.068   1.00 34.63  ? 205 LEU A N    1 
ATOM   22   C CA   . LEU A 1 8  ? 0.244   -12.767 1.167   1.00 29.91  ? 205 LEU A CA   1 
ATOM   23   C C    . LEU A 1 8  ? 0.371   -13.195 -0.290  1.00 28.38  ? 205 LEU A C    1 
ATOM   24   O O    . LEU A 1 8  ? 1.285   -13.934 -0.656  1.00 31.88  ? 205 LEU A O    1 
ATOM   25   C CB   . LEU A 1 8  ? 0.910   -11.404 1.360   1.00 28.10  ? 205 LEU A CB   1 
ATOM   26   C CG   . LEU A 1 8  ? 0.816   -10.799 2.763   1.00 31.61  ? 205 LEU A CG   1 
ATOM   27   C CD1  . LEU A 1 8  ? 1.553   -9.470  2.818   1.00 31.16  ? 205 LEU A CD1  1 
ATOM   28   C CD2  . LEU A 1 8  ? -0.634  -10.621 3.192   1.00 36.95  ? 205 LEU A CD2  1 
ATOM   29   H H    . LEU A 1 8  ? 1.621   -13.537 2.349   1.00 41.56  ? 205 LEU A H    1 
ATOM   30   H HA   . LEU A 1 8  ? -0.699  -12.675 1.373   1.00 35.89  ? 205 LEU A HA   1 
ATOM   31   H HB2  . LEU A 1 8  ? 1.853   -11.493 1.147   1.00 33.72  ? 205 LEU A HB2  1 
ATOM   32   H HB3  . LEU A 1 8  ? 0.500   -10.775 0.747   1.00 33.72  ? 205 LEU A HB3  1 
ATOM   33   H HG   . LEU A 1 8  ? 1.241   -11.401 3.393   1.00 37.93  ? 205 LEU A HG   1 
ATOM   34   H HD11 . LEU A 1 8  ? 1.480   -9.105  3.713   1.00 37.39  ? 205 LEU A HD11 1 
ATOM   35   H HD12 . LEU A 1 8  ? 2.486   -9.617  2.595   1.00 37.39  ? 205 LEU A HD12 1 
ATOM   36   H HD13 . LEU A 1 8  ? 1.151   -8.860  2.179   1.00 37.39  ? 205 LEU A HD13 1 
ATOM   37   H HD21 . LEU A 1 8  ? -0.655  -10.236 4.083   1.00 44.34  ? 205 LEU A HD21 1 
ATOM   38   H HD22 . LEU A 1 8  ? -1.079  -10.028 2.567   1.00 44.34  ? 205 LEU A HD22 1 
ATOM   39   H HD23 . LEU A 1 8  ? -1.071  -11.487 3.196   1.00 44.34  ? 205 LEU A HD23 1 
ATOM   40   N N    . THR A 1 9  ? -0.555  -12.725 -1.117  1.00 26.84  ? 206 THR A N    1 
ATOM   41   C CA   . THR A 1 9  ? -0.497  -12.987 -2.548  1.00 26.94  ? 206 THR A CA   1 
ATOM   42   C C    . THR A 1 9  ? 0.582   -12.119 -3.183  1.00 25.25  ? 206 THR A C    1 
ATOM   43   O O    . THR A 1 9  ? 1.100   -11.197 -2.551  1.00 25.69  ? 206 THR A O    1 
ATOM   44   C CB   . THR A 1 9  ? -1.836  -12.680 -3.236  1.00 26.02  ? 206 THR A CB   1 
ATOM   45   O OG1  . THR A 1 9  ? -2.092  -11.271 -3.192  1.00 25.33  ? 206 THR A OG1  1 
ATOM   46   C CG2  . THR A 1 9  ? -2.976  -13.440 -2.570  1.00 25.63  ? 206 THR A CG2  1 
ATOM   47   H H    . THR A 1 9  ? -1.231  -12.252 -0.874  1.00 32.20  ? 206 THR A H    1 
ATOM   48   H HA   . THR A 1 9  ? -0.275  -13.919 -2.700  1.00 32.33  ? 206 THR A HA   1 
ATOM   49   H HB   . THR A 1 9  ? -1.789  -12.963 -4.163  1.00 31.22  ? 206 THR A HB   1 
ATOM   50   H HG1  . THR A 1 9  ? -1.478  -10.856 -3.587  1.00 30.39  ? 206 THR A HG1  1 
ATOM   51   H HG21 . THR A 1 9  ? -3.813  -13.237 -3.014  1.00 30.75  ? 206 THR A HG21 1 
ATOM   52   H HG22 . THR A 1 9  ? -2.813  -14.395 -2.624  1.00 30.75  ? 206 THR A HG22 1 
ATOM   53   H HG23 . THR A 1 9  ? -3.043  -13.184 -1.637  1.00 30.75  ? 206 THR A HG23 1 
ATOM   54   N N    . VAL A 1 10 ? 0.913   -12.409 -4.435  1.00 26.53  ? 207 VAL A N    1 
ATOM   55   C CA   . VAL A 1 10 ? 1.909   -11.631 -5.160  1.00 26.47  ? 207 VAL A CA   1 
ATOM   56   C C    . VAL A 1 10 ? 1.490   -10.164 -5.225  1.00 23.37  ? 207 VAL A C    1 
ATOM   57   O O    . VAL A 1 10 ? 2.303   -9.275  -4.989  1.00 22.58  ? 207 VAL A O    1 
ATOM   58   C CB   . VAL A 1 10 ? 2.108   -12.176 -6.591  1.00 28.25  ? 207 VAL A CB   1 
ATOM   59   C CG1  . VAL A 1 10 ? 3.036   -11.270 -7.408  1.00 28.30  ? 207 VAL A CG1  1 
ATOM   60   C CG2  . VAL A 1 10 ? 2.661   -13.589 -6.547  1.00 31.97  ? 207 VAL A CG2  1 
ATOM   61   H H    . VAL A 1 10 ? 0.574   -13.056 -4.890  1.00 31.84  ? 207 VAL A H    1 
ATOM   62   H HA   . VAL A 1 10 ? 2.758   -11.684 -4.694  1.00 31.77  ? 207 VAL A HA   1 
ATOM   63   H HB   . VAL A 1 10 ? 1.248   -12.205 -7.039  1.00 33.90  ? 207 VAL A HB   1 
ATOM   64   H HG11 . VAL A 1 10 ? 3.137   -11.642 -8.297  1.00 33.96  ? 207 VAL A HG11 1 
ATOM   65   H HG12 . VAL A 1 10 ? 2.644   -10.384 -7.461  1.00 33.96  ? 207 VAL A HG12 1 
ATOM   66   H HG13 . VAL A 1 10 ? 3.899   -11.225 -6.968  1.00 33.96  ? 207 VAL A HG13 1 
ATOM   67   H HG21 . VAL A 1 10 ? 2.777   -13.911 -7.455  1.00 38.37  ? 207 VAL A HG21 1 
ATOM   68   H HG22 . VAL A 1 10 ? 3.514   -13.580 -6.087  1.00 38.37  ? 207 VAL A HG22 1 
ATOM   69   H HG23 . VAL A 1 10 ? 2.035   -14.158 -6.071  1.00 38.37  ? 207 VAL A HG23 1 
ATOM   70   N N    . ALA A 1 11 ? 0.219   -9.922  -5.530  1.00 22.95  ? 208 ALA A N    1 
ATOM   71   C CA   . ALA A 1 11 ? -0.314  -8.567  -5.623  1.00 20.74  ? 208 ALA A CA   1 
ATOM   72   C C    . ALA A 1 11 ? -0.205  -7.825  -4.295  1.00 21.13  ? 208 ALA A C    1 
ATOM   73   O O    . ALA A 1 11 ? 0.230   -6.673  -4.239  1.00 20.50  ? 208 ALA A O    1 
ATOM   74   C CB   . ALA A 1 11 ? -1.761  -8.608  -6.074  1.00 23.51  ? 208 ALA A CB   1 
ATOM   75   H H    . ALA A 1 11 ? -0.363  -10.535 -5.690  1.00 27.53  ? 208 ALA A H    1 
ATOM   76   H HA   . ALA A 1 11 ? 0.194   -8.072  -6.285  1.00 24.89  ? 208 ALA A HA   1 
ATOM   77   H HB1  . ALA A 1 11 ? -2.099  -7.700  -6.130  1.00 28.21  ? 208 ALA A HB1  1 
ATOM   78   H HB2  . ALA A 1 11 ? -1.808  -9.033  -6.944  1.00 28.21  ? 208 ALA A HB2  1 
ATOM   79   H HB3  . ALA A 1 11 ? -2.277  -9.114  -5.429  1.00 28.21  ? 208 ALA A HB3  1 
ATOM   80   N N    . GLN A 1 12 ? -0.618  -8.492  -3.224  1.00 21.49  ? 209 GLN A N    1 
ATOM   81   C CA   . GLN A 1 12 ? -0.560  -7.900  -1.897  1.00 20.77  ? 209 GLN A CA   1 
ATOM   82   C C    . GLN A 1 12 ? 0.882   -7.596  -1.507  1.00 21.93  ? 209 GLN A C    1 
ATOM   83   O O    . GLN A 1 12 ? 1.171   -6.538  -0.954  1.00 21.59  ? 209 GLN A O    1 
ATOM   84   C CB   . GLN A 1 12 ? -1.217  -8.833  -0.880  1.00 17.76  ? 209 GLN A CB   1 
ATOM   85   C CG   . GLN A 1 12 ? -2.720  -8.932  -1.057  1.00 19.62  ? 209 GLN A CG   1 
ATOM   86   C CD   . GLN A 1 12 ? -3.318  -10.162 -0.402  1.00 17.47  ? 209 GLN A CD   1 
ATOM   87   O OE1  . GLN A 1 12 ? -2.603  -11.026 0.104   1.00 22.63  ? 209 GLN A OE1  1 
ATOM   88   N NE2  . GLN A 1 12 ? -4.637  -10.238 -0.411  1.00 22.68  ? 209 GLN A NE2  1 
ATOM   89   H H    . GLN A 1 12 ? -0.935  -9.292  -3.240  1.00 25.79  ? 209 GLN A H    1 
ATOM   90   H HA   . GLN A 1 12 ? -1.052  -7.065  -1.901  1.00 24.92  ? 209 GLN A HA   1 
ATOM   91   N N    . ASN A 1 13 ? 1.788   -8.516  -1.817  1.00 21.98  ? 210 ASN A N    1 
ATOM   92   C CA   . ASN A 1 13 ? 3.196   -8.319  -1.503  1.00 23.24  ? 210 ASN A CA   1 
ATOM   93   C C    . ASN A 1 13 ? 3.826   -7.201  -2.326  1.00 25.26  ? 210 ASN A C    1 
ATOM   94   O O    . ASN A 1 13 ? 4.693   -6.483  -1.832  1.00 25.32  ? 210 ASN A O    1 
ATOM   95   C CB   . ASN A 1 13 ? 3.985   -9.616  -1.687  1.00 25.19  ? 210 ASN A CB   1 
ATOM   96   C CG   . ASN A 1 13 ? 4.086   -10.426 -0.408  1.00 41.66  ? 210 ASN A CG   1 
ATOM   97   O OD1  . ASN A 1 13 ? 4.289   -9.880  0.677   1.00 34.25  ? 210 ASN A OD1  1 
ATOM   98   N ND2  . ASN A 1 13 ? 3.950   -11.741 -0.533  1.00 35.25  ? 210 ASN A ND2  1 
ATOM   99   H H    . ASN A 1 13 ? 1.613   -9.263  -2.207  1.00 26.37  ? 210 ASN A H    1 
ATOM   100  H HA   . ASN A 1 13 ? 3.268   -8.066  -0.569  1.00 27.88  ? 210 ASN A HA   1 
ATOM   101  N N    . GLN A 1 14 ? 3.394   -7.051  -3.575  1.00 22.74  ? 211 GLN A N    1 
ATOM   102  C CA   . GLN A 1 14 ? 3.911   -5.986  -4.428  1.00 23.66  ? 211 GLN A CA   1 
ATOM   103  C C    . GLN A 1 14 ? 3.616   -4.630  -3.808  1.00 24.46  ? 211 GLN A C    1 
ATOM   104  O O    . GLN A 1 14 ? 4.474   -3.751  -3.766  1.00 25.46  ? 211 GLN A O    1 
ATOM   105  C CB   . GLN A 1 14 ? 3.292   -6.053  -5.824  1.00 27.77  ? 211 GLN A CB   1 
ATOM   106  C CG   . GLN A 1 14 ? 4.005   -6.994  -6.780  1.00 32.37  ? 211 GLN A CG   1 
ATOM   107  C CD   . GLN A 1 14 ? 3.684   -6.695  -8.229  1.00 37.38  ? 211 GLN A CD   1 
ATOM   108  O OE1  . GLN A 1 14 ? 2.549   -6.854  -8.672  1.00 37.26  ? 211 GLN A OE1  1 
ATOM   109  N NE2  . GLN A 1 14 ? 4.687   -6.244  -8.975  1.00 44.22  ? 211 GLN A NE2  1 
ATOM   110  H H    . GLN A 1 14 ? 2.805   -7.551  -3.951  1.00 27.29  ? 211 GLN A H    1 
ATOM   111  H HA   . GLN A 1 14 ? 4.872   -6.080  -4.514  1.00 28.39  ? 211 GLN A HA   1 
ATOM   112  H HB2  . GLN A 1 14 ? 2.374   -6.354  -5.743  1.00 33.33  ? 211 GLN A HB2  1 
ATOM   113  H HB3  . GLN A 1 14 ? 3.312   -5.165  -6.215  1.00 33.33  ? 211 GLN A HB3  1 
ATOM   114  H HG2  . GLN A 1 14 ? 4.963   -6.905  -6.657  1.00 38.85  ? 211 GLN A HG2  1 
ATOM   115  H HG3  . GLN A 1 14 ? 3.728   -7.905  -6.592  1.00 38.85  ? 211 GLN A HG3  1 
ATOM   116  H HE21 . GLN A 1 14 ? 5.467   -6.137  -8.629  1.00 53.07  ? 211 GLN A HE21 1 
ATOM   117  H HE22 . GLN A 1 14 ? 4.556   -6.059  -9.805  1.00 53.07  ? 211 GLN A HE22 1 
ATOM   118  N N    . VAL A 1 15 ? 2.388   -4.469  -3.329  1.00 22.61  ? 212 VAL A N    1 
ATOM   119  C CA   . VAL A 1 15 ? 1.962   -3.222  -2.712  1.00 21.85  ? 212 VAL A CA   1 
ATOM   120  C C    . VAL A 1 15 ? 2.654   -3.021  -1.366  1.00 22.24  ? 212 VAL A C    1 
ATOM   121  O O    . VAL A 1 15 ? 3.155   -1.939  -1.076  1.00 22.01  ? 212 VAL A O    1 
ATOM   122  C CB   . VAL A 1 15 ? 0.426   -3.195  -2.534  1.00 21.62  ? 212 VAL A CB   1 
ATOM   123  C CG1  . VAL A 1 15 ? -0.019  -1.973  -1.740  1.00 20.67  ? 212 VAL A CG1  1 
ATOM   124  C CG2  . VAL A 1 15 ? -0.255  -3.218  -3.891  1.00 20.43  ? 212 VAL A CG2  1 
ATOM   125  H H    . VAL A 1 15 ? 1.778   -5.075  -3.350  1.00 27.13  ? 212 VAL A H    1 
ATOM   126  H HA   . VAL A 1 15 ? 2.210   -2.483  -3.289  1.00 26.21  ? 212 VAL A HA   1 
ATOM   127  H HB   . VAL A 1 15 ? 0.150   -3.987  -2.046  1.00 25.94  ? 212 VAL A HB   1 
ATOM   128  H HG11 . VAL A 1 15 ? -0.984  -1.991  -1.650  1.00 24.81  ? 212 VAL A HG11 1 
ATOM   129  H HG12 . VAL A 1 15 ? 0.397   -1.997  -0.865  1.00 24.81  ? 212 VAL A HG12 1 
ATOM   130  H HG13 . VAL A 1 15 ? 0.255   -1.173  -2.215  1.00 24.81  ? 212 VAL A HG13 1 
ATOM   131  H HG21 . VAL A 1 15 ? -1.216  -3.201  -3.763  1.00 24.51  ? 212 VAL A HG21 1 
ATOM   132  H HG22 . VAL A 1 15 ? 0.026   -2.440  -4.398  1.00 24.51  ? 212 VAL A HG22 1 
ATOM   133  H HG23 . VAL A 1 15 ? 0.002   -4.028  -4.359  1.00 24.51  ? 212 VAL A HG23 1 
ATOM   134  N N    . LEU A 1 16 ? 2.685   -4.068  -0.549  1.00 20.81  ? 213 LEU A N    1 
ATOM   135  C CA   . LEU A 1 16 ? 3.292   -3.971  0.771   1.00 21.37  ? 213 LEU A CA   1 
ATOM   136  C C    . LEU A 1 16 ? 4.785   -3.675  0.676   1.00 21.79  ? 213 LEU A C    1 
ATOM   137  O O    . LEU A 1 16 ? 5.304   -2.857  1.433   1.00 23.05  ? 213 LEU A O    1 
ATOM   138  C CB   . LEU A 1 16 ? 3.056   -5.252  1.572   1.00 21.74  ? 213 LEU A CB   1 
ATOM   139  C CG   . LEU A 1 16 ? 3.628   -5.276  2.992   1.00 22.85  ? 213 LEU A CG   1 
ATOM   140  C CD1  . LEU A 1 16 ? 3.149   -4.090  3.814   1.00 25.19  ? 213 LEU A CD1  1 
ATOM   141  C CD2  . LEU A 1 16 ? 3.263   -6.581  3.681   1.00 24.31  ? 213 LEU A CD2  1 
ATOM   142  H H    . LEU A 1 16 ? 2.362   -4.843  -0.734  1.00 24.97  ? 213 LEU A H    1 
ATOM   143  H HA   . LEU A 1 16 ? 2.875   -3.240  1.253   1.00 25.64  ? 213 LEU A HA   1 
ATOM   144  H HB2  . LEU A 1 16 ? 2.099   -5.394  1.643   1.00 26.09  ? 213 LEU A HB2  1 
ATOM   145  H HB3  . LEU A 1 16 ? 3.456   -5.990  1.087   1.00 26.09  ? 213 LEU A HB3  1 
ATOM   146  H HG   . LEU A 1 16 ? 4.596   -5.230  2.941   1.00 27.42  ? 213 LEU A HG   1 
ATOM   147  H HD11 . LEU A 1 16 ? 3.534   -4.146  4.703   1.00 30.23  ? 213 LEU A HD11 1 
ATOM   148  H HD12 . LEU A 1 16 ? 3.434   -3.271  3.381   1.00 30.23  ? 213 LEU A HD12 1 
ATOM   149  H HD13 . LEU A 1 16 ? 2.180   -4.116  3.870   1.00 30.23  ? 213 LEU A HD13 1 
ATOM   150  H HD21 . LEU A 1 16 ? 3.633   -6.578  4.578   1.00 29.17  ? 213 LEU A HD21 1 
ATOM   151  H HD22 . LEU A 1 16 ? 2.297   -6.656  3.721   1.00 29.17  ? 213 LEU A HD22 1 
ATOM   152  H HD23 . LEU A 1 16 ? 3.632   -7.320  3.172   1.00 29.17  ? 213 LEU A HD23 1 
ATOM   153  N N    . ASN A 1 17 ? 5.470   -4.329  -0.258  1.00 23.18  ? 214 ASN A N    1 
ATOM   154  C CA   . ASN A 1 17 ? 6.905   -4.117  -0.436  1.00 23.76  ? 214 ASN A CA   1 
ATOM   155  C C    . ASN A 1 17 ? 7.235   -2.674  -0.794  1.00 24.67  ? 214 ASN A C    1 
ATOM   156  O O    . ASN A 1 17 ? 8.223   -2.125  -0.313  1.00 28.19  ? 214 ASN A O    1 
ATOM   157  C CB   . ASN A 1 17 ? 7.467   -5.051  -1.508  1.00 26.85  ? 214 ASN A CB   1 
ATOM   158  C CG   . ASN A 1 17 ? 7.632   -6.476  -1.016  1.00 33.33  ? 214 ASN A CG   1 
ATOM   159  O OD1  . ASN A 1 17 ? 7.783   -6.724  0.181   1.00 35.75  ? 214 ASN A OD1  1 
ATOM   160  N ND2  . ASN A 1 17 ? 7.615   -7.424  -1.944  1.00 37.20  ? 214 ASN A ND2  1 
ATOM   161  H H    . ASN A 1 17 ? 5.129   -4.901  -0.802  1.00 27.81  ? 214 ASN A H    1 
ATOM   162  H HA   . ASN A 1 17 ? 7.353   -4.322  0.399   1.00 28.51  ? 214 ASN A HA   1 
ATOM   163  H HB2  . ASN A 1 17 ? 6.862   -5.063  -2.265  1.00 32.22  ? 214 ASN A HB2  1 
ATOM   164  H HB3  . ASN A 1 17 ? 8.339   -4.727  -1.783  1.00 32.22  ? 214 ASN A HB3  1 
ATOM   165  H HD21 . ASN A 1 17 ? 7.704   -8.248  -1.719  1.00 44.64  ? 214 ASN A HD21 1 
ATOM   166  H HD22 . ASN A 1 17 ? 7.515   -7.213  -2.773  1.00 44.64  ? 214 ASN A HD22 1 
ATOM   167  N N    . LEU A 1 18 ? 6.413   -2.064  -1.642  1.00 24.21  ? 215 LEU A N    1 
ATOM   168  C CA   . LEU A 1 18 ? 6.636   -0.673  -2.029  1.00 23.53  ? 215 LEU A CA   1 
ATOM   169  C C    . LEU A 1 18 ? 6.454   0.260   -0.841  1.00 23.79  ? 215 LEU A C    1 
ATOM   170  O O    . LEU A 1 18 ? 7.252   1.168   -0.630  1.00 27.22  ? 215 LEU A O    1 
ATOM   171  C CB   . LEU A 1 18 ? 5.682   -0.262  -3.150  1.00 27.93  ? 215 LEU A CB   1 
ATOM   172  C CG   . LEU A 1 18 ? 6.054   -0.670  -4.577  1.00 33.77  ? 215 LEU A CG   1 
ATOM   173  C CD1  . LEU A 1 18 ? 5.010   -0.144  -5.545  1.00 35.87  ? 215 LEU A CD1  1 
ATOM   174  C CD2  . LEU A 1 18 ? 7.438   -0.169  -4.972  1.00 37.77  ? 215 LEU A CD2  1 
ATOM   175  H H    . LEU A 1 18 ? 5.724   -2.428  -2.005  1.00 29.05  ? 215 LEU A H    1 
ATOM   176  H HA   . LEU A 1 18 ? 7.544   -0.575  -2.354  1.00 28.24  ? 215 LEU A HA   1 
ATOM   177  H HB2  . LEU A 1 18 ? 4.813   -0.649  -2.962  1.00 33.52  ? 215 LEU A HB2  1 
ATOM   178  H HB3  . LEU A 1 18 ? 5.609   0.705   -3.142  1.00 33.52  ? 215 LEU A HB3  1 
ATOM   179  H HG   . LEU A 1 18 ? 6.058   -1.639  -4.638  1.00 40.53  ? 215 LEU A HG   1 
ATOM   180  H HD11 . LEU A 1 18 ? 5.254   -0.408  -6.446  1.00 43.05  ? 215 LEU A HD11 1 
ATOM   181  H HD12 . LEU A 1 18 ? 4.146   -0.520  -5.312  1.00 43.05  ? 215 LEU A HD12 1 
ATOM   182  H HD13 . LEU A 1 18 ? 4.979   0.823   -5.480  1.00 43.05  ? 215 LEU A HD13 1 
ATOM   183  H HD21 . LEU A 1 18 ? 7.629   -0.451  -5.880  1.00 45.32  ? 215 LEU A HD21 1 
ATOM   184  H HD22 . LEU A 1 18 ? 7.451   0.799   -4.916  1.00 45.32  ? 215 LEU A HD22 1 
ATOM   185  H HD23 . LEU A 1 18 ? 8.095   -0.544  -4.363  1.00 45.32  ? 215 LEU A HD23 1 
ATOM   186  N N    . ILE A 1 19 ? 5.402   0.026   -0.065  1.00 23.16  ? 216 ILE A N    1 
ATOM   187  C CA   . ILE A 1 19 ? 5.122   0.844   1.106   1.00 23.80  ? 216 ILE A CA   1 
ATOM   188  C C    . ILE A 1 19 ? 6.231   0.672   2.144   1.00 27.64  ? 216 ILE A C    1 
ATOM   189  O O    . ILE A 1 19 ? 6.672   1.642   2.757   1.00 31.04  ? 216 ILE A O    1 
ATOM   190  C CB   . ILE A 1 19 ? 3.737   0.492   1.689   1.00 22.44  ? 216 ILE A CB   1 
ATOM   191  C CG1  . ILE A 1 19 ? 2.648   0.904   0.696   1.00 21.55  ? 216 ILE A CG1  1 
ATOM   192  C CG2  . ILE A 1 19 ? 3.511   1.184   3.026   1.00 23.84  ? 216 ILE A CG2  1 
ATOM   193  C CD1  . ILE A 1 19 ? 1.264   0.378   1.017   1.00 22.37  ? 216 ILE A CD1  1 
ATOM   194  H H    . ILE A 1 19 ? 4.832   -0.603  -0.197  1.00 27.79  ? 216 ILE A H    1 
ATOM   195  H HA   . ILE A 1 19 ? 5.104   1.776   0.841   1.00 28.56  ? 216 ILE A HA   1 
ATOM   196  H HB   . ILE A 1 19 ? 3.690   -0.468  1.823   1.00 26.93  ? 216 ILE A HB   1 
ATOM   197  H HG12 . ILE A 1 19 ? 2.597   1.873   0.678   1.00 25.86  ? 216 ILE A HG12 1 
ATOM   198  H HG13 . ILE A 1 19 ? 2.890   0.575   -0.184  1.00 25.86  ? 216 ILE A HG13 1 
ATOM   199  H HG21 . ILE A 1 19 ? 2.634   0.941   3.362   1.00 28.61  ? 216 ILE A HG21 1 
ATOM   200  H HG22 . ILE A 1 19 ? 4.197   0.897   3.649   1.00 28.61  ? 216 ILE A HG22 1 
ATOM   201  H HG23 . ILE A 1 19 ? 3.562   2.144   2.896   1.00 28.61  ? 216 ILE A HG23 1 
ATOM   202  H HD11 . ILE A 1 19 ? 0.643   0.688   0.339   1.00 26.84  ? 216 ILE A HD11 1 
ATOM   203  H HD12 . ILE A 1 19 ? 1.289   -0.591  1.026   1.00 26.84  ? 216 ILE A HD12 1 
ATOM   204  H HD13 . ILE A 1 19 ? 0.995   0.710   1.889   1.00 26.84  ? 216 ILE A HD13 1 
ATOM   205  N N    . LYS A 1 20 ? 6.685   -0.564  2.323   1.00 27.09  ? 217 LYS A N    1 
ATOM   206  C CA   . LYS A 1 20 ? 7.795   -0.857  3.226   1.00 30.17  ? 217 LYS A CA   1 
ATOM   207  C C    . LYS A 1 20 ? 9.085   -0.189  2.763   1.00 31.68  ? 217 LYS A C    1 
ATOM   208  O O    . LYS A 1 20 ? 9.879   0.275   3.578   1.00 35.00  ? 217 LYS A O    1 
ATOM   209  C CB   . LYS A 1 20 ? 8.033   -2.365  3.300   1.00 33.81  ? 217 LYS A CB   1 
ATOM   210  C CG   . LYS A 1 20 ? 7.228   -3.090  4.359   1.00 39.60  ? 217 LYS A CG   1 
ATOM   211  C CD   . LYS A 1 20 ? 7.432   -4.593  4.247   1.00 45.48  ? 217 LYS A CD   1 
ATOM   212  C CE   . LYS A 1 20 ? 7.191   -5.293  5.571   1.00 50.25  ? 217 LYS A CE   1 
ATOM   213  N NZ   . LYS A 1 20 ? 7.397   -6.766  5.461   1.00 52.63  ? 217 LYS A NZ   1 
ATOM   214  H H    . LYS A 1 20 ? 6.365   -1.258  1.929   1.00 32.51  ? 217 LYS A H    1 
ATOM   215  H HA   . LYS A 1 20 ? 7.583   -0.534  4.114   1.00 36.20  ? 217 LYS A HA   1 
ATOM   216  H HB2  . LYS A 1 20 ? 7.806   -2.755  2.442   1.00 40.57  ? 217 LYS A HB2  1 
ATOM   217  H HB3  . LYS A 1 20 ? 8.971   -2.520  3.489   1.00 40.57  ? 217 LYS A HB3  1 
ATOM   218  H HG2  . LYS A 1 20 ? 7.521   -2.805  5.239   1.00 47.52  ? 217 LYS A HG2  1 
ATOM   219  H HG3  . LYS A 1 20 ? 6.285   -2.898  4.236   1.00 47.52  ? 217 LYS A HG3  1 
ATOM   220  H HD2  . LYS A 1 20 ? 6.808   -4.952  3.595   1.00 54.58  ? 217 LYS A HD2  1 
ATOM   221  H HD3  . LYS A 1 20 ? 8.344   -4.772  3.970   1.00 54.58  ? 217 LYS A HD3  1 
ATOM   222  H HE2  . LYS A 1 20 ? 7.812   -4.949  6.232   1.00 60.31  ? 217 LYS A HE2  1 
ATOM   223  H HE3  . LYS A 1 20 ? 6.278   -5.135  5.855   1.00 60.31  ? 217 LYS A HE3  1 
ATOM   224  H HZ1  . LYS A 1 20 ? 7.250   -7.154  6.248   1.00 63.16  ? 217 LYS A HZ1  1 
ATOM   225  H HZ2  . LYS A 1 20 ? 6.833   -7.108  4.862   1.00 63.16  ? 217 LYS A HZ2  1 
ATOM   226  H HZ3  . LYS A 1 20 ? 8.231   -6.939  5.205   1.00 63.16  ? 217 LYS A HZ3  1 
ATOM   227  N N    . ALA A 1 21 ? 9.286   -0.154  1.449   1.00 33.70  ? 218 ALA A N    1 
ATOM   228  C CA   . ALA A 1 21 ? 10.535  0.331   0.873   1.00 34.30  ? 218 ALA A CA   1 
ATOM   229  C C    . ALA A 1 21 ? 10.641  1.851   0.892   1.00 34.15  ? 218 ALA A C    1 
ATOM   230  O O    . ALA A 1 21 ? 11.690  2.402   0.569   1.00 36.79  ? 218 ALA A O    1 
ATOM   231  C CB   . ALA A 1 21 ? 10.684  -0.181  -0.549  1.00 37.51  ? 218 ALA A CB   1 
ATOM   232  H H    . ALA A 1 21 ? 8.709   -0.407  0.866   1.00 40.44  ? 218 ALA A H    1 
ATOM   233  H HA   . ALA A 1 21 ? 11.274  -0.022  1.391   1.00 41.16  ? 218 ALA A HA   1 
ATOM   234  H HB1  . ALA A 1 21 ? 11.519  0.150   -0.917  1.00 45.01  ? 218 ALA A HB1  1 
ATOM   235  H HB2  . ALA A 1 21 ? 10.690  -1.150  -0.536  1.00 45.01  ? 218 ALA A HB2  1 
ATOM   236  H HB3  . ALA A 1 21 ? 9.938   0.140   -1.079  1.00 45.01  ? 218 ALA A HB3  1 
HETATM 237  N N    . SCH A 1 22 ? 9.553   2.521   1.262   0.93 32.19  ? 219 SCH A N    1 
HETATM 238  C CA   . SCH A 1 22 ? 9.528   3.961   1.353   1.00 31.91  ? 219 SCH A CA   1 
HETATM 239  C CB   . SCH A 1 22 ? 8.216   4.582   0.872   1.00 30.75  ? 219 SCH A CB   1 
HETATM 240  S SG   . SCH A 1 22 ? 8.250   6.341   0.859   0.78 30.38  ? 219 SCH A SG   1 
HETATM 241  S SD   . SCH A 1 22 ? 9.837   6.912   -0.404  0.46 35.60  ? 219 SCH A SD   1 
HETATM 242  C CE   . SCH A 1 22 ? 9.092   7.353   -1.925  1.00 39.38  ? 219 SCH A CE   1 
HETATM 243  C C    . SCH A 1 22 ? 9.752   4.470   2.781   1.00 30.19  ? 219 SCH A C    1 
HETATM 244  O O    . SCH A 1 22 ? 8.898   4.311   3.656   0.64 29.07  ? 219 SCH A O    1 
HETATM 245  H HA   . SCH A 1 22 ? 10.379  4.371   0.723   1.00 38.29  ? 219 SCH A HA   1 
HETATM 246  H HB2  . SCH A 1 22 ? 7.342   4.181   1.439   1.00 36.90  ? 219 SCH A HB2  1 
HETATM 247  H HB3  . SCH A 1 22 ? 8.082   4.319   -0.213  1.00 36.90  ? 219 SCH A HB3  1 
HETATM 248  H HE1  . SCH A 1 22 ? 8.252   8.071   -1.798  1.00 47.25  ? 219 SCH A HE1  1 
HETATM 249  H HE2  . SCH A 1 22 ? 8.727   6.474   -2.499  1.00 47.25  ? 219 SCH A HE2  1 
HETATM 250  H HE3  . SCH A 1 22 ? 9.909   7.850   -2.505  1.00 47.25  ? 219 SCH A HE3  1 
ATOM   251  N N    . PRO A 1 23 ? 10.918  5.094   3.039   1.00 32.75  ? 220 PRO A N    1 
ATOM   252  C CA   . PRO A 1 23 ? 11.183  5.573   4.401   1.00 33.14  ? 220 PRO A CA   1 
ATOM   253  C C    . PRO A 1 23 ? 10.776  7.023   4.632   1.00 31.97  ? 220 PRO A C    1 
ATOM   254  O O    . PRO A 1 23 ? 10.971  7.545   5.733   1.00 35.32  ? 220 PRO A O    1 
ATOM   255  C CB   . PRO A 1 23 ? 12.699  5.440   4.515   1.00 35.69  ? 220 PRO A CB   1 
ATOM   256  C CG   . PRO A 1 23 ? 13.186  5.701   3.141   1.00 35.81  ? 220 PRO A CG   1 
ATOM   257  C CD   . PRO A 1 23 ? 12.114  5.222   2.187   1.00 34.72  ? 220 PRO A CD   1 
ATOM   258  H HA   . PRO A 1 23 ? 10.753  5.003   5.057   1.00 39.77  ? 220 PRO A HA   1 
ATOM   259  H HB2  . PRO A 1 23 ? 13.043  6.101   5.136   1.00 42.82  ? 220 PRO A HB2  1 
ATOM   260  H HB3  . PRO A 1 23 ? 12.931  4.542   4.801   1.00 42.82  ? 220 PRO A HB3  1 
ATOM   261  H HG2  . PRO A 1 23 ? 13.337  6.652   3.030   1.00 42.97  ? 220 PRO A HG2  1 
ATOM   262  H HG3  . PRO A 1 23 ? 14.011  5.210   2.995   1.00 42.97  ? 220 PRO A HG3  1 
ATOM   263  H HD2  . PRO A 1 23 ? 11.964  5.881   1.492   1.00 41.66  ? 220 PRO A HD2  1 
ATOM   264  H HD3  . PRO A 1 23 ? 12.356  4.360   1.813   1.00 41.66  ? 220 PRO A HD3  1 
ATOM   265  N N    . ARG A 1 24 ? 10.223  7.669   3.614   1.00 29.50  ? 221 ARG A N    1 
ATOM   266  C CA   . ARG A 1 24 ? 9.825   9.061   3.752   1.00 27.83  ? 221 ARG A CA   1 
ATOM   267  C C    . ARG A 1 24 ? 8.737   9.207   4.813   1.00 29.00  ? 221 ARG A C    1 
ATOM   268  O O    . ARG A 1 24 ? 7.872   8.347   4.940   1.00 31.99  ? 221 ARG A O    1 
ATOM   269  C CB   . ARG A 1 24 ? 9.368   9.626   2.410   1.00 25.73  ? 221 ARG A CB   1 
ATOM   270  C CG   . ARG A 1 24 ? 10.526  9.906   1.450   1.00 27.53  ? 221 ARG A CG   1 
ATOM   271  C CD   . ARG A 1 24 ? 10.150  10.897  0.359   1.00 28.55  ? 221 ARG A CD   1 
ATOM   272  N NE   . ARG A 1 24 ? 9.554   12.090  0.940   1.00 26.61  ? 221 ARG A NE   1 
ATOM   273  C CZ   . ARG A 1 24 ? 10.238  13.067  1.525   1.00 27.48  ? 221 ARG A CZ   1 
ATOM   274  N NH1  . ARG A 1 24 ? 11.564  13.030  1.577   1.00 26.58  ? 221 ARG A NH1  1 
ATOM   275  N NH2  . ARG A 1 24 ? 9.587   14.094  2.048   1.00 28.96  ? 221 ARG A NH2  1 
ATOM   276  H H    . ARG A 1 24 ? 10.070  7.327   2.840   1.00 35.40  ? 221 ARG A H    1 
ATOM   277  H HA   . ARG A 1 24 ? 10.593  9.577   4.044   1.00 33.39  ? 221 ARG A HA   1 
ATOM   278  H HB2  . ARG A 1 24 ? 8.776   8.985   1.986   1.00 30.88  ? 221 ARG A HB2  1 
ATOM   279  H HB3  . ARG A 1 24 ? 8.898   10.460  2.564   1.00 30.88  ? 221 ARG A HB3  1 
ATOM   280  H HG2  . ARG A 1 24 ? 11.270  10.276  1.950   1.00 33.04  ? 221 ARG A HG2  1 
ATOM   281  H HG3  . ARG A 1 24 ? 10.792  9.076   1.024   1.00 33.04  ? 221 ARG A HG3  1 
ATOM   282  H HD2  . ARG A 1 24 ? 10.947  11.158  -0.128  1.00 34.26  ? 221 ARG A HD2  1 
ATOM   283  H HD3  . ARG A 1 24 ? 9.505   10.491  -0.239  1.00 34.26  ? 221 ARG A HD3  1 
ATOM   284  H HE   . ARG A 1 24 ? 8.698   12.169  0.902   1.00 31.94  ? 221 ARG A HE   1 
ATOM   285  H HH11 . ARG A 1 24 ? 11.989  12.360  1.245   1.00 31.90  ? 221 ARG A HH11 1 
ATOM   286  H HH12 . ARG A 1 24 ? 11.998  13.670  1.952   1.00 31.90  ? 221 ARG A HH12 1 
ATOM   287  H HH21 . ARG A 1 24 ? 8.728   14.125  2.005   1.00 34.75  ? 221 ARG A HH21 1 
ATOM   288  H HH22 . ARG A 1 24 ? 10.024  14.738  2.413   1.00 34.75  ? 221 ARG A HH22 1 
ATOM   289  N N    . PRO A 1 25 ? 8.779   10.301  5.588   1.00 28.68  ? 222 PRO A N    1 
ATOM   290  C CA   . PRO A 1 25 ? 7.858   10.409  6.725   1.00 32.03  ? 222 PRO A CA   1 
ATOM   291  C C    . PRO A 1 25 ? 6.388   10.485  6.328   1.00 33.05  ? 222 PRO A C    1 
ATOM   292  O O    . PRO A 1 25 ? 5.539   10.075  7.118   1.00 38.54  ? 222 PRO A O    1 
ATOM   293  C CB   . PRO A 1 25 ? 8.296   11.705  7.413   1.00 33.36  ? 222 PRO A CB   1 
ATOM   294  C CG   . PRO A 1 25 ? 8.976   12.495  6.361   1.00 30.20  ? 222 PRO A CG   1 
ATOM   295  C CD   . PRO A 1 25 ? 9.629   11.496  5.450   1.00 28.92  ? 222 PRO A CD   1 
ATOM   296  H HA   . PRO A 1 25 ? 7.987   9.665   7.333   1.00 38.44  ? 222 PRO A HA   1 
ATOM   297  H HB2  . PRO A 1 25 ? 7.517   12.178  7.746   1.00 40.03  ? 222 PRO A HB2  1 
ATOM   298  H HB3  . PRO A 1 25 ? 8.908   11.500  8.137   1.00 40.03  ? 222 PRO A HB3  1 
ATOM   299  H HG2  . PRO A 1 25 ? 8.321   13.020  5.876   1.00 36.24  ? 222 PRO A HG2  1 
ATOM   300  H HG3  . PRO A 1 25 ? 9.642   13.071  6.767   1.00 36.24  ? 222 PRO A HG3  1 
ATOM   301  H HD2  . PRO A 1 25 ? 9.616   11.815  4.534   1.00 34.70  ? 222 PRO A HD2  1 
ATOM   302  H HD3  . PRO A 1 25 ? 10.532  11.305  5.748   1.00 34.70  ? 222 PRO A HD3  1 
ATOM   303  N N    . GLU A 1 26 ? 6.088   10.986  5.134   1.00 33.17  ? 223 GLU A N    1 
ATOM   304  C CA   . GLU A 1 26 ? 4.696   11.128  4.722   1.00 34.09  ? 223 GLU A CA   1 
ATOM   305  C C    . GLU A 1 26 ? 4.131   9.840   4.125   1.00 34.14  ? 223 GLU A C    1 
ATOM   306  O O    . GLU A 1 26 ? 2.922   9.709   3.983   1.00 38.35  ? 223 GLU A O    1 
ATOM   307  C CB   . GLU A 1 26 ? 4.514   12.303  3.749   1.00 31.16  ? 223 GLU A CB   1 
ATOM   308  C CG   . GLU A 1 26 ? 5.023   12.087  2.325   1.00 29.16  ? 223 GLU A CG   1 
ATOM   309  C CD   . GLU A 1 26 ? 6.500   12.381  2.148   1.00 28.08  ? 223 GLU A CD   1 
ATOM   310  O OE1  . GLU A 1 26 ? 7.185   12.703  3.142   1.00 30.54  ? 223 GLU A OE1  1 
ATOM   311  O OE2  . GLU A 1 26 ? 6.976   12.289  0.995   1.00 30.53  ? 223 GLU A OE2  1 
ATOM   312  H H    . GLU A 1 26 ? 6.663   11.249  4.551   1.00 39.80  ? 223 GLU A H    1 
ATOM   313  H HA   . GLU A 1 26 ? 4.170   11.328  5.512   1.00 40.91  ? 223 GLU A HA   1 
ATOM   314  H HB2  . GLU A 1 26 ? 3.566   12.503  3.689   1.00 37.39  ? 223 GLU A HB2  1 
ATOM   315  H HB3  . GLU A 1 26 ? 4.983   13.071  4.109   1.00 37.39  ? 223 GLU A HB3  1 
ATOM   316  H HG2  . GLU A 1 26 ? 4.874   11.160  2.076   1.00 34.99  ? 223 GLU A HG2  1 
ATOM   317  H HG3  . GLU A 1 26 ? 4.531   12.670  1.725   1.00 34.99  ? 223 GLU A HG3  1 
ATOM   318  N N    . GLY A 1 27 ? 5.004   8.901   3.774   1.00 32.56  ? 224 GLY A N    1 
ATOM   319  C CA   . GLY A 1 27 ? 4.573   7.640   3.192   1.00 30.92  ? 224 GLY A CA   1 
ATOM   320  C C    . GLY A 1 27 ? 4.209   7.773   1.724   1.00 32.10  ? 224 GLY A C    1 
ATOM   321  O O    . GLY A 1 27 ? 4.549   8.770   1.088   1.00 34.01  ? 224 GLY A O    1 
ATOM   322  H H    . GLY A 1 27 ? 5.856   8.972   3.864   1.00 39.07  ? 224 GLY A H    1 
ATOM   323  H HA2  . GLY A 1 27 ? 5.284   6.986   3.274   1.00 37.11  ? 224 GLY A HA2  1 
ATOM   324  H HA3  . GLY A 1 27 ? 3.796   7.311   3.672   1.00 37.11  ? 224 GLY A HA3  1 
ATOM   325  N N    . LEU A 1 28 ? 3.522   6.766   1.191   1.00 28.13  ? 225 LEU A N    1 
ATOM   326  C CA   . LEU A 1 28 ? 3.092   6.759   -0.205  1.00 29.07  ? 225 LEU A CA   1 
ATOM   327  C C    . LEU A 1 28 ? 1.586   6.943   -0.312  1.00 28.11  ? 225 LEU A C    1 
ATOM   328  O O    . LEU A 1 28 ? 0.831   6.352   0.460   1.00 30.65  ? 225 LEU A O    1 
ATOM   329  C CB   . LEU A 1 28 ? 3.463   5.429   -0.868  1.00 29.09  ? 225 LEU A CB   1 
ATOM   330  C CG   . LEU A 1 28 ? 4.943   5.060   -0.960  1.00 31.68  ? 225 LEU A CG   1 
ATOM   331  C CD1  . LEU A 1 28 ? 5.095   3.687   -1.603  1.00 31.48  ? 225 LEU A CD1  1 
ATOM   332  C CD2  . LEU A 1 28 ? 5.718   6.107   -1.743  1.00 32.31  ? 225 LEU A CD2  1 
ATOM   333  H H    . LEU A 1 28 ? 3.287   6.063   1.627   1.00 33.75  ? 225 LEU A H    1 
ATOM   334  H HA   . LEU A 1 28 ? 3.529   7.479   -0.685  1.00 34.89  ? 225 LEU A HA   1 
ATOM   335  H HB2  . LEU A 1 28 ? 3.026   4.718   -0.374  1.00 34.90  ? 225 LEU A HB2  1 
ATOM   336  H HB3  . LEU A 1 28 ? 3.119   5.443   -1.775  1.00 34.90  ? 225 LEU A HB3  1 
ATOM   337  H HG   . LEU A 1 28 ? 5.316   5.017   -0.065  1.00 38.01  ? 225 LEU A HG   1 
ATOM   338  H HD11 . LEU A 1 28 ? 6.038   3.465   -1.654  1.00 37.78  ? 225 LEU A HD11 1 
ATOM   339  H HD12 . LEU A 1 28 ? 4.630   3.032   -1.059  1.00 37.78  ? 225 LEU A HD12 1 
ATOM   340  H HD13 . LEU A 1 28 ? 4.710   3.712   -2.492  1.00 37.78  ? 225 LEU A HD13 1 
ATOM   341  H HD21 . LEU A 1 28 ? 6.651   5.845   -1.782  1.00 38.78  ? 225 LEU A HD21 1 
ATOM   342  H HD22 . LEU A 1 28 ? 5.351   6.165   -2.639  1.00 38.78  ? 225 LEU A HD22 1 
ATOM   343  H HD23 . LEU A 1 28 ? 5.633   6.962   -1.293  1.00 38.78  ? 225 LEU A HD23 1 
ATOM   344  N N    . ASN A 1 29 ? 1.153   7.761   -1.270  1.00 29.38  ? 226 ASN A N    1 
ATOM   345  C CA   . ASN A 1 29 ? -0.273  7.916   -1.547  1.00 31.11  ? 226 ASN A CA   1 
ATOM   346  C C    . ASN A 1 29 ? -0.687  6.985   -2.683  1.00 27.53  ? 226 ASN A C    1 
ATOM   347  O O    . ASN A 1 29 ? 0.151   6.285   -3.253  1.00 27.61  ? 226 ASN A O    1 
ATOM   348  C CB   . ASN A 1 29 ? -0.627  9.377   -1.855  1.00 33.94  ? 226 ASN A CB   1 
ATOM   349  C CG   . ASN A 1 29 ? 0.162   9.949   -3.020  1.00 36.38  ? 226 ASN A CG   1 
ATOM   350  O OD1  . ASN A 1 29 ? 0.464   9.256   -3.988  1.00 38.14  ? 226 ASN A OD1  1 
ATOM   351  N ND2  . ASN A 1 29 ? 0.496   11.230  -2.928  1.00 39.75  ? 226 ASN A ND2  1 
ATOM   352  H H    . ASN A 1 29 ? 1.664   8.236   -1.773  1.00 35.26  ? 226 ASN A H    1 
ATOM   353  H HA   . ASN A 1 29 ? -0.771  7.656   -0.758  1.00 37.33  ? 226 ASN A HA   1 
ATOM   354  H HB2  . ASN A 1 29 ? -1.570  9.432   -2.079  1.00 40.73  ? 226 ASN A HB2  1 
ATOM   355  H HB3  . ASN A 1 29 ? -0.440  9.919   -1.073  1.00 40.73  ? 226 ASN A HB3  1 
ATOM   356  H HD21 . ASN A 1 29 ? 0.943   11.605  -3.560  1.00 47.70  ? 226 ASN A HD21 1 
ATOM   357  H HD22 . ASN A 1 29 ? 0.265   11.687  -2.237  1.00 47.70  ? 226 ASN A HD22 1 
ATOM   358  N N    A PHE A 1 30 ? -1.977  6.965   -3.000  0.42 29.51  ? 227 PHE A N    1 
ATOM   359  N N    B PHE A 1 30 ? -1.971  6.990   -3.014  0.58 30.17  ? 227 PHE A N    1 
ATOM   360  C CA   A PHE A 1 30 ? -2.495  6.085   -4.043  0.42 30.34  ? 227 PHE A CA   1 
ATOM   361  C CA   B PHE A 1 30 ? -2.493  6.083   -4.025  0.58 31.09  ? 227 PHE A CA   1 
ATOM   362  C C    A PHE A 1 30 ? -1.850  6.368   -5.392  0.42 30.68  ? 227 PHE A C    1 
ATOM   363  C C    B PHE A 1 30 ? -1.903  6.374   -5.404  0.58 31.80  ? 227 PHE A C    1 
ATOM   364  O O    A PHE A 1 30 ? -1.581  5.450   -6.166  0.42 30.73  ? 227 PHE A O    1 
ATOM   365  O O    B PHE A 1 30 ? -1.713  5.463   -6.208  0.58 33.59  ? 227 PHE A O    1 
ATOM   366  C CB   A PHE A 1 30 ? -4.012  6.225   -4.167  0.42 30.12  ? 227 PHE A CB   1 
ATOM   367  C CB   B PHE A 1 30 ? -4.018  6.155   -4.077  0.58 30.78  ? 227 PHE A CB   1 
ATOM   368  C CG   A PHE A 1 30 ? -4.779  5.349   -3.222  0.42 31.09  ? 227 PHE A CG   1 
ATOM   369  C CG   B PHE A 1 30 ? -4.652  4.954   -4.710  0.58 31.67  ? 227 PHE A CG   1 
ATOM   370  C CD1  A PHE A 1 30 ? -4.885  3.988   -3.454  0.42 31.85  ? 227 PHE A CD1  1 
ATOM   371  C CD1  B PHE A 1 30 ? -5.069  3.885   -3.935  0.58 31.53  ? 227 PHE A CD1  1 
ATOM   372  C CD2  A PHE A 1 30 ? -5.400  5.883   -2.107  0.42 30.59  ? 227 PHE A CD2  1 
ATOM   373  C CD2  B PHE A 1 30 ? -4.816  4.887   -6.080  0.58 31.43  ? 227 PHE A CD2  1 
ATOM   374  C CE1  A PHE A 1 30 ? -5.591  3.176   -2.589  0.42 32.58  ? 227 PHE A CE1  1 
ATOM   375  C CE1  B PHE A 1 30 ? -5.648  2.774   -4.519  0.58 29.08  ? 227 PHE A CE1  1 
ATOM   376  C CE2  A PHE A 1 30 ? -6.110  5.075   -1.238  0.42 31.11  ? 227 PHE A CE2  1 
ATOM   377  C CE2  B PHE A 1 30 ? -5.391  3.782   -6.669  0.58 29.99  ? 227 PHE A CE2  1 
ATOM   378  C CZ   A PHE A 1 30 ? -6.204  3.720   -1.480  0.42 31.96  ? 227 PHE A CZ   1 
ATOM   379  C CZ   B PHE A 1 30 ? -5.809  2.722   -5.889  0.58 26.20  ? 227 PHE A CZ   1 
ATOM   380  H H    A PHE A 1 30 ? -2.577  7.454   -2.624  0.42 35.41  ? 227 PHE A H    1 
ATOM   381  H H    B PHE A 1 30 ? -2.563  7.510   -2.668  0.58 36.21  ? 227 PHE A H    1 
ATOM   382  H HA   A PHE A 1 30 ? -2.298  5.166   -3.806  0.42 36.41  ? 227 PHE A HA   1 
ATOM   383  H HA   B PHE A 1 30 ? -2.248  5.175   -3.786  0.58 37.31  ? 227 PHE A HA   1 
ATOM   384  H HB2  A PHE A 1 30 ? -4.256  7.145   -3.984  0.42 36.15  ? 227 PHE A HB2  1 
ATOM   385  H HB2  B PHE A 1 30 ? -4.359  6.230   -3.172  0.58 36.94  ? 227 PHE A HB2  1 
ATOM   386  H HB3  A PHE A 1 30 ? -4.275  5.989   -5.070  0.42 36.15  ? 227 PHE A HB3  1 
ATOM   387  H HB3  B PHE A 1 30 ? -4.278  6.935   -4.592  0.58 36.94  ? 227 PHE A HB3  1 
ATOM   388  H HD1  A PHE A 1 30 ? -4.473  3.617   -4.201  0.42 38.21  ? 227 PHE A HD1  1 
ATOM   389  H HD1  B PHE A 1 30 ? -4.963  3.916   -3.012  0.58 37.84  ? 227 PHE A HD1  1 
ATOM   390  H HD2  A PHE A 1 30 ? -5.340  6.796   -1.939  0.42 36.71  ? 227 PHE A HD2  1 
ATOM   391  H HD2  B PHE A 1 30 ? -4.537  5.597   -6.612  0.58 37.72  ? 227 PHE A HD2  1 
ATOM   392  H HE1  A PHE A 1 30 ? -5.654  2.263   -2.755  0.42 39.10  ? 227 PHE A HE1  1 
ATOM   393  H HE1  B PHE A 1 30 ? -5.927  2.062   -3.990  0.58 34.90  ? 227 PHE A HE1  1 
ATOM   394  H HE2  A PHE A 1 30 ? -6.523  5.444   -0.491  0.42 37.33  ? 227 PHE A HE2  1 
ATOM   395  H HE2  B PHE A 1 30 ? -5.499  3.750   -7.592  0.58 35.99  ? 227 PHE A HE2  1 
ATOM   396  H HZ   A PHE A 1 30 ? -6.681  3.174   -0.896  0.42 38.35  ? 227 PHE A HZ   1 
ATOM   397  H HZ   B PHE A 1 30 ? -6.197  1.976   -6.285  0.58 31.44  ? 227 PHE A HZ   1 
ATOM   398  N N    . GLN A 1 31 ? -1.605  7.642   -5.674  1.00 31.15  ? 228 GLN A N    1 
ATOM   399  C CA   . GLN A 1 31 ? -1.018  8.023   -6.950  1.00 30.97  ? 228 GLN A CA   1 
ATOM   400  C C    . GLN A 1 31 ? 0.399   7.469   -7.061  1.00 30.91  ? 228 GLN A C    1 
ATOM   401  O O    . GLN A 1 31 ? 0.823   7.047   -8.136  1.00 31.84  ? 228 GLN A O    1 
ATOM   402  C CB   . GLN A 1 31 ? -1.016  9.542   -7.125  1.00 33.94  ? 228 GLN A CB   1 
ATOM   403  C CG   . GLN A 1 31 ? -0.580  9.996   -8.509  1.00 40.50  ? 228 GLN A CG   1 
ATOM   404  C CD   . GLN A 1 31 ? -1.417  9.381   -9.613  1.00 44.23  ? 228 GLN A CD   1 
ATOM   405  O OE1  . GLN A 1 31 ? -2.636  9.263   -9.490  1.00 44.31  ? 228 GLN A OE1  1 
ATOM   406  N NE2  . GLN A 1 31 ? -0.763  8.972   -10.693 1.00 46.56  ? 228 GLN A NE2  1 
ATOM   407  H H    A GLN A 1 31 ? -1.769  8.301   -5.147  0.42 37.38  ? 228 GLN A H    1 
ATOM   408  H H    B GLN A 1 31 ? -1.735  8.299   -5.134  0.58 37.38  ? 228 GLN A H    1 
ATOM   409  H HA   . GLN A 1 31 ? -1.546  7.640   -7.667  1.00 37.17  ? 228 GLN A HA   1 
ATOM   410  H HB2  . GLN A 1 31 ? -1.915  9.875   -6.973  1.00 40.73  ? 228 GLN A HB2  1 
ATOM   411  H HB3  . GLN A 1 31 ? -0.407  9.932   -6.479  1.00 40.73  ? 228 GLN A HB3  1 
ATOM   412  H HG2  . GLN A 1 31 ? -0.666  10.960  -8.567  1.00 48.59  ? 228 GLN A HG2  1 
ATOM   413  H HG3  . GLN A 1 31 ? 0.343   9.735   -8.651  1.00 48.59  ? 228 GLN A HG3  1 
ATOM   414  H HE21 . GLN A 1 31 ? 0.091   9.061   -10.737 1.00 55.87  ? 228 GLN A HE21 1 
ATOM   415  H HE22 . GLN A 1 31 ? -1.193  8.616   -11.346 1.00 55.87  ? 228 GLN A HE22 1 
ATOM   416  N N    . ASP A 1 32 ? 1.125   7.460   -5.946  1.00 28.34  ? 229 ASP A N    1 
ATOM   417  C CA   . ASP A 1 32 ? 2.470   6.901   -5.923  1.00 28.45  ? 229 ASP A CA   1 
ATOM   418  C C    . ASP A 1 32 ? 2.411   5.418   -6.258  1.00 26.05  ? 229 ASP A C    1 
ATOM   419  O O    . ASP A 1 32 ? 3.233   4.909   -7.020  1.00 28.08  ? 229 ASP A O    1 
ATOM   420  C CB   . ASP A 1 32 ? 3.120   7.084   -4.550  1.00 27.74  ? 229 ASP A CB   1 
ATOM   421  C CG   . ASP A 1 32 ? 3.337   8.543   -4.192  1.00 33.62  ? 229 ASP A CG   1 
ATOM   422  O OD1  . ASP A 1 32 ? 3.656   9.346   -5.097  1.00 37.31  ? 229 ASP A OD1  1 
ATOM   423  O OD2  . ASP A 1 32 ? 3.190   8.881   -2.997  1.00 33.61  ? 229 ASP A OD2  1 
ATOM   424  H H    . ASP A 1 32 ? 0.860   7.774   -5.190  1.00 34.01  ? 229 ASP A H    1 
ATOM   425  H HA   . ASP A 1 32 ? 3.019   7.346   -6.588  1.00 34.14  ? 229 ASP A HA   1 
ATOM   426  H HB2  . ASP A 1 32 ? 2.545   6.692   -3.874  1.00 33.29  ? 229 ASP A HB2  1 
ATOM   427  H HB3  . ASP A 1 32 ? 3.983   6.644   -4.548  1.00 33.29  ? 229 ASP A HB3  1 
ATOM   428  N N    . LEU A 1 33 ? 1.430   4.729   -5.683  1.00 26.45  ? 230 LEU A N    1 
ATOM   429  C CA   . LEU A 1 33 ? 1.260   3.304   -5.929  1.00 22.53  ? 230 LEU A CA   1 
ATOM   430  C C    . LEU A 1 33 ? 0.968   3.039   -7.404  1.00 26.39  ? 230 LEU A C    1 
ATOM   431  O O    . LEU A 1 33 ? 1.568   2.153   -8.012  1.00 28.52  ? 230 LEU A O    1 
ATOM   432  C CB   . LEU A 1 33 ? 0.143   2.737   -5.048  1.00 25.06  ? 230 LEU A CB   1 
ATOM   433  C CG   . LEU A 1 33 ? 0.411   2.788   -3.541  1.00 26.14  ? 230 LEU A CG   1 
ATOM   434  C CD1  . LEU A 1 33 ? -0.795  2.294   -2.758  1.00 25.56  ? 230 LEU A CD1  1 
ATOM   435  C CD2  . LEU A 1 33 ? 1.646   1.976   -3.178  1.00 32.12  ? 230 LEU A CD2  1 
ATOM   436  H H    . LEU A 1 33 ? 0.849   5.066   -5.145  1.00 31.74  ? 230 LEU A H    1 
ATOM   437  H HA   . LEU A 1 33 ? 2.083   2.845   -5.700  1.00 27.04  ? 230 LEU A HA   1 
ATOM   438  H HB2  . LEU A 1 33 ? -0.667  3.242   -5.218  1.00 30.07  ? 230 LEU A HB2  1 
ATOM   439  H HB3  . LEU A 1 33 ? 0.004   1.808   -5.289  1.00 30.07  ? 230 LEU A HB3  1 
ATOM   440  H HG   . LEU A 1 33 ? 0.575   3.709   -3.283  1.00 31.37  ? 230 LEU A HG   1 
ATOM   441  H HD11 . LEU A 1 33 ? -0.595  2.338   -1.810  1.00 30.67  ? 230 LEU A HD11 1 
ATOM   442  H HD12 . LEU A 1 33 ? -1.556  2.859   -2.963  1.00 30.67  ? 230 LEU A HD12 1 
ATOM   443  H HD13 . LEU A 1 33 ? -0.983  1.378   -3.014  1.00 30.67  ? 230 LEU A HD13 1 
ATOM   444  H HD21 . LEU A 1 33 ? 1.787   2.027   -2.219  1.00 38.55  ? 230 LEU A HD21 1 
ATOM   445  H HD22 . LEU A 1 33 ? 1.505   1.053   -3.442  1.00 38.55  ? 230 LEU A HD22 1 
ATOM   446  H HD23 . LEU A 1 33 ? 2.413   2.341   -3.645  1.00 38.55  ? 230 LEU A HD23 1 
ATOM   447  N N    . LYS A 1 34 ? 0.056   3.820   -7.974  1.00 26.24  ? 231 LYS A N    1 
ATOM   448  C CA   . LYS A 1 34 ? -0.288  3.702   -9.386  1.00 27.70  ? 231 LYS A CA   1 
ATOM   449  C C    . LYS A 1 34 ? 0.931   3.931   -10.268 1.00 27.52  ? 231 LYS A C    1 
ATOM   450  O O    . LYS A 1 34 ? 1.151   3.213   -11.242 1.00 29.12  ? 231 LYS A O    1 
ATOM   451  C CB   . LYS A 1 34 ? -1.374  4.715   -9.747  1.00 30.42  ? 231 LYS A CB   1 
ATOM   452  C CG   . LYS A 1 34 ? -2.738  4.401   -9.157  1.00 32.49  ? 231 LYS A CG   1 
ATOM   453  C CD   . LYS A 1 34 ? -3.671  5.599   -9.229  1.00 36.79  ? 231 LYS A CD   1 
ATOM   454  C CE   . LYS A 1 34 ? -3.907  6.054   -10.662 1.00 38.91  ? 231 LYS A CE   1 
ATOM   455  N NZ   . LYS A 1 34 ? -4.807  7.238   -10.720 1.00 42.59  ? 231 LYS A NZ   1 
ATOM   456  H H    . LYS A 1 34 ? -0.382  4.433   -7.558  1.00 31.48  ? 231 LYS A H    1 
ATOM   457  H HA   . LYS A 1 34 ? -0.630  2.812   -9.560  1.00 33.24  ? 231 LYS A HA   1 
ATOM   458  H HB2  . LYS A 1 34 ? -1.105  5.589   -9.422  1.00 36.50  ? 231 LYS A HB2  1 
ATOM   459  H HB3  . LYS A 1 34 ? -1.468  4.740   -10.712 1.00 36.50  ? 231 LYS A HB3  1 
ATOM   460  H HG2  . LYS A 1 34 ? -3.141  3.672   -9.654  1.00 38.99  ? 231 LYS A HG2  1 
ATOM   461  H HG3  . LYS A 1 34 ? -2.634  4.155   -8.225  1.00 38.99  ? 231 LYS A HG3  1 
ATOM   462  H HD2  . LYS A 1 34 ? -4.529  5.359   -8.845  1.00 44.14  ? 231 LYS A HD2  1 
ATOM   463  H HD3  . LYS A 1 34 ? -3.280  6.338   -8.739  1.00 44.14  ? 231 LYS A HD3  1 
ATOM   464  H HE2  . LYS A 1 34 ? -3.059  6.297   -11.064 1.00 46.69  ? 231 LYS A HE2  1 
ATOM   465  H HE3  . LYS A 1 34 ? -4.321  5.333   -11.162 1.00 46.69  ? 231 LYS A HE3  1 
ATOM   466  H HZ1  . LYS A 1 34 ? -4.931  7.486   -11.565 1.00 51.10  ? 231 LYS A HZ1  1 
ATOM   467  H HZ2  . LYS A 1 34 ? -5.596  7.038   -10.359 1.00 51.10  ? 231 LYS A HZ2  1 
ATOM   468  H HZ3  . LYS A 1 34 ? -4.447  7.916   -10.270 1.00 51.10  ? 231 LYS A HZ3  1 
ATOM   469  N N    . ASN A 1 35 ? 1.728   4.933   -9.914  1.00 28.94  ? 232 ASN A N    1 
ATOM   470  C CA   . ASN A 1 35 ? 2.897   5.301   -10.705 1.00 31.32  ? 232 ASN A CA   1 
ATOM   471  C C    . ASN A 1 35 ? 3.971   4.218   -10.713 1.00 30.97  ? 232 ASN A C    1 
ATOM   472  O O    . ASN A 1 35 ? 4.685   4.052   -11.702 1.00 34.92  ? 232 ASN A O    1 
ATOM   473  C CB   . ASN A 1 35 ? 3.497   6.609   -10.186 1.00 33.60  ? 232 ASN A CB   1 
ATOM   474  C CG   . ASN A 1 35 ? 2.588   7.802   -10.416 1.00 39.65  ? 232 ASN A CG   1 
ATOM   475  O OD1  . ASN A 1 35 ? 1.665   7.750   -11.229 1.00 38.63  ? 232 ASN A OD1  1 
ATOM   476  N ND2  . ASN A 1 35 ? 2.854   8.892   -9.701  1.00 42.05  ? 232 ASN A ND2  1 
ATOM   477  H H    . ASN A 1 35 ? 1.613   5.420   -9.214  1.00 34.73  ? 232 ASN A H    1 
ATOM   478  H HA   . ASN A 1 35 ? 2.619   5.446   -11.622 1.00 37.59  ? 232 ASN A HA   1 
ATOM   479  H HB2  . ASN A 1 35 ? 3.651   6.529   -9.231  1.00 40.32  ? 232 ASN A HB2  1 
ATOM   480  H HB3  . ASN A 1 35 ? 4.335   6.778   -10.645 1.00 40.32  ? 232 ASN A HB3  1 
ATOM   481  H HD21 . ASN A 1 35 ? 2.367   9.596   -9.794  1.00 50.46  ? 232 ASN A HD21 1 
ATOM   482  H HD22 . ASN A 1 35 ? 3.511   8.894   -9.146  1.00 50.46  ? 232 ASN A HD22 1 
ATOM   483  N N    . GLN A 1 36 ? 4.080   3.484   -9.609  1.00 29.88  ? 233 GLN A N    1 
ATOM   484  C CA   . GLN A 1 36 ? 5.137   2.487   -9.450  1.00 32.28  ? 233 GLN A CA   1 
ATOM   485  C C    . GLN A 1 36 ? 4.674   1.067   -9.783  1.00 31.54  ? 233 GLN A C    1 
ATOM   486  O O    . GLN A 1 36 ? 5.494   0.199   -10.084 1.00 38.23  ? 233 GLN A O    1 
ATOM   487  C CB   . GLN A 1 36 ? 5.705   2.566   -8.032  1.00 35.12  ? 233 GLN A CB   1 
ATOM   488  C CG   . GLN A 1 36 ? 6.409   3.892   -7.761  1.00 41.38  ? 233 GLN A CG   1 
ATOM   489  C CD   . GLN A 1 36 ? 6.765   4.091   -6.303  1.00 47.69  ? 233 GLN A CD   1 
ATOM   490  O OE1  . GLN A 1 36 ? 6.870   3.132   -5.538  1.00 51.62  ? 233 GLN A OE1  1 
ATOM   491  N NE2  . GLN A 1 36 ? 6.947   5.346   -5.908  1.00 48.91  ? 233 GLN A NE2  1 
ATOM   492  H H    . GLN A 1 36 ? 3.552   3.544   -8.933  1.00 35.86  ? 233 GLN A H    1 
ATOM   493  H HA   . GLN A 1 36 ? 5.856   2.706   -10.062 1.00 38.74  ? 233 GLN A HA   1 
ATOM   494  H HB2  . GLN A 1 36 ? 4.980   2.473   -7.395  1.00 42.15  ? 233 GLN A HB2  1 
ATOM   495  H HB3  . GLN A 1 36 ? 6.350   1.852   -7.909  1.00 42.15  ? 233 GLN A HB3  1 
ATOM   496  H HG2  . GLN A 1 36 ? 7.231   3.922   -8.275  1.00 49.65  ? 233 GLN A HG2  1 
ATOM   497  H HG3  . GLN A 1 36 ? 5.825   4.619   -8.026  1.00 49.65  ? 233 GLN A HG3  1 
ATOM   498  H HE21 . GLN A 1 36 ? 6.861   5.990   -6.471  1.00 58.69  ? 233 GLN A HE21 1 
ATOM   499  H HE22 . GLN A 1 36 ? 7.152   5.513   -5.090  1.00 58.69  ? 233 GLN A HE22 1 
ATOM   500  N N    . LEU A 1 37 ? 3.364   0.841   -9.728  1.00 27.88  ? 234 LEU A N    1 
ATOM   501  C CA   . LEU A 1 37 ? 2.772   -0.444  -10.094 1.00 27.24  ? 234 LEU A CA   1 
ATOM   502  C C    . LEU A 1 37 ? 1.944   -0.252  -11.355 1.00 26.25  ? 234 LEU A C    1 
ATOM   503  O O    . LEU A 1 37 ? 0.719   -0.375  -11.338 1.00 25.76  ? 234 LEU A O    1 
ATOM   504  C CB   . LEU A 1 37 ? 1.892   -0.966  -8.960  1.00 26.24  ? 234 LEU A CB   1 
ATOM   505  C CG   . LEU A 1 37 ? 2.610   -1.171  -7.625  1.00 30.42  ? 234 LEU A CG   1 
ATOM   506  C CD1  . LEU A 1 37 ? 1.605   -1.446  -6.517  1.00 33.20  ? 234 LEU A CD1  1 
ATOM   507  C CD2  . LEU A 1 37 ? 3.640   -2.294  -7.725  1.00 32.09  ? 234 LEU A CD2  1 
ATOM   508  H H    . LEU A 1 37 ? 2.786   1.427   -9.477  1.00 33.45  ? 234 LEU A H    1 
ATOM   509  H HA   . LEU A 1 37 ? 3.471   -1.091  -10.272 1.00 32.69  ? 234 LEU A HA   1 
ATOM   510  H HB2  . LEU A 1 37 ? 1.172   -0.332  -8.811  1.00 31.49  ? 234 LEU A HB2  1 
ATOM   511  H HB3  . LEU A 1 37 ? 1.521   -1.822  -9.226  1.00 31.49  ? 234 LEU A HB3  1 
ATOM   512  H HG   . LEU A 1 37 ? 3.083   -0.355  -7.398  1.00 36.51  ? 234 LEU A HG   1 
ATOM   513  H HD11 . LEU A 1 37 ? 2.083   -1.573  -5.682  1.00 39.84  ? 234 LEU A HD11 1 
ATOM   514  H HD12 . LEU A 1 37 ? 1.002   -0.690  -6.443  1.00 39.84  ? 234 LEU A HD12 1 
ATOM   515  H HD13 . LEU A 1 37 ? 1.105   -2.248  -6.737  1.00 39.84  ? 234 LEU A HD13 1 
ATOM   516  H HD21 . LEU A 1 37 ? 4.077   -2.398  -6.866  1.00 38.50  ? 234 LEU A HD21 1 
ATOM   517  H HD22 . LEU A 1 37 ? 3.188   -3.116  -7.969  1.00 38.50  ? 234 LEU A HD22 1 
ATOM   518  H HD23 . LEU A 1 37 ? 4.294   -2.062  -8.403  1.00 38.50  ? 234 LEU A HD23 1 
ATOM   519  N N    . LYS A 1 38 ? 2.633   0.039   -12.453 1.00 28.27  ? 235 LYS A N    1 
ATOM   520  C CA   . LYS A 1 38 ? 1.983   0.452   -13.692 1.00 28.06  ? 235 LYS A CA   1 
ATOM   521  C C    . LYS A 1 38 ? 1.164   -0.636  -14.378 1.00 27.75  ? 235 LYS A C    1 
ATOM   522  O O    . LYS A 1 38 ? 0.367   -0.336  -15.265 1.00 30.23  ? 235 LYS A O    1 
ATOM   523  C CB   . LYS A 1 38 ? 3.030   0.991   -14.668 1.00 32.07  ? 235 LYS A CB   1 
ATOM   524  C CG   . LYS A 1 38 ? 3.841   2.160   -14.125 1.00 37.83  ? 235 LYS A CG   1 
ATOM   525  C CD   . LYS A 1 38 ? 4.844   2.670   -15.151 1.00 42.68  ? 235 LYS A CD   1 
ATOM   526  C CE   . LYS A 1 38 ? 5.664   3.830   -14.605 1.00 45.87  ? 235 LYS A CE   1 
ATOM   527  N NZ   . LYS A 1 38 ? 6.732   4.256   -15.551 1.00 48.15  ? 235 LYS A NZ   1 
ATOM   528  H H    . LYS A 1 38 ? 3.490   0.004   -12.507 1.00 33.92  ? 235 LYS A H    1 
ATOM   529  H HA   . LYS A 1 38 ? 1.378   1.181   -13.487 1.00 33.68  ? 235 LYS A HA   1 
ATOM   530  H HB2  . LYS A 1 38 ? 3.650   0.278   -14.887 1.00 38.49  ? 235 LYS A HB2  1 
ATOM   531  H HB3  . LYS A 1 38 ? 2.580   1.292   -15.473 1.00 38.49  ? 235 LYS A HB3  1 
ATOM   532  H HG2  . LYS A 1 38 ? 3.241   2.888   -13.900 1.00 45.40  ? 235 LYS A HG2  1 
ATOM   533  H HG3  . LYS A 1 38 ? 4.330   1.872   -13.339 1.00 45.40  ? 235 LYS A HG3  1 
ATOM   534  H HD2  . LYS A 1 38 ? 5.453   1.952   -15.387 1.00 51.22  ? 235 LYS A HD2  1 
ATOM   535  H HD3  . LYS A 1 38 ? 4.368   2.979   -15.938 1.00 51.22  ? 235 LYS A HD3  1 
ATOM   536  H HE2  . LYS A 1 38 ? 5.079   4.587   -14.449 1.00 55.04  ? 235 LYS A HE2  1 
ATOM   537  H HE3  . LYS A 1 38 ? 6.088   3.557   -13.776 1.00 55.04  ? 235 LYS A HE3  1 
ATOM   538  H HZ1  . LYS A 1 38 ? 7.193   4.934   -15.204 1.00 57.78  ? 235 LYS A HZ1  1 
ATOM   539  H HZ2  . LYS A 1 38 ? 7.288   3.579   -15.708 1.00 57.78  ? 235 LYS A HZ2  1 
ATOM   540  H HZ3  . LYS A 1 38 ? 6.370   4.517   -16.321 1.00 57.78  ? 235 LYS A HZ3  1 
ATOM   541  N N    . HIS A 1 39 ? 1.360   -1.890  -13.980 1.00 27.89  ? 236 HIS A N    1 
ATOM   542  C CA   . HIS A 1 39 ? 0.645   -3.012  -14.584 1.00 29.21  ? 236 HIS A CA   1 
ATOM   543  C C    . HIS A 1 39 ? -0.551  -3.450  -13.742 1.00 30.10  ? 236 HIS A C    1 
ATOM   544  O O    . HIS A 1 39 ? -1.254  -4.396  -14.096 1.00 34.79  ? 236 HIS A O    1 
ATOM   545  C CB   . HIS A 1 39 ? 1.598   -4.189  -14.788 1.00 29.28  ? 236 HIS A CB   1 
ATOM   546  C CG   . HIS A 1 39 ? 2.745   -3.881  -15.698 1.00 34.71  ? 236 HIS A CG   1 
ATOM   547  N ND1  . HIS A 1 39 ? 3.992   -4.447  -15.540 1.00 43.26  ? 236 HIS A ND1  1 
ATOM   548  C CD2  . HIS A 1 39 ? 2.834   -3.069  -16.778 1.00 36.29  ? 236 HIS A CD2  1 
ATOM   549  C CE1  . HIS A 1 39 ? 4.799   -3.995  -16.483 1.00 43.26  ? 236 HIS A CE1  1 
ATOM   550  N NE2  . HIS A 1 39 ? 4.121   -3.158  -17.247 1.00 38.99  ? 236 HIS A NE2  1 
ATOM   551  H H    . HIS A 1 39 ? 1.907   -2.120  -13.355 1.00 33.47  ? 236 HIS A H    1 
ATOM   552  H HA   . HIS A 1 39 ? 0.314   -2.741  -15.454 1.00 35.05  ? 236 HIS A HA   1 
ATOM   553  H HB2  . HIS A 1 39 ? 1.962   -4.449  -13.928 1.00 35.14  ? 236 HIS A HB2  1 
ATOM   554  H HB3  . HIS A 1 39 ? 1.103   -4.929  -15.173 1.00 35.14  ? 236 HIS A HB3  1 
ATOM   555  H HD2  . HIS A 1 39 ? 2.151   -2.548  -17.135 1.00 43.55  ? 236 HIS A HD2  1 
ATOM   556  H HE1  . HIS A 1 39 ? 5.694   -4.227  -16.591 1.00 51.91  ? 236 HIS A HE1  1 
ATOM   557  N N    . MET A 1 40 ? -0.778  -2.752  -12.634 1.00 27.11  ? 237 MET A N    1 
ATOM   558  C CA   . MET A 1 40 ? -1.869  -3.069  -11.729 1.00 25.16  ? 237 MET A CA   1 
ATOM   559  C C    . MET A 1 40 ? -2.965  -2.018  -11.843 1.00 26.01  ? 237 MET A C    1 
ATOM   560  O O    . MET A 1 40 ? -2.695  -0.820  -11.790 1.00 27.73  ? 237 MET A O    1 
ATOM   561  C CB   . MET A 1 40 ? -1.340  -3.123  -10.299 1.00 27.36  ? 237 MET A CB   1 
ATOM   562  C CG   . MET A 1 40 ? -2.205  -3.909  -9.343  1.00 34.88  ? 237 MET A CG   1 
ATOM   563  S SD   . MET A 1 40 ? -1.514  -3.985  -7.684  1.00 39.35  ? 237 MET A SD   1 
ATOM   564  C CE   . MET A 1 40 ? 0.139   -4.611  -7.984  1.00 27.47  ? 237 MET A CE   1 
ATOM   565  H H    . MET A 1 40 ? -0.302  -2.080  -12.383 1.00 32.54  ? 237 MET A H    1 
ATOM   566  H HA   . MET A 1 40 ? -2.233  -3.939  -11.955 1.00 30.19  ? 237 MET A HA   1 
ATOM   567  H HB2  . MET A 1 40 ? -0.462  -3.535  -10.308 1.00 32.83  ? 237 MET A HB2  1 
ATOM   568  H HB3  . MET A 1 40 ? -1.273  -2.218  -9.958  1.00 32.83  ? 237 MET A HB3  1 
ATOM   569  H HG2  . MET A 1 40 ? -3.077  -3.488  -9.286  1.00 41.86  ? 237 MET A HG2  1 
ATOM   570  H HG3  . MET A 1 40 ? -2.296  -4.817  -9.672  1.00 41.86  ? 237 MET A HG3  1 
ATOM   571  H HE1  . MET A 1 40 ? 0.610   -3.992  -8.565  1.00 32.97  ? 237 MET A HE1  1 
ATOM   572  H HE2  . MET A 1 40 ? 0.605   -4.690  -7.137  1.00 32.97  ? 237 MET A HE2  1 
ATOM   573  H HE3  . MET A 1 40 ? 0.074   -5.480  -8.409  1.00 32.97  ? 237 MET A HE3  1 
ATOM   574  N N    . SER A 1 41 ? -4.202  -2.474  -11.997 1.00 28.29  ? 238 SER A N    1 
ATOM   575  C CA   . SER A 1 41 ? -5.335  -1.570  -12.139 1.00 28.16  ? 238 SER A CA   1 
ATOM   576  C C    . SER A 1 41 ? -5.616  -0.827  -10.840 1.00 27.37  ? 238 SER A C    1 
ATOM   577  O O    . SER A 1 41 ? -5.214  -1.267  -9.764  1.00 25.64  ? 238 SER A O    1 
ATOM   578  C CB   . SER A 1 41 ? -6.579  -2.354  -12.535 1.00 29.71  ? 238 SER A CB   1 
ATOM   579  O OG   . SER A 1 41 ? -7.023  -3.157  -11.458 1.00 31.57  ? 238 SER A OG   1 
ATOM   580  H H    . SER A 1 41 ? -4.413  -3.308  -12.024 1.00 33.94  ? 238 SER A H    1 
ATOM   581  H HA   . SER A 1 41 ? -5.147  -0.919  -12.833 1.00 33.80  ? 238 SER A HA   1 
ATOM   582  H HB2  . SER A 1 41 ? -7.282  -1.731  -12.776 1.00 35.66  ? 238 SER A HB2  1 
ATOM   583  H HB3  . SER A 1 41 ? -6.366  -2.926  -13.289 1.00 35.66  ? 238 SER A HB3  1 
ATOM   584  H HG   . SER A 1 41 ? -7.709  -3.586  -11.683 1.00 37.88  ? 238 SER A HG   1 
ATOM   585  N N    . VAL A 1 42 ? -6.317  0.297   -10.949 1.00 28.08  ? 239 VAL A N    1 
ATOM   586  C CA   . VAL A 1 42 ? -6.711  1.075   -9.782  1.00 29.02  ? 239 VAL A CA   1 
ATOM   587  C C    . VAL A 1 42 ? -7.500  0.198   -8.809  1.00 28.28  ? 239 VAL A C    1 
ATOM   588  O O    . VAL A 1 42 ? -7.295  0.263   -7.599  1.00 28.84  ? 239 VAL A O    1 
ATOM   589  C CB   . VAL A 1 42 ? -7.558  2.302   -10.191 1.00 30.78  ? 239 VAL A CB   1 
ATOM   590  C CG1  . VAL A 1 42 ? -8.131  3.016   -8.968  1.00 32.74  ? 239 VAL A CG1  1 
ATOM   591  C CG2  . VAL A 1 42 ? -6.724  3.267   -11.024 1.00 31.63  ? 239 VAL A CG2  1 
ATOM   592  H H    . VAL A 1 42 ? -6.578  0.633   -11.697 1.00 33.70  ? 239 VAL A H    1 
ATOM   593  H HA   . VAL A 1 42 ? -5.916  1.393   -9.327  1.00 34.82  ? 239 VAL A HA   1 
ATOM   594  H HB   . VAL A 1 42 ? -8.302  2.003   -10.736 1.00 36.94  ? 239 VAL A HB   1 
ATOM   595  H HG11 . VAL A 1 42 ? -8.653  3.778   -9.264  1.00 39.29  ? 239 VAL A HG11 1 
ATOM   596  H HG12 . VAL A 1 42 ? -8.694  2.398   -8.476  1.00 39.29  ? 239 VAL A HG12 1 
ATOM   597  H HG13 . VAL A 1 42 ? -7.398  3.315   -8.406  1.00 39.29  ? 239 VAL A HG13 1 
ATOM   598  H HG21 . VAL A 1 42 ? -7.274  4.028   -11.270 1.00 37.96  ? 239 VAL A HG21 1 
ATOM   599  H HG22 . VAL A 1 42 ? -5.964  3.563   -10.499 1.00 37.96  ? 239 VAL A HG22 1 
ATOM   600  H HG23 . VAL A 1 42 ? -6.417  2.810   -11.823 1.00 37.96  ? 239 VAL A HG23 1 
ATOM   601  N N    . SER A 1 43 ? -8.393  -0.628  -9.343  1.00 31.07  ? 240 SER A N    1 
ATOM   602  C CA   . SER A 1 43 ? -9.212  -1.506  -8.513  1.00 33.11  ? 240 SER A CA   1 
ATOM   603  C C    . SER A 1 43 ? -8.357  -2.531  -7.773  1.00 32.78  ? 240 SER A C    1 
ATOM   604  O O    . SER A 1 43 ? -8.573  -2.790  -6.587  1.00 33.68  ? 240 SER A O    1 
ATOM   605  C CB   . SER A 1 43 ? -10.258 -2.225  -9.365  1.00 37.64  ? 240 SER A CB   1 
ATOM   606  O OG   . SER A 1 43 ? -9.641  -3.071  -10.321 1.00 45.24  ? 240 SER A OG   1 
ATOM   607  H H    . SER A 1 43 ? -8.545  -0.701  -10.186 1.00 37.29  ? 240 SER A H    1 
ATOM   608  H HA   . SER A 1 43 ? -9.679  -0.970  -7.853  1.00 39.74  ? 240 SER A HA   1 
ATOM   609  H HB2  . SER A 1 43 ? -10.821 -2.763  -8.786  1.00 45.16  ? 240 SER A HB2  1 
ATOM   610  H HB3  . SER A 1 43 ? -10.794 -1.564  -9.830  1.00 45.16  ? 240 SER A HB3  1 
ATOM   611  H HG   . SER A 1 43 ? -10.226 -3.459  -10.781 1.00 54.29  ? 240 SER A HG   1 
ATOM   612  N N    . SER A 1 44 ? -7.390  -3.114  -8.475  1.00 28.97  ? 241 SER A N    1 
ATOM   613  C CA   . SER A 1 44 ? -6.521  -4.124  -7.883  1.00 27.82  ? 241 SER A CA   1 
ATOM   614  C C    . SER A 1 44 ? -5.648  -3.526  -6.784  1.00 25.72  ? 241 SER A C    1 
ATOM   615  O O    . SER A 1 44 ? -5.423  -4.155  -5.751  1.00 25.55  ? 241 SER A O    1 
ATOM   616  C CB   . SER A 1 44 ? -5.643  -4.772  -8.953  1.00 29.56  ? 241 SER A CB   1 
ATOM   617  O OG   . SER A 1 44 ? -6.414  -5.572  -9.833  1.00 33.45  ? 241 SER A OG   1 
ATOM   618  H H    . SER A 1 44 ? -7.217  -2.941  -9.300  1.00 34.76  ? 241 SER A H    1 
ATOM   619  H HA   . SER A 1 44 ? -7.070  -4.819  -7.485  1.00 33.39  ? 241 SER A HA   1 
ATOM   620  H HB2  . SER A 1 44 ? -5.204  -4.075  -9.465  1.00 35.48  ? 241 SER A HB2  1 
ATOM   621  H HB3  . SER A 1 44 ? -4.979  -5.331  -8.520  1.00 35.48  ? 241 SER A HB3  1 
ATOM   622  H HG   . SER A 1 44 ? -6.993  -5.100  -10.217 1.00 40.14  ? 241 SER A HG   1 
ATOM   623  N N    . ILE A 1 45 ? -5.158  -2.313  -7.008  1.00 24.99  ? 242 ILE A N    1 
ATOM   624  C CA   . ILE A 1 45 ? -4.345  -1.635  -6.009  1.00 21.79  ? 242 ILE A CA   1 
ATOM   625  C C    . ILE A 1 45 ? -5.201  -1.347  -4.781  1.00 23.13  ? 242 ILE A C    1 
ATOM   626  O O    . ILE A 1 45 ? -4.776  -1.577  -3.650  1.00 23.77  ? 242 ILE A O    1 
ATOM   627  C CB   . ILE A 1 45 ? -3.743  -0.328  -6.561  1.00 20.81  ? 242 ILE A CB   1 
ATOM   628  C CG1  . ILE A 1 45 ? -2.760  -0.642  -7.693  1.00 23.50  ? 242 ILE A CG1  1 
ATOM   629  C CG2  . ILE A 1 45 ? -3.029  0.447   -5.457  1.00 22.84  ? 242 ILE A CG2  1 
ATOM   630  C CD1  . ILE A 1 45 ? -2.266  0.575   -8.453  1.00 25.26  ? 242 ILE A CD1  1 
ATOM   631  H H    . ILE A 1 45 ? -5.281  -1.861  -7.729  1.00 29.99  ? 242 ILE A H    1 
ATOM   632  H HA   . ILE A 1 45 ? -3.616  -2.217  -5.742  1.00 26.15  ? 242 ILE A HA   1 
ATOM   633  H HB   . ILE A 1 45 ? -4.461  0.221   -6.913  1.00 24.97  ? 242 ILE A HB   1 
ATOM   634  H HG12 . ILE A 1 45 ? -1.986  -1.088  -7.316  1.00 28.21  ? 242 ILE A HG12 1 
ATOM   635  H HG13 . ILE A 1 45 ? -3.198  -1.228  -8.330  1.00 28.21  ? 242 ILE A HG13 1 
ATOM   636  H HG21 . ILE A 1 45 ? -2.662  1.263   -5.832  1.00 27.40  ? 242 ILE A HG21 1 
ATOM   637  H HG22 . ILE A 1 45 ? -3.667  0.662   -4.759  1.00 27.40  ? 242 ILE A HG22 1 
ATOM   638  H HG23 . ILE A 1 45 ? -2.315  -0.102  -5.097  1.00 27.40  ? 242 ILE A HG23 1 
ATOM   639  H HD11 . ILE A 1 45 ? -1.653  0.285   -9.147  1.00 30.31  ? 242 ILE A HD11 1 
ATOM   640  H HD12 . ILE A 1 45 ? -3.026  1.029   -8.850  1.00 30.31  ? 242 ILE A HD12 1 
ATOM   641  H HD13 . ILE A 1 45 ? -1.811  1.170   -7.836  1.00 30.31  ? 242 ILE A HD13 1 
ATOM   642  N N    . LYS A 1 46 ? -6.414  -0.852  -5.013  1.00 23.43  ? 243 LYS A N    1 
ATOM   643  C CA   . LYS A 1 46 ? -7.335  -0.539  -3.928  1.00 27.24  ? 243 LYS A CA   1 
ATOM   644  C C    . LYS A 1 46 ? -7.680  -1.793  -3.125  1.00 27.69  ? 243 LYS A C    1 
ATOM   645  O O    . LYS A 1 46 ? -7.756  -1.749  -1.898  1.00 26.65  ? 243 LYS A O    1 
ATOM   646  C CB   . LYS A 1 46 ? -8.610  0.108   -4.475  1.00 30.30  ? 243 LYS A CB   1 
ATOM   647  C CG   . LYS A 1 46 ? -9.635  0.491   -3.408  1.00 35.53  ? 243 LYS A CG   1 
ATOM   648  C CD   . LYS A 1 46 ? -9.065  1.479   -2.396  1.00 38.42  ? 243 LYS A CD   1 
ATOM   649  C CE   . LYS A 1 46 ? -10.134 1.961   -1.424  1.00 41.99  ? 243 LYS A CE   1 
ATOM   650  N NZ   . LYS A 1 46 ? -9.575  2.858   -0.376  1.00 45.09  ? 243 LYS A NZ   1 
ATOM   651  H H    . LYS A 1 46 ? -6.727  -0.686  -5.797  1.00 28.12  ? 243 LYS A H    1 
ATOM   652  H HA   . LYS A 1 46 ? -6.913  0.094   -3.327  1.00 32.69  ? 243 LYS A HA   1 
ATOM   653  H HB2  . LYS A 1 46 ? -8.367  0.917   -4.953  1.00 36.36  ? 243 LYS A HB2  1 
ATOM   654  H HB3  . LYS A 1 46 ? -9.038  -0.514  -5.084  1.00 36.36  ? 243 LYS A HB3  1 
ATOM   655  H HG2  . LYS A 1 46 ? -10.401 0.904   -3.837  1.00 42.64  ? 243 LYS A HG2  1 
ATOM   656  H HG3  . LYS A 1 46 ? -9.909  -0.307  -2.931  1.00 42.64  ? 243 LYS A HG3  1 
ATOM   657  H HD2  . LYS A 1 46 ? -8.364  1.046   -1.885  1.00 46.11  ? 243 LYS A HD2  1 
ATOM   658  H HD3  . LYS A 1 46 ? -8.712  2.251   -2.866  1.00 46.11  ? 243 LYS A HD3  1 
ATOM   659  H HE2  . LYS A 1 46 ? -10.810 2.454   -1.914  1.00 50.39  ? 243 LYS A HE2  1 
ATOM   660  H HE3  . LYS A 1 46 ? -10.532 1.194   -0.985  1.00 50.39  ? 243 LYS A HE3  1 
ATOM   661  H HZ1  . LYS A 1 46 ? -10.222 3.122   0.175   1.00 54.11  ? 243 LYS A HZ1  1 
ATOM   662  H HZ2  . LYS A 1 46 ? -8.953  2.426   0.094   1.00 54.11  ? 243 LYS A HZ2  1 
ATOM   663  H HZ3  . LYS A 1 46 ? -9.206  3.575   -0.753  1.00 54.11  ? 243 LYS A HZ3  1 
ATOM   664  N N    . GLN A 1 47 ? -7.882  -2.907  -3.825  1.00 28.40  ? 244 GLN A N    1 
ATOM   665  C CA   A GLN A 1 47 ? -8.191  -4.180  -3.185  0.56 30.00  ? 244 GLN A CA   1 
ATOM   666  C CA   B GLN A 1 47 ? -8.196  -4.171  -3.169  0.44 29.34  ? 244 GLN A CA   1 
ATOM   667  C C    . GLN A 1 47 ? -7.053  -4.617  -2.271  1.00 28.29  ? 244 GLN A C    1 
ATOM   668  O O    . GLN A 1 47 ? -7.277  -5.057  -1.143  1.00 31.49  ? 244 GLN A O    1 
ATOM   669  C CB   A GLN A 1 47 ? -8.441  -5.246  -4.253  0.56 34.40  ? 244 GLN A CB   1 
ATOM   670  C CB   B GLN A 1 47 ? -8.506  -5.249  -4.206  0.44 31.42  ? 244 GLN A CB   1 
ATOM   671  C CG   A GLN A 1 47 ? -8.692  -6.645  -3.705  0.56 39.93  ? 244 GLN A CG   1 
ATOM   672  C CG   B GLN A 1 47 ? -9.908  -5.145  -4.775  0.44 36.82  ? 244 GLN A CG   1 
ATOM   673  C CD   A GLN A 1 47 ? -8.968  -7.667  -4.800  0.56 46.10  ? 244 GLN A CD   1 
ATOM   674  C CD   B GLN A 1 47 ? -10.140 -6.084  -5.942  0.44 43.73  ? 244 GLN A CD   1 
ATOM   675  O OE1  A GLN A 1 47 ? -8.373  -8.746  -4.822  0.56 46.17  ? 244 GLN A OE1  1 
ATOM   676  O OE1  B GLN A 1 47 ? -9.418  -7.065  -6.120  0.44 47.45  ? 244 GLN A OE1  1 
ATOM   677  N NE2  A GLN A 1 47 ? -9.874  -7.332  -5.711  0.56 50.33  ? 244 GLN A NE2  1 
ATOM   678  N NE2  B GLN A 1 47 ? -11.151 -5.785  -6.748  0.44 45.76  ? 244 GLN A NE2  1 
ATOM   679  H H    A GLN A 1 47 ? -7.847  -2.950  -4.683  0.56 34.08  ? 244 GLN A H    1 
ATOM   680  H H    B GLN A 1 47 ? -7.844  -2.956  -4.683  0.44 34.08  ? 244 GLN A H    1 
ATOM   681  H HA   A GLN A 1 47 ? -8.995  -4.086  -2.651  0.56 36.00  ? 244 GLN A HA   1 
ATOM   682  H HA   B GLN A 1 47 ? -8.984  -4.053  -2.615  0.44 35.21  ? 244 GLN A HA   1 
ATOM   683  H HB2  A GLN A 1 47 ? -9.220  -4.990  -4.770  0.56 41.28  ? 244 GLN A HB2  1 
ATOM   684  H HB2  B GLN A 1 47 ? -7.879  -5.168  -4.942  0.44 37.70  ? 244 GLN A HB2  1 
ATOM   685  H HB3  A GLN A 1 47 ? -7.665  -5.292  -4.832  0.56 41.28  ? 244 GLN A HB3  1 
ATOM   686  H HB3  B GLN A 1 47 ? -8.416  -6.120  -3.790  0.44 37.70  ? 244 GLN A HB3  1 
ATOM   687  H HG2  A GLN A 1 47 ? -7.908  -6.938  -3.214  0.56 47.92  ? 244 GLN A HG2  1 
ATOM   688  H HG2  B GLN A 1 47 ? -10.548 -5.367  -4.081  0.44 44.18  ? 244 GLN A HG2  1 
ATOM   689  H HG3  A GLN A 1 47 ? -9.463  -6.621  -3.116  0.56 47.92  ? 244 GLN A HG3  1 
ATOM   690  H HG3  B GLN A 1 47 ? -10.057 -4.239  -5.086  0.44 44.18  ? 244 GLN A HG3  1 
ATOM   691  H HE21 A GLN A 1 47 ? -10.272 -6.570  -5.662  0.56 60.39  ? 244 GLN A HE21 1 
ATOM   692  H HE21 B GLN A 1 47 ? -11.633 -5.089  -6.594  0.44 54.91  ? 244 GLN A HE21 1 
ATOM   693  H HE22 A GLN A 1 47 ? -10.065 -7.876  -6.349  0.56 60.39  ? 244 GLN A HE22 1 
ATOM   694  H HE22 B GLN A 1 47 ? -11.324 -6.286  -7.426  0.44 54.91  ? 244 GLN A HE22 1 
ATOM   695  N N    . ALA A 1 48 ? -5.828  -4.495  -2.765  1.00 26.14  ? 245 ALA A N    1 
ATOM   696  C CA   . ALA A 1 48 ? -4.656  -4.878  -1.991  1.00 23.76  ? 245 ALA A CA   1 
ATOM   697  C C    . ALA A 1 48 ? -4.481  -3.961  -0.779  1.00 24.16  ? 245 ALA A C    1 
ATOM   698  O O    . ALA A 1 48 ? -4.220  -4.428  0.333   1.00 22.15  ? 245 ALA A O    1 
ATOM   699  C CB   . ALA A 1 48 ? -3.420  -4.844  -2.869  1.00 24.23  ? 245 ALA A CB   1 
ATOM   700  H H    . ALA A 1 48 ? -5.648  -4.194  -3.550  1.00 31.37  ? 245 ALA A H    1 
ATOM   701  H HA   . ALA A 1 48 ? -4.771  -5.784  -1.669  1.00 28.51  ? 245 ALA A HA   1 
ATOM   702  H HB1  . ALA A 1 48 ? -2.650  -5.100  -2.339  1.00 29.07  ? 245 ALA A HB1  1 
ATOM   703  H HB2  . ALA A 1 48 ? -3.538  -5.466  -3.605  1.00 29.07  ? 245 ALA A HB2  1 
ATOM   704  H HB3  . ALA A 1 48 ? -3.302  -3.944  -3.212  1.00 29.07  ? 245 ALA A HB3  1 
ATOM   705  N N    . VAL A 1 49 ? -4.638  -2.657  -0.994  1.00 23.00  ? 246 VAL A N    1 
ATOM   706  C CA   . VAL A 1 49 ? -4.500  -1.677  0.082   1.00 24.17  ? 246 VAL A CA   1 
ATOM   707  C C    . VAL A 1 49 ? -5.525  -1.918  1.188   1.00 24.10  ? 246 VAL A C    1 
ATOM   708  O O    . VAL A 1 49 ? -5.183  -1.897  2.370   1.00 24.37  ? 246 VAL A O    1 
ATOM   709  C CB   . VAL A 1 49 ? -4.636  -0.230  -0.456  1.00 25.99  ? 246 VAL A CB   1 
ATOM   710  C CG1  . VAL A 1 49 ? -4.861  0.771   0.673   1.00 28.80  ? 246 VAL A CG1  1 
ATOM   711  C CG2  . VAL A 1 49 ? -3.400  0.153   -1.248  1.00 24.31  ? 246 VAL A CG2  1 
ATOM   712  H H    . VAL A 1 49 ? -4.825  -2.312  -1.759  1.00 27.60  ? 246 VAL A H    1 
ATOM   713  H HA   . VAL A 1 49 ? -3.618  -1.765  0.473   1.00 29.01  ? 246 VAL A HA   1 
ATOM   714  H HB   . VAL A 1 49 ? -5.400  -0.184  -1.053  1.00 31.19  ? 246 VAL A HB   1 
ATOM   715  H HG11 . VAL A 1 49 ? -4.940  1.660   0.295   1.00 34.56  ? 246 VAL A HG11 1 
ATOM   716  H HG12 . VAL A 1 49 ? -5.676  0.537   1.144   1.00 34.56  ? 246 VAL A HG12 1 
ATOM   717  H HG13 . VAL A 1 49 ? -4.106  0.734   1.281   1.00 34.56  ? 246 VAL A HG13 1 
ATOM   718  H HG21 . VAL A 1 49 ? -3.504  1.060   -1.576  1.00 29.17  ? 246 VAL A HG21 1 
ATOM   719  H HG22 . VAL A 1 49 ? -2.624  0.097   -0.669  1.00 29.17  ? 246 VAL A HG22 1 
ATOM   720  H HG23 . VAL A 1 49 ? -3.302  -0.459  -1.994  1.00 29.17  ? 246 VAL A HG23 1 
ATOM   721  N N    . ASP A 1 50 ? -6.777  -2.135  0.797   1.00 25.50  ? 247 ASP A N    1 
ATOM   722  C CA   . ASP A 1 50 ? -7.851  -2.382  1.752   1.00 27.11  ? 247 ASP A CA   1 
ATOM   723  C C    . ASP A 1 50 ? -7.556  -3.619  2.594   1.00 25.22  ? 247 ASP A C    1 
ATOM   724  O O    . ASP A 1 50 ? -7.771  -3.626  3.805   1.00 25.73  ? 247 ASP A O    1 
ATOM   725  C CB   . ASP A 1 50 ? -9.186  -2.563  1.026   1.00 33.20  ? 247 ASP A CB   1 
ATOM   726  C CG   . ASP A 1 50 ? -9.736  -1.262  0.471   1.00 41.38  ? 247 ASP A CG   1 
ATOM   727  O OD1  . ASP A 1 50 ? -9.406  -0.187  1.016   1.00 45.01  ? 247 ASP A OD1  1 
ATOM   728  O OD2  . ASP A 1 50 ? -10.507 -1.317  -0.510  1.00 45.32  ? 247 ASP A OD2  1 
ATOM   729  H H    . ASP A 1 50 ? -7.033  -2.143  -0.023  1.00 30.60  ? 247 ASP A H    1 
ATOM   730  H HA   . ASP A 1 50 ? -7.931  -1.621  2.349   1.00 32.54  ? 247 ASP A HA   1 
ATOM   731  H HB2  . ASP A 1 50 ? -9.062  -3.176  0.285   1.00 39.84  ? 247 ASP A HB2  1 
ATOM   732  H HB3  . ASP A 1 50 ? -9.838  -2.923  1.648   1.00 39.84  ? 247 ASP A HB3  1 
ATOM   733  N N    . PHE A 1 51 ? -7.062  -4.666  1.942   1.00 25.69  ? 248 PHE A N    1 
ATOM   734  C CA   . PHE A 1 51 ? -6.716  -5.896  2.637   1.00 25.06  ? 248 PHE A CA   1 
ATOM   735  C C    . PHE A 1 51 ? -5.577  -5.659  3.621   1.00 22.56  ? 248 PHE A C    1 
ATOM   736  O O    . PHE A 1 51 ? -5.666  -6.040  4.785   1.00 22.69  ? 248 PHE A O    1 
ATOM   737  C CB   . PHE A 1 51 ? -6.317  -6.984  1.643   1.00 25.01  ? 248 PHE A CB   1 
ATOM   738  C CG   . PHE A 1 51 ? -5.835  -8.248  2.294   1.00 26.57  ? 248 PHE A CG   1 
ATOM   739  C CD1  . PHE A 1 51 ? -6.737  -9.201  2.734   1.00 31.01  ? 248 PHE A CD1  1 
ATOM   740  C CD2  . PHE A 1 51 ? -4.482  -8.480  2.470   1.00 30.10  ? 248 PHE A CD2  1 
ATOM   741  C CE1  . PHE A 1 51 ? -6.298  -10.364 3.338   1.00 32.45  ? 248 PHE A CE1  1 
ATOM   742  C CE2  . PHE A 1 51 ? -4.037  -9.642  3.070   1.00 35.24  ? 248 PHE A CE2  1 
ATOM   743  C CZ   . PHE A 1 51 ? -4.947  -10.585 3.504   1.00 33.24  ? 248 PHE A CZ   1 
ATOM   744  H H    . PHE A 1 51 ? -6.917  -4.688  1.094   1.00 30.83  ? 248 PHE A H    1 
ATOM   745  H HA   . PHE A 1 51 ? -7.487  -6.209  3.136   1.00 30.07  ? 248 PHE A HA   1 
ATOM   746  H HB2  . PHE A 1 51 ? -7.086  -7.206  1.096   1.00 30.02  ? 248 PHE A HB2  1 
ATOM   747  H HB3  . PHE A 1 51 ? -5.601  -6.648  1.081   1.00 30.02  ? 248 PHE A HB3  1 
ATOM   748  H HD1  . PHE A 1 51 ? -7.649  -9.057  2.623   1.00 37.21  ? 248 PHE A HD1  1 
ATOM   749  H HD2  . PHE A 1 51 ? -3.865  -7.848  2.178   1.00 36.12  ? 248 PHE A HD2  1 
ATOM   750  H HE1  . PHE A 1 51 ? -6.912  -10.999 3.629   1.00 38.94  ? 248 PHE A HE1  1 
ATOM   751  H HE2  . PHE A 1 51 ? -3.126  -9.788  3.183   1.00 42.28  ? 248 PHE A HE2  1 
ATOM   752  H HZ   . PHE A 1 51 ? -4.650  -11.367 3.909   1.00 39.89  ? 248 PHE A HZ   1 
ATOM   753  N N    . LEU A 1 52 ? -4.508  -5.025  3.151   1.00 20.94  ? 249 LEU A N    1 
ATOM   754  C CA   . LEU A 1 52 ? -3.345  -4.780  3.996   1.00 21.92  ? 249 LEU A CA   1 
ATOM   755  C C    . LEU A 1 52 ? -3.703  -3.884  5.178   1.00 22.58  ? 249 LEU A C    1 
ATOM   756  O O    . LEU A 1 52 ? -3.201  -4.071  6.289   1.00 21.29  ? 249 LEU A O    1 
ATOM   757  C CB   . LEU A 1 52 ? -2.218  -4.150  3.176   1.00 21.52  ? 249 LEU A CB   1 
ATOM   758  C CG   . LEU A 1 52 ? -1.620  -5.038  2.084   1.00 23.88  ? 249 LEU A CG   1 
ATOM   759  C CD1  . LEU A 1 52 ? -0.744  -4.215  1.153   1.00 23.67  ? 249 LEU A CD1  1 
ATOM   760  C CD2  . LEU A 1 52 ? -0.827  -6.180  2.691   1.00 24.66  ? 249 LEU A CD2  1 
ATOM   761  H H    . LEU A 1 52 ? -4.431  -4.727  2.348   1.00 25.12  ? 249 LEU A H    1 
ATOM   762  H HA   . LEU A 1 52 ? -3.026  -5.626  4.346   1.00 26.30  ? 249 LEU A HA   1 
ATOM   763  H HB2  . LEU A 1 52 ? -2.561  -3.352  2.746   1.00 25.82  ? 249 LEU A HB2  1 
ATOM   764  H HB3  . LEU A 1 52 ? -1.499  -3.909  3.781   1.00 25.82  ? 249 LEU A HB3  1 
ATOM   765  H HG   . LEU A 1 52 ? -2.340  -5.420  1.557   1.00 28.65  ? 249 LEU A HG   1 
ATOM   766  H HD11 . LEU A 1 52 ? -0.377  -4.796  0.471   1.00 28.41  ? 249 LEU A HD11 1 
ATOM   767  H HD12 . LEU A 1 52 ? -1.285  -3.522  0.743   1.00 28.41  ? 249 LEU A HD12 1 
ATOM   768  H HD13 . LEU A 1 52 ? -0.027  -3.813  1.669   1.00 28.41  ? 249 LEU A HD13 1 
ATOM   769  H HD21 . LEU A 1 52 ? -0.461  -6.724  1.976   1.00 29.60  ? 249 LEU A HD21 1 
ATOM   770  H HD22 . LEU A 1 52 ? -0.109  -5.813  3.230   1.00 29.60  ? 249 LEU A HD22 1 
ATOM   771  H HD23 . LEU A 1 52 ? -1.417  -6.714  3.245   1.00 29.60  ? 249 LEU A HD23 1 
ATOM   772  N N    . SER A 1 53 ? -4.587  -2.922  4.941   1.00 21.54  ? 250 SER A N    1 
ATOM   773  C CA   . SER A 1 53 ? -5.028  -2.013  5.993   1.00 23.52  ? 250 SER A CA   1 
ATOM   774  C C    . SER A 1 53 ? -5.839  -2.742  7.060   1.00 26.37  ? 250 SER A C    1 
ATOM   775  O O    . SER A 1 53 ? -5.596  -2.583  8.256   1.00 28.82  ? 250 SER A O    1 
ATOM   776  C CB   . SER A 1 53 ? -5.861  -0.883  5.393   1.00 27.47  ? 250 SER A CB   1 
ATOM   777  O OG   . SER A 1 53 ? -5.050  -0.010  4.632   1.00 31.19  ? 250 SER A OG   1 
ATOM   778  H H    . SER A 1 53 ? -4.950  -2.773  4.176   1.00 25.84  ? 250 SER A H    1 
ATOM   779  H HA   . SER A 1 53 ? -4.250  -1.621  6.421   1.00 28.23  ? 250 SER A HA   1 
ATOM   780  H HB2  . SER A 1 53 ? -6.542  -1.265  4.818   1.00 32.96  ? 250 SER A HB2  1 
ATOM   781  H HB3  . SER A 1 53 ? -6.277  -0.381  6.112   1.00 32.96  ? 250 SER A HB3  1 
ATOM   782  H HG   . SER A 1 53 ? -4.683  -0.434  4.006   1.00 37.43  ? 250 SER A HG   1 
ATOM   783  N N    A ASN A 1 54 ? -6.806  -3.540  6.619   0.62 24.88  ? 251 ASN A N    1 
ATOM   784  N N    B ASN A 1 54 ? -6.808  -3.539  6.618   0.38 25.51  ? 251 ASN A N    1 
ATOM   785  C CA   A ASN A 1 54 ? -7.652  -4.285  7.542   0.62 25.43  ? 251 ASN A CA   1 
ATOM   786  C CA   B ASN A 1 54 ? -7.657  -4.290  7.534   0.38 25.63  ? 251 ASN A CA   1 
ATOM   787  C C    A ASN A 1 54 ? -6.854  -5.303  8.346   0.62 25.11  ? 251 ASN A C    1 
ATOM   788  C C    B ASN A 1 54 ? -6.856  -5.303  8.345   0.38 25.09  ? 251 ASN A C    1 
ATOM   789  O O    A ASN A 1 54 ? -7.084  -5.476  9.540   0.62 27.37  ? 251 ASN A O    1 
ATOM   790  O O    B ASN A 1 54 ? -7.085  -5.471  9.540   0.38 26.35  ? 251 ASN A O    1 
ATOM   791  C CB   A ASN A 1 54 ? -8.780  -4.989  6.787   0.62 29.38  ? 251 ASN A CB   1 
ATOM   792  C CB   B ASN A 1 54 ? -8.774  -5.004  6.767   0.38 27.88  ? 251 ASN A CB   1 
ATOM   793  C CG   A ASN A 1 54 ? -9.669  -5.808  7.701   0.62 34.62  ? 251 ASN A CG   1 
ATOM   794  C CG   B ASN A 1 54 ? -9.746  -4.036  6.116   0.38 30.65  ? 251 ASN A CG   1 
ATOM   795  O OD1  A ASN A 1 54 ? -9.613  -7.038  7.700   0.62 37.75  ? 251 ASN A OD1  1 
ATOM   796  O OD1  B ASN A 1 54 ? -9.954  -2.924  6.603   0.38 31.50  ? 251 ASN A OD1  1 
ATOM   797  N ND2  A ASN A 1 54 ? -10.487 -5.130  8.496   0.62 33.19  ? 251 ASN A ND2  1 
ATOM   798  N ND2  B ASN A 1 54 ? -10.349 -4.457  5.010   0.38 30.96  ? 251 ASN A ND2  1 
ATOM   799  H H    A ASN A 1 54 ? -6.993  -3.667  5.789   0.62 29.86  ? 251 ASN A H    1 
ATOM   800  H H    B ASN A 1 54 ? -6.994  -3.662  5.787   0.38 30.62  ? 251 ASN A H    1 
ATOM   801  H HA   A ASN A 1 54 ? -8.057  -3.663  8.167   0.62 30.52  ? 251 ASN A HA   1 
ATOM   802  H HA   B ASN A 1 54 ? -8.071  -3.672  8.156   0.38 30.76  ? 251 ASN A HA   1 
ATOM   803  H HB2  A ASN A 1 54 ? -9.333  -4.322  6.350   0.62 35.26  ? 251 ASN A HB2  1 
ATOM   804  H HB2  B ASN A 1 54 ? -8.378  -5.548  6.067   0.38 33.46  ? 251 ASN A HB2  1 
ATOM   805  H HB3  A ASN A 1 54 ? -8.395  -5.586  6.128   0.62 35.26  ? 251 ASN A HB3  1 
ATOM   806  H HB3  B ASN A 1 54 ? -9.273  -5.563  7.382   0.38 33.46  ? 251 ASN A HB3  1 
ATOM   807  H HD21 A ASN A 1 54 ? -11.012 -5.549  9.033   0.62 39.83  ? 251 ASN A HD21 1 
ATOM   808  H HD21 B ASN A 1 54 ? -10.908 -3.947  4.604   0.38 37.16  ? 251 ASN A HD21 1 
ATOM   809  H HD22 A ASN A 1 54 ? -10.493 -4.270  8.474   0.62 39.83  ? 251 ASN A HD22 1 
ATOM   810  H HD22 B ASN A 1 54 ? -10.179 -5.242  4.701   0.38 37.16  ? 251 ASN A HD22 1 
ATOM   811  N N    . GLU A 1 55 ? -5.914  -5.972  7.689   1.00 24.08  ? 252 GLU A N    1 
ATOM   812  C CA   . GLU A 1 55 ? -5.072  -6.959  8.357   1.00 24.00  ? 252 GLU A CA   1 
ATOM   813  C C    . GLU A 1 55 ? -4.132  -6.295  9.357   1.00 23.80  ? 252 GLU A C    1 
ATOM   814  O O    . GLU A 1 55 ? -3.783  -6.887  10.374  1.00 24.33  ? 252 GLU A O    1 
ATOM   815  C CB   . GLU A 1 55 ? -4.256  -7.748  7.332   1.00 27.12  ? 252 GLU A CB   1 
ATOM   816  C CG   . GLU A 1 55 ? -5.093  -8.638  6.424   1.00 32.11  ? 252 GLU A CG   1 
ATOM   817  C CD   . GLU A 1 55 ? -5.622  -9.869  7.128   1.00 35.59  ? 252 GLU A CD   1 
ATOM   818  O OE1  . GLU A 1 55 ? -4.808  -10.616 7.713   1.00 38.44  ? 252 GLU A OE1  1 
ATOM   819  O OE2  . GLU A 1 55 ? -6.850  -10.092 7.096   1.00 38.41  ? 252 GLU A OE2  1 
ATOM   820  H H    A GLU A 1 55 ? -5.742  -5.872  6.851   0.62 28.89  ? 252 GLU A H    1 
ATOM   821  H H    B GLU A 1 55 ? -5.741  -5.872  6.852   0.38 28.89  ? 252 GLU A H    1 
ATOM   822  H HA   . GLU A 1 55 ? -5.636  -7.584  8.840   1.00 28.79  ? 252 GLU A HA   1 
ATOM   823  H HB2  . GLU A 1 55 ? -3.774  -7.122  6.769   1.00 32.54  ? 252 GLU A HB2  1 
ATOM   824  H HB3  . GLU A 1 55 ? -3.628  -8.315  7.805   1.00 32.54  ? 252 GLU A HB3  1 
ATOM   825  H HG2  . GLU A 1 55 ? -5.852  -8.131  6.096   1.00 38.54  ? 252 GLU A HG2  1 
ATOM   826  H HG3  . GLU A 1 55 ? -4.544  -8.931  5.679   1.00 38.54  ? 252 GLU A HG3  1 
ATOM   827  N N    . GLY A 1 56 ? -3.717  -5.068  9.047   1.00 23.09  ? 253 GLY A N    1 
ATOM   828  C CA   . GLY A 1 56 ? -2.851  -4.290  9.917   1.00 23.37  ? 253 GLY A CA   1 
ATOM   829  C C    . GLY A 1 56 ? -1.410  -4.197  9.447   1.00 23.43  ? 253 GLY A C    1 
ATOM   830  O O    . GLY A 1 56 ? -0.541  -3.740  10.191  1.00 25.71  ? 253 GLY A O    1 
ATOM   831  H H    . GLY A 1 56 ? -3.931  -4.660  8.322   1.00 27.70  ? 253 GLY A H    1 
ATOM   832  H HA2  . GLY A 1 56 ? -3.201  -3.389  9.989   1.00 28.05  ? 253 GLY A HA2  1 
ATOM   833  H HA3  . GLY A 1 56 ? -2.853  -4.687  10.802  1.00 28.05  ? 253 GLY A HA3  1 
ATOM   834  N N    . HIS A 1 57 ? -1.152  -4.628  8.216   1.00 22.28  ? 254 HIS A N    1 
ATOM   835  C CA   . HIS A 1 57 ? 0.188   -4.565  7.644   1.00 23.40  ? 254 HIS A CA   1 
ATOM   836  C C    . HIS A 1 57 ? 0.601   -3.134  7.326   1.00 21.63  ? 254 HIS A C    1 
ATOM   837  O O    . HIS A 1 57 ? 1.790   -2.814  7.323   1.00 23.68  ? 254 HIS A O    1 
ATOM   838  C CB   . HIS A 1 57 ? 0.263   -5.386  6.359   1.00 23.55  ? 254 HIS A CB   1 
ATOM   839  C CG   . HIS A 1 57 ? 0.143   -6.861  6.572   1.00 22.95  ? 254 HIS A CG   1 
ATOM   840  N ND1  . HIS A 1 57 ? 1.157   -7.617  7.116   1.00 27.37  ? 254 HIS A ND1  1 
ATOM   841  C CD2  . HIS A 1 57 ? -0.866  -7.721  6.298   1.00 25.03  ? 254 HIS A CD2  1 
ATOM   842  C CE1  . HIS A 1 57 ? 0.776   -8.881  7.176   1.00 26.44  ? 254 HIS A CE1  1 
ATOM   843  N NE2  . HIS A 1 57 ? -0.447  -8.971  6.683   1.00 26.14  ? 254 HIS A NE2  1 
ATOM   844  H H    . HIS A 1 57 ? -1.742  -4.965  7.689   1.00 26.73  ? 254 HIS A H    1 
ATOM   845  H HA   . HIS A 1 57 ? 0.825   -4.932  8.278   1.00 28.08  ? 254 HIS A HA   1 
ATOM   846  H HB2  . HIS A 1 57 ? -0.459  -5.112  5.772   1.00 28.26  ? 254 HIS A HB2  1 
ATOM   847  H HB3  . HIS A 1 57 ? 1.117   -5.218  5.930   1.00 28.26  ? 254 HIS A HB3  1 
ATOM   848  H HD2  . HIS A 1 57 ? -1.688  -7.507  5.920   1.00 30.04  ? 254 HIS A HD2  1 
ATOM   849  H HE1  . HIS A 1 57 ? 1.283   -9.586  7.506   1.00 31.73  ? 254 HIS A HE1  1 
ATOM   850  N N    . ILE A 1 58 ? -0.382  -2.289  7.029   1.00 21.25  ? 255 ILE A N    1 
ATOM   851  C CA   . ILE A 1 58 ? -0.139  -0.880  6.736   1.00 21.72  ? 255 ILE A CA   1 
ATOM   852  C C    . ILE A 1 58 ? -1.196  -0.041  7.437   1.00 22.34  ? 255 ILE A C    1 
ATOM   853  O O    . ILE A 1 58 ? -2.202  -0.569  7.908   1.00 24.36  ? 255 ILE A O    1 
ATOM   854  C CB   . ILE A 1 58 ? -0.179  -0.581  5.212   1.00 22.46  ? 255 ILE A CB   1 
ATOM   855  C CG1  . ILE A 1 58 ? -1.596  -0.775  4.654   1.00 23.79  ? 255 ILE A CG1  1 
ATOM   856  C CG2  . ILE A 1 58 ? 0.834   -1.451  4.479   1.00 22.81  ? 255 ILE A CG2  1 
ATOM   857  C CD1  . ILE A 1 58 ? -1.748  -0.426  3.185   1.00 24.15  ? 255 ILE A CD1  1 
ATOM   858  H H    . ILE A 1 58 ? -1.212  -2.513  6.991   1.00 25.50  ? 255 ILE A H    1 
ATOM   859  H HA   . ILE A 1 58 ? 0.732   -0.624  7.077   1.00 26.06  ? 255 ILE A HA   1 
ATOM   860  H HB   . ILE A 1 58 ? 0.071   0.346   5.081   1.00 26.95  ? 255 ILE A HB   1 
ATOM   861  H HG12 . ILE A 1 58 ? -1.848  -1.705  4.763   1.00 28.55  ? 255 ILE A HG12 1 
ATOM   862  H HG13 . ILE A 1 58 ? -2.207  -0.211  5.155   1.00 28.55  ? 255 ILE A HG13 1 
ATOM   863  H HG21 . ILE A 1 58 ? 0.793   -1.250  3.530   1.00 27.38  ? 255 ILE A HG21 1 
ATOM   864  H HG22 . ILE A 1 58 ? 1.721   -1.259  4.820   1.00 27.38  ? 255 ILE A HG22 1 
ATOM   865  H HG23 . ILE A 1 58 ? 0.616   -2.384  4.628   1.00 27.38  ? 255 ILE A HG23 1 
ATOM   866  H HD11 . ILE A 1 58 ? -2.669  -0.577  2.918   1.00 28.98  ? 255 ILE A HD11 1 
ATOM   867  H HD12 . ILE A 1 58 ? -1.514  0.507   3.056   1.00 28.98  ? 255 ILE A HD12 1 
ATOM   868  H HD13 . ILE A 1 58 ? -1.156  -0.991  2.663   1.00 28.98  ? 255 ILE A HD13 1 
ATOM   869  N N    . TYR A 1 59 ? -0.967  1.266   7.491   1.00 24.63  ? 256 TYR A N    1 
ATOM   870  C CA   . TYR A 1 59 ? -1.935  2.188   8.069   1.00 28.49  ? 256 TYR A CA   1 
ATOM   871  C C    . TYR A 1 59 ? -1.899  3.512   7.331   1.00 28.86  ? 256 TYR A C    1 
ATOM   872  O O    . TYR A 1 59 ? -0.925  3.817   6.646   1.00 28.03  ? 256 TYR A O    1 
ATOM   873  C CB   . TYR A 1 59 ? -1.653  2.412   9.557   1.00 29.10  ? 256 TYR A CB   1 
ATOM   874  C CG   . TYR A 1 59 ? -0.347  3.115   9.855   1.00 28.30  ? 256 TYR A CG   1 
ATOM   875  C CD1  . TYR A 1 59 ? 0.835   2.401   9.998   1.00 30.37  ? 256 TYR A CD1  1 
ATOM   876  C CD2  . TYR A 1 59 ? -0.297  4.495   10.010  1.00 30.82  ? 256 TYR A CD2  1 
ATOM   877  C CE1  . TYR A 1 59 ? 2.031   3.042   10.280  1.00 33.82  ? 256 TYR A CE1  1 
ATOM   878  C CE2  . TYR A 1 59 ? 0.890   5.142   10.291  1.00 31.34  ? 256 TYR A CE2  1 
ATOM   879  C CZ   . TYR A 1 59 ? 2.051   4.411   10.426  1.00 33.72  ? 256 TYR A CZ   1 
ATOM   880  O OH   . TYR A 1 59 ? 3.236   5.055   10.707  1.00 36.68  ? 256 TYR A OH   1 
ATOM   881  H H    . TYR A 1 59 ? -0.254  1.647   7.197   1.00 29.56  ? 256 TYR A H    1 
ATOM   882  H HA   . TYR A 1 59 ? -2.826  1.815   7.981   1.00 34.19  ? 256 TYR A HA   1 
ATOM   883  H HB2  . TYR A 1 59 ? -2.367  2.951   9.930   1.00 34.91  ? 256 TYR A HB2  1 
ATOM   884  H HB3  . TYR A 1 59 ? -1.629  1.550   10.001  1.00 34.91  ? 256 TYR A HB3  1 
ATOM   885  H HD1  . TYR A 1 59 ? 0.824   1.476   9.901   1.00 36.45  ? 256 TYR A HD1  1 
ATOM   886  H HD2  . TYR A 1 59 ? -1.079  4.992   9.921   1.00 36.99  ? 256 TYR A HD2  1 
ATOM   887  H HE1  . TYR A 1 59 ? 2.815   2.551   10.371  1.00 40.58  ? 256 TYR A HE1  1 
ATOM   888  H HE2  . TYR A 1 59 ? 0.906   6.067   10.389  1.00 37.61  ? 256 TYR A HE2  1 
ATOM   889  H HH   . TYR A 1 59 ? 3.861   4.497   10.761  1.00 44.01  ? 256 TYR A HH   1 
ATOM   890  N N    . SER A 1 60 ? -2.966  4.293   7.482   1.00 34.08  ? 257 SER A N    1 
ATOM   891  C CA   . SER A 1 60 ? -3.029  5.631   6.908   1.00 42.49  ? 257 SER A CA   1 
ATOM   892  C C    . SER A 1 60 ? -2.386  6.636   7.862   1.00 50.75  ? 257 SER A C    1 
ATOM   893  O O    . SER A 1 60 ? -2.666  6.628   9.061   1.00 48.21  ? 257 SER A O    1 
ATOM   894  C CB   . SER A 1 60 ? -4.477  6.021   6.610   1.00 46.91  ? 257 SER A CB   1 
ATOM   895  O OG   . SER A 1 60 ? -5.029  5.179   5.613   1.00 51.50  ? 257 SER A OG   1 
ATOM   896  H H    . SER A 1 60 ? -3.673  4.067   7.917   1.00 40.90  ? 257 SER A H    1 
ATOM   897  H HA   . SER A 1 60 ? -2.534  5.644   6.074   1.00 50.99  ? 257 SER A HA   1 
ATOM   898  H HB2  . SER A 1 60 ? -5.001  5.935   7.422   1.00 56.29  ? 257 SER A HB2  1 
ATOM   899  H HB3  . SER A 1 60 ? -4.499  6.940   6.297   1.00 56.29  ? 257 SER A HB3  1 
ATOM   900  H HG   . SER A 1 60 ? -4.584  5.244   4.903   1.00 61.80  ? 257 SER A HG   1 
ATOM   901  N N    . THR A 1 61 ? -1.528  7.502   7.329   1.00 63.07  ? 258 THR A N    1 
ATOM   902  C CA   . THR A 1 61 ? -0.774  8.444   8.155   1.00 73.16  ? 258 THR A CA   1 
ATOM   903  C C    . THR A 1 61 ? -1.658  9.539   8.749   1.00 82.18  ? 258 THR A C    1 
ATOM   904  O O    . THR A 1 61 ? -2.877  9.526   8.579   1.00 83.04  ? 258 THR A O    1 
ATOM   905  C CB   . THR A 1 61 ? 0.353   9.115   7.349   1.00 74.73  ? 258 THR A CB   1 
ATOM   906  H H    . THR A 1 61 ? -1.364  7.566   6.487   1.00 75.68  ? 258 THR A H    1 
ATOM   907  H HA   . THR A 1 61 ? -0.366  7.959   8.890   1.00 87.79  ? 258 THR A HA   1 
ATOM   908  N N    . VAL A 1 62 ? -1.027  10.473  9.460   1.00 88.66  ? 259 VAL A N    1 
ATOM   909  C CA   . VAL A 1 62 ? -1.717  11.630  10.028  1.00 93.48  ? 259 VAL A CA   1 
ATOM   910  C C    . VAL A 1 62 ? -2.448  12.396  8.929   1.00 96.15  ? 259 VAL A C    1 
ATOM   911  O O    . VAL A 1 62 ? -3.515  12.970  9.156   1.00 95.90  ? 259 VAL A O    1 
ATOM   912  C CB   . VAL A 1 62 ? -0.731  12.580  10.730  1.00 94.33  ? 259 VAL A CB   1 
ATOM   913  H H    . VAL A 1 62 ? -0.185  10.457  9.631   1.00 106.39 ? 259 VAL A H    1 
ATOM   914  H HA   . VAL A 1 62 ? -2.370  11.330  10.679  1.00 112.18 ? 259 VAL A HA   1 
ATOM   915  N N    . ASP A 1 63 ? -1.842  12.419  7.745   1.00 97.22  ? 260 ASP A N    1 
ATOM   916  C CA   . ASP A 1 63 ? -2.506  12.896  6.540   1.00 97.11  ? 260 ASP A CA   1 
ATOM   917  C C    . ASP A 1 63 ? -3.407  11.758  6.072   1.00 97.54  ? 260 ASP A C    1 
ATOM   918  O O    . ASP A 1 63 ? -2.958  10.619  5.941   1.00 97.79  ? 260 ASP A O    1 
ATOM   919  C CB   . ASP A 1 63 ? -1.481  13.252  5.463   1.00 97.19  ? 260 ASP A CB   1 
ATOM   920  H H    . ASP A 1 63 ? -1.033  12.159  7.613   1.00 116.66 ? 260 ASP A H    1 
ATOM   921  H HA   . ASP A 1 63 ? -3.049  13.675  6.739   1.00 116.54 ? 260 ASP A HA   1 
ATOM   922  N N    . ASP A 1 64 ? -4.670  12.070  5.810   1.00 96.32  ? 261 ASP A N    1 
ATOM   923  C CA   . ASP A 1 64 ? -5.696  11.050  5.614   1.00 94.38  ? 261 ASP A CA   1 
ATOM   924  C C    . ASP A 1 64 ? -5.545  10.140  4.394   1.00 93.50  ? 261 ASP A C    1 
ATOM   925  O O    . ASP A 1 64 ? -6.299  9.176   4.265   1.00 92.21  ? 261 ASP A O    1 
ATOM   926  C CB   . ASP A 1 64 ? -7.069  11.721  5.555   1.00 93.58  ? 261 ASP A CB   1 
ATOM   927  H H    . ASP A 1 64 ? -4.963  12.876  5.739   1.00 115.58 ? 261 ASP A H    1 
ATOM   928  H HA   . ASP A 1 64 ? -5.695  10.474  6.395   1.00 113.26 ? 261 ASP A HA   1 
ATOM   929  N N    . ASP A 1 65 ? -4.583  10.415  3.513   1.00 94.95  ? 262 ASP A N    1 
ATOM   930  C CA   . ASP A 1 65 ? -4.512  9.689   2.239   1.00 95.51  ? 262 ASP A CA   1 
ATOM   931  C C    . ASP A 1 65 ? -3.201  8.950   1.942   1.00 86.99  ? 262 ASP A C    1 
ATOM   932  O O    . ASP A 1 65 ? -3.066  8.362   0.869   1.00 85.80  ? 262 ASP A O    1 
ATOM   933  C CB   . ASP A 1 65 ? -4.828  10.643  1.080   1.00 104.56 ? 262 ASP A CB   1 
ATOM   934  H H    . ASP A 1 65 ? -3.969  11.007  3.623   1.00 113.95 ? 262 ASP A H    1 
ATOM   935  H HA   . ASP A 1 65 ? -5.212  9.017   2.247   1.00 114.61 ? 262 ASP A HA   1 
ATOM   936  N N    . HIS A 1 66 ? -2.257  8.955   2.881   1.00 78.83  ? 263 HIS A N    1 
ATOM   937  C CA   . HIS A 1 66 ? -0.956  8.308   2.662   1.00 69.03  ? 263 HIS A CA   1 
ATOM   938  C C    . HIS A 1 66 ? -0.768  7.048   3.511   1.00 52.68  ? 263 HIS A C    1 
ATOM   939  O O    . HIS A 1 66 ? -1.369  6.925   4.572   1.00 55.98  ? 263 HIS A O    1 
ATOM   940  C CB   . HIS A 1 66 ? 0.185   9.287   2.940   1.00 77.79  ? 263 HIS A CB   1 
ATOM   941  C CG   . HIS A 1 66 ? 0.302   10.386  1.929   1.00 86.41  ? 263 HIS A CG   1 
ATOM   942  N ND1  . HIS A 1 66 ? -0.740  11.235  1.622   1.00 90.92  ? 263 HIS A ND1  1 
ATOM   943  C CD2  . HIS A 1 66 ? 1.342   10.774  1.152   1.00 89.79  ? 263 HIS A CD2  1 
ATOM   944  C CE1  . HIS A 1 66 ? -0.347  12.097  0.701   1.00 92.88  ? 263 HIS A CE1  1 
ATOM   945  N NE2  . HIS A 1 66 ? 0.913   11.838  0.398   1.00 92.53  ? 263 HIS A NE2  1 
ATOM   946  H H    . HIS A 1 66 ? -2.340  9.325   3.653   1.00 94.59  ? 263 HIS A H    1 
ATOM   947  H HA   . HIS A 1 66 ? -0.896  8.046   1.731   1.00 82.84  ? 263 HIS A HA   1 
ATOM   948  H HB2  . HIS A 1 66 ? 0.041   9.697   3.807   1.00 93.34  ? 263 HIS A HB2  1 
ATOM   949  H HB3  . HIS A 1 66 ? 1.022   8.797   2.943   1.00 93.34  ? 263 HIS A HB3  1 
ATOM   950  H HD2  . HIS A 1 66 ? 2.189   10.389  1.132   1.00 107.75 ? 263 HIS A HD2  1 
ATOM   951  H HE1  . HIS A 1 66 ? -0.869  12.772  0.329   1.00 111.46 ? 263 HIS A HE1  1 
ATOM   952  N N    . PHE A 1 67 ? 0.091   6.136   3.049   1.00 36.72  ? 264 PHE A N    1 
ATOM   953  C CA   . PHE A 1 67 ? 0.263   4.820   3.679   1.00 29.22  ? 264 PHE A CA   1 
ATOM   954  C C    . PHE A 1 67 ? 1.691   4.530   4.144   1.00 27.62  ? 264 PHE A C    1 
ATOM   955  O O    . PHE A 1 67 ? 2.663   4.855   3.457   1.00 25.67  ? 264 PHE A O    1 
ATOM   956  C CB   . PHE A 1 67 ? -0.161  3.718   2.703   1.00 28.14  ? 264 PHE A CB   1 
ATOM   957  C CG   . PHE A 1 67 ? -1.582  3.833   2.233   1.00 30.06  ? 264 PHE A CG   1 
ATOM   958  C CD1  . PHE A 1 67 ? -2.635  3.511   3.075   1.00 32.81  ? 264 PHE A CD1  1 
ATOM   959  C CD2  . PHE A 1 67 ? -1.863  4.263   0.949   1.00 31.62  ? 264 PHE A CD2  1 
ATOM   960  C CE1  . PHE A 1 67 ? -3.943  3.619   2.638   1.00 37.83  ? 264 PHE A CE1  1 
ATOM   961  C CE2  . PHE A 1 67 ? -3.166  4.372   0.508   1.00 35.62  ? 264 PHE A CE2  1 
ATOM   962  C CZ   . PHE A 1 67 ? -4.208  4.051   1.353   1.00 38.42  ? 264 PHE A CZ   1 
ATOM   963  H H    . PHE A 1 67 ? 0.595   6.257   2.362   1.00 44.06  ? 264 PHE A H    1 
ATOM   964  H HA   . PHE A 1 67 ? -0.317  4.769   4.454   1.00 35.06  ? 264 PHE A HA   1 
ATOM   965  H HB2  . PHE A 1 67 ? 0.414   3.755   1.923   1.00 33.77  ? 264 PHE A HB2  1 
ATOM   966  H HB3  . PHE A 1 67 ? -0.063  2.858   3.142   1.00 33.77  ? 264 PHE A HB3  1 
ATOM   967  H HD1  . PHE A 1 67 ? -2.461  3.221   3.940   1.00 39.37  ? 264 PHE A HD1  1 
ATOM   968  H HD2  . PHE A 1 67 ? -1.165  4.483   0.375   1.00 37.95  ? 264 PHE A HD2  1 
ATOM   969  H HE1  . PHE A 1 67 ? -4.645  3.400   3.209   1.00 45.40  ? 264 PHE A HE1  1 
ATOM   970  H HE2  . PHE A 1 67 ? -3.342  4.663   -0.358  1.00 42.74  ? 264 PHE A HE2  1 
ATOM   971  H HZ   . PHE A 1 67 ? -5.086  4.123   1.057   1.00 46.10  ? 264 PHE A HZ   1 
ATOM   972  N N    . LYS A 1 68 ? 1.797   3.902   5.314   1.00 26.16  ? 265 LYS A N    1 
ATOM   973  C CA   . LYS A 1 68 ? 3.079   3.474   5.868   1.00 25.85  ? 265 LYS A CA   1 
ATOM   974  C C    . LYS A 1 68 ? 2.967   2.049   6.383   1.00 25.39  ? 265 LYS A C    1 
ATOM   975  O O    . LYS A 1 68 ? 1.870   1.571   6.668   1.00 24.40  ? 265 LYS A O    1 
ATOM   976  C CB   . LYS A 1 68 ? 3.506   4.388   7.014   1.00 28.42  ? 265 LYS A CB   1 
ATOM   977  C CG   . LYS A 1 68 ? 3.653   5.849   6.630   1.00 32.88  ? 265 LYS A CG   1 
ATOM   978  C CD   . LYS A 1 68 ? 4.365   6.637   7.719   1.00 39.63  ? 265 LYS A CD   1 
ATOM   979  C CE   . LYS A 1 68 ? 3.664   7.945   8.001   1.00 46.43  ? 265 LYS A CE   1 
ATOM   980  N NZ   . LYS A 1 68 ? 4.435   8.769   8.970   1.00 47.69  ? 265 LYS A NZ   1 
ATOM   981  H H    . LYS A 1 68 ? 1.125   3.708   5.815   1.00 31.39  ? 265 LYS A H    1 
ATOM   982  H HA   . LYS A 1 68 ? 3.759   3.502   5.177   1.00 31.02  ? 265 LYS A HA   1 
ATOM   983  H HB2  . LYS A 1 68 ? 2.841   4.335   7.718   1.00 34.10  ? 265 LYS A HB2  1 
ATOM   984  H HB3  . LYS A 1 68 ? 4.364   4.085   7.350   1.00 34.10  ? 265 LYS A HB3  1 
ATOM   985  H HG2  . LYS A 1 68 ? 4.175   5.915   5.815   1.00 39.45  ? 265 LYS A HG2  1 
ATOM   986  H HG3  . LYS A 1 68 ? 2.774   6.236   6.498   1.00 39.45  ? 265 LYS A HG3  1 
ATOM   987  H HD2  . LYS A 1 68 ? 4.377   6.115   8.536   1.00 47.55  ? 265 LYS A HD2  1 
ATOM   988  H HD3  . LYS A 1 68 ? 5.271   6.833   7.433   1.00 47.55  ? 265 LYS A HD3  1 
ATOM   989  H HE2  . LYS A 1 68 ? 3.575   8.446   7.175   1.00 55.71  ? 265 LYS A HE2  1 
ATOM   990  H HE3  . LYS A 1 68 ? 2.790   7.766   8.381   1.00 55.71  ? 265 LYS A HE3  1 
ATOM   991  H HZ1  . LYS A 1 68 ? 4.527   8.330   9.737   1.00 57.23  ? 265 LYS A HZ1  1 
ATOM   992  H HZ2  . LYS A 1 68 ? 5.242   8.949   8.640   1.00 57.23  ? 265 LYS A HZ2  1 
ATOM   993  H HZ3  . LYS A 1 68 ? 4.008   9.535   9.123   1.00 57.23  ? 265 LYS A HZ3  1 
ATOM   994  N N    . SER A 1 69 ? 4.107   1.374   6.504   1.00 28.13  ? 266 SER A N    1 
ATOM   995  C CA   . SER A 1 69 ? 4.140   -0.001  6.985   1.00 31.52  ? 266 SER A CA   1 
ATOM   996  C C    . SER A 1 69 ? 4.151   -0.036  8.506   1.00 30.40  ? 266 SER A C    1 
ATOM   997  O O    . SER A 1 69 ? 4.794   0.790   9.152   1.00 32.84  ? 266 SER A O    1 
ATOM   998  C CB   . SER A 1 69 ? 5.367   -0.734  6.442   1.00 33.80  ? 266 SER A CB   1 
ATOM   999  O OG   . SER A 1 69 ? 5.522   -1.992  7.077   1.00 42.39  ? 266 SER A OG   1 
ATOM   1000 H H    . SER A 1 69 ? 4.882   1.695   6.311   1.00 33.76  ? 266 SER A H    1 
ATOM   1001 H HA   . SER A 1 69 ? 3.346   -0.466  6.676   1.00 37.82  ? 266 SER A HA   1 
ATOM   1002 H HB2  . SER A 1 69 ? 5.257   -0.873  5.488   1.00 40.56  ? 266 SER A HB2  1 
ATOM   1003 H HB3  . SER A 1 69 ? 6.157   -0.197  6.610   1.00 40.56  ? 266 SER A HB3  1 
ATOM   1004 H HG   . SER A 1 69 ? 6.197   -2.387  6.772   1.00 50.87  ? 266 SER A HG   1 
ATOM   1005 N N    . THR A 1 70 ? 3.436   -1.002  9.069   1.00 29.47  ? 267 THR A N    1 
ATOM   1006 C CA   . THR A 1 70 ? 3.382   -1.169  10.513  1.00 32.85  ? 267 THR A CA   1 
ATOM   1007 C C    . THR A 1 70 ? 4.697   -1.748  11.017  1.00 42.82  ? 267 THR A C    1 
ATOM   1008 O O    . THR A 1 70 ? 5.165   -2.776  10.524  1.00 46.46  ? 267 THR A O    1 
ATOM   1009 C CB   . THR A 1 70 ? 2.233   -2.103  10.918  1.00 34.35  ? 267 THR A CB   1 
ATOM   1010 O OG1  . THR A 1 70 ? 0.987   -1.548  10.481  1.00 39.10  ? 267 THR A OG1  1 
ATOM   1011 C CG2  . THR A 1 70 ? 2.192   -2.295  12.429  1.00 36.56  ? 267 THR A CG2  1 
ATOM   1012 H H    . THR A 1 70 ? 2.969   -1.577  8.632   1.00 35.36  ? 267 THR A H    1 
ATOM   1013 H HA   . THR A 1 70 ? 3.242   -0.306  10.935  1.00 39.42  ? 267 THR A HA   1 
ATOM   1014 H HB   . THR A 1 70 ? 2.362   -2.970  10.503  1.00 41.22  ? 267 THR A HB   1 
ATOM   1015 H HG1  . THR A 1 70 ? 0.354   -2.055  10.701  1.00 46.92  ? 267 THR A HG1  1 
ATOM   1016 H HG21 . THR A 1 70 ? 1.462   -2.886  12.668  1.00 43.87  ? 267 THR A HG21 1 
ATOM   1017 H HG22 . THR A 1 70 ? 3.026   -2.683  12.736  1.00 43.87  ? 267 THR A HG22 1 
ATOM   1018 H HG23 . THR A 1 70 ? 2.062   -1.439  12.868  1.00 43.87  ? 267 THR A HG23 1 
ATOM   1019 N N    . ASP A 1 71 ? 5.285   -1.079  12.004  1.00 50.21  ? 268 ASP A N    1 
ATOM   1020 C CA   . ASP A 1 71 ? 6.550   -1.505  12.591  1.00 57.49  ? 268 ASP A CA   1 
ATOM   1021 C C    . ASP A 1 71 ? 6.317   -2.413  13.796  1.00 59.15  ? 268 ASP A C    1 
ATOM   1022 O O    . ASP A 1 71 ? 6.245   -3.634  13.661  1.00 60.38  ? 268 ASP A O    1 
ATOM   1023 C CB   . ASP A 1 71 ? 7.366   -0.283  13.018  1.00 64.41  ? 268 ASP A CB   1 
ATOM   1024 H H    . ASP A 1 71 ? 4.964   -0.362  12.355  1.00 60.25  ? 268 ASP A H    1 
ATOM   1025 H HA   . ASP A 1 71 ? 7.061   -1.997  11.931  1.00 68.99  ? 268 ASP A HA   1 
HETATM 1026 O O    . HOH B 2 .  ? -7.464  -7.417  11.502  1.00 23.14  ? 301 HOH A O    1 
HETATM 1027 O O    . HOH B 2 .  ? 6.935   -4.030  -5.097  1.00 33.36  ? 302 HOH A O    1 
HETATM 1028 O O    . HOH B 2 .  ? 2.809   -3.210  -11.800 1.00 30.97  ? 303 HOH A O    1 
HETATM 1029 O O    . HOH B 2 .  ? 6.783   15.065  4.406   1.00 26.45  ? 304 HOH A O    1 
HETATM 1030 O O    . HOH B 2 .  ? -2.400  -10.119 9.186   1.00 26.69  ? 305 HOH A O    1 
HETATM 1031 O O    . HOH B 2 .  ? 5.250   -9.685  -4.925  1.00 29.87  ? 306 HOH A O    1 
HETATM 1032 O O    . HOH B 2 .  ? 0.550   -8.425  -8.978  1.00 29.24  ? 307 HOH A O    1 
HETATM 1033 O O    . HOH B 2 .  ? 6.959   2.217   5.408   1.00 33.41  ? 308 HOH A O    1 
HETATM 1034 O O    . HOH B 2 .  ? -5.034  -8.404  -3.605  1.00 33.40  ? 309 HOH A O    1 
HETATM 1035 O O    . HOH B 2 .  ? 6.736   9.696   -0.314  1.00 35.04  ? 310 HOH A O    1 
HETATM 1036 O O    . HOH B 2 .  ? -2.146  -11.086 6.110   1.00 30.82  ? 311 HOH A O    1 
HETATM 1037 O O    . HOH B 2 .  ? -4.992  -5.258  -12.219 1.00 30.61  ? 312 HOH A O    1 
HETATM 1038 O O    . HOH B 2 .  ? -6.057  -8.099  -1.606  1.00 31.18  ? 313 HOH A O    1 
HETATM 1039 O O    . HOH B 2 .  ? -4.393  -0.350  9.430   1.00 37.89  ? 314 HOH A O    1 
HETATM 1040 O O    . HOH B 2 .  ? -6.859  -3.270  11.456  1.00 34.31  ? 315 HOH A O    1 
HETATM 1041 O O    . HOH B 2 .  ? -3.487  -13.284 1.386   1.00 30.31  ? 316 HOH A O    1 
HETATM 1042 O O    . HOH B 2 .  ? -9.615  -6.086  -0.239  1.00 34.63  ? 317 HOH A O    1 
HETATM 1043 O O    . HOH B 2 .  ? 10.358  -3.754  0.598   1.00 37.82  ? 318 HOH A O    1 
HETATM 1044 O O    . HOH B 2 .  ? -3.160  9.843   -4.235  1.00 40.39  ? 319 HOH A O    1 
HETATM 1045 O O    . HOH B 2 .  ? -5.092  -7.007  -5.669  1.00 36.47  ? 320 HOH A O    1 
HETATM 1046 O O    . HOH B 2 .  ? 7.577   -6.725  -5.056  1.00 59.75  ? 321 HOH A O    1 
HETATM 1047 O O    . HOH B 2 .  ? 12.633  8.816   7.374   1.00 35.22  ? 322 HOH A O    1 
HETATM 1048 O O    . HOH B 2 .  ? 5.995   -7.936  1.640   1.00 44.61  ? 323 HOH A O    1 
HETATM 1049 O O    . HOH B 2 .  ? 5.243   8.401   -7.531  1.00 45.07  ? 324 HOH A O    1 
HETATM 1050 O O    . HOH B 2 .  ? 3.375   -6.931  7.999   1.00 42.05  ? 325 HOH A O    1 
HETATM 1051 O O    . HOH B 2 .  ? 8.751   2.774   -2.185  1.00 34.80  ? 326 HOH A O    1 
HETATM 1052 O O    . HOH B 2 .  ? -5.223  2.793   8.500   1.00 59.07  ? 327 HOH A O    1 
HETATM 1053 O O    . HOH B 2 .  ? 7.382   5.517   5.390   1.00 40.05  ? 328 HOH A O    1 
HETATM 1054 O O    . HOH B 2 .  ? -2.175  -7.798  -9.481  1.00 36.53  ? 329 HOH A O    1 
HETATM 1055 O O    . HOH B 2 .  ? -9.883  -0.262  -11.932 1.00 36.04  ? 330 HOH A O    1 
HETATM 1056 O O    . HOH B 2 .  ? -5.247  7.152   -13.391 1.00 40.38  ? 331 HOH A O    1 
HETATM 1057 O O    . HOH B 2 .  ? 4.661   -6.299  -13.397 1.00 34.66  ? 332 HOH A O    1 
HETATM 1058 O O    . HOH B 2 .  ? 3.191   7.863   10.944  1.00 37.40  ? 333 HOH A O    1 
HETATM 1059 O O    . HOH B 2 .  ? 1.359   9.145   10.578  1.00 62.05  ? 334 HOH A O    1 
HETATM 1060 O O    . HOH B 2 .  ? 7.734   -10.468 -1.384  1.00 39.58  ? 335 HOH A O    1 
HETATM 1061 O O    . HOH B 2 .  ? 11.666  11.220  8.409   1.00 38.97  ? 336 HOH A O    1 
HETATM 1062 O O    . HOH B 2 .  ? 5.614   11.004  -4.357  1.00 41.58  ? 337 HOH A O    1 
HETATM 1063 O O    . HOH B 2 .  ? 7.237   -2.853  -7.906  1.00 53.32  ? 338 HOH A O    1 
HETATM 1064 O O    . HOH B 2 .  ? 8.853   1.973   -7.383  1.00 59.94  ? 339 HOH A O    1 
HETATM 1065 O O    . HOH B 2 .  ? -0.288  -11.975 9.179   1.00 47.88  ? 340 HOH A O    1 
HETATM 1066 O O    . HOH B 2 .  ? 2.296   -5.843  -11.477 1.00 37.57  ? 341 HOH A O    1 
HETATM 1067 O O    . HOH B 2 .  ? 8.222   8.165   -4.865  1.00 66.15  ? 342 HOH A O    1 
HETATM 1068 O O    . HOH B 2 .  ? 9.330   4.271   -3.790  1.00 68.95  ? 343 HOH A O    1 
HETATM 1069 O O    . HOH B 2 .  ? 12.090  1.984   3.907   1.00 40.17  ? 344 HOH A O    1 
HETATM 1070 O O    . HOH B 2 .  ? -9.912  -8.578  10.279  1.00 40.51  ? 345 HOH A O    1 
HETATM 1071 O O    . HOH B 2 .  ? 11.333  -5.219  -5.722  1.00 46.63  ? 346 HOH A O    1 
HETATM 1072 O O    . HOH B 2 .  ? 12.642  -3.189  -2.431  1.00 43.35  ? 347 HOH A O    1 
HETATM 1073 O O    . HOH B 2 .  ? 13.431  -4.590  -4.838  1.00 51.36  ? 348 HOH A O    1 
HETATM 1074 O O    . HOH B 2 .  ? 9.701   -3.834  -3.863  1.00 50.17  ? 349 HOH A O    1 
HETATM 1075 O O    . HOH B 2 .  ? 10.832  2.764   6.394   1.00 48.34  ? 350 HOH A O    1 
HETATM 1076 O O    . HOH B 2 .  ? 5.453   4.242   3.082   1.00 30.56  ? 351 HOH A O    1 
HETATM 1077 O O    . HOH B 2 .  ? 4.512   -4.290  7.725   1.00 45.78  ? 352 HOH A O    1 
HETATM 1078 O O    . HOH B 2 .  ? -2.727  12.221  2.621   1.00 54.60  ? 353 HOH A O    1 
# 
loop_
_atom_site_anisotrop.id 
_atom_site_anisotrop.type_symbol 
_atom_site_anisotrop.pdbx_label_atom_id 
_atom_site_anisotrop.pdbx_label_alt_id 
_atom_site_anisotrop.pdbx_label_comp_id 
_atom_site_anisotrop.pdbx_label_asym_id 
_atom_site_anisotrop.pdbx_label_seq_id 
_atom_site_anisotrop.pdbx_PDB_ins_code 
_atom_site_anisotrop.U[1][1] 
_atom_site_anisotrop.U[2][2] 
_atom_site_anisotrop.U[3][3] 
_atom_site_anisotrop.U[1][2] 
_atom_site_anisotrop.U[1][3] 
_atom_site_anisotrop.U[2][3] 
_atom_site_anisotrop.pdbx_auth_seq_id 
_atom_site_anisotrop.pdbx_auth_comp_id 
_atom_site_anisotrop.pdbx_auth_asym_id 
_atom_site_anisotrop.pdbx_auth_atom_id 
1    N N   . ASN A 6  ? 1.0021 0.6085 0.5085 -0.0584 -0.1425 0.0764  203 ASN A N   
2    C CA  . ASN A 6  ? 0.9596 0.5883 0.4912 -0.0791 -0.1527 0.0869  203 ASN A CA  
3    C C   . ASN A 6  ? 0.9075 0.5515 0.4843 -0.1384 -0.1366 0.0873  203 ASN A C   
4    O O   . ASN A 6  ? 0.8993 0.6076 0.4828 -0.1583 -0.1362 0.0907  203 ASN A O   
5    C CB  . ASN A 6  ? 0.9526 0.5766 0.4971 -0.0181 -0.1671 0.1012  203 ASN A CB  
6    C CG  . ASN A 6  ? 0.8909 0.5631 0.5086 0.0378  -0.1554 0.1111  203 ASN A CG  
7    O OD1 . ASN A 6  ? 0.8983 0.5581 0.5151 0.0583  -0.1397 0.1195  203 ASN A OD1 
8    N ND2 . ASN A 6  ? 0.8358 0.5767 0.5101 0.0320  -0.1504 0.0970  203 ASN A ND2 
14   N N   . GLY A 7  ? 0.8939 0.3818 0.4867 -0.1440 -0.1283 0.0851  204 GLY A N   
15   C CA  . GLY A 7  ? 0.8631 0.3258 0.4652 -0.1639 -0.1149 0.0970  204 GLY A CA  
16   C C   . GLY A 7  ? 0.7917 0.3573 0.3927 -0.1596 -0.0660 0.0580  204 GLY A C   
17   O O   . GLY A 7  ? 0.8480 0.4506 0.3976 -0.1973 -0.0208 0.0390  204 GLY A O   
21   N N   . LEU A 8  ? 0.6983 0.3121 0.3055 -0.0962 -0.0431 0.0038  205 LEU A N   
22   C CA  . LEU A 8  ? 0.6061 0.2673 0.2630 -0.0531 -0.0188 -0.0236 205 LEU A CA  
23   C C   . LEU A 8  ? 0.6122 0.1895 0.2767 -0.0224 0.0098  -0.0065 205 LEU A C   
24   O O   . LEU A 8  ? 0.6906 0.2291 0.2917 -0.0181 -0.0033 -0.0077 205 LEU A O   
25   C CB  . LEU A 8  ? 0.5788 0.2350 0.2539 -0.0387 0.0001  -0.0538 205 LEU A CB  
26   C CG  . LEU A 8  ? 0.6359 0.3046 0.2603 -0.0576 0.0298  -0.0961 205 LEU A CG  
27   C CD1 . LEU A 8  ? 0.5968 0.3177 0.2694 -0.0583 -0.0583 -0.0921 205 LEU A CD1 
28   C CD2 . LEU A 8  ? 0.7071 0.4408 0.2561 -0.1444 0.0779  -0.1152 205 LEU A CD2 
40   N N   . THR A 9  ? 0.5743 0.2058 0.2397 -0.1019 0.0356  -0.0208 206 THR A N   
41   C CA  . THR A 9  ? 0.5889 0.2347 0.2000 -0.1021 0.0326  -0.0560 206 THR A CA  
42   C C   . THR A 9  ? 0.5524 0.1998 0.2072 -0.0638 0.0180  -0.0482 206 THR A C   
43   O O   . THR A 9  ? 0.5420 0.2012 0.2328 -0.0700 0.0025  -0.0340 206 THR A O   
44   C CB  . THR A 9  ? 0.5509 0.2088 0.2288 -0.1098 0.0170  -0.0137 206 THR A CB  
45   O OG1 . THR A 9  ? 0.4984 0.2433 0.2206 -0.1328 0.0398  -0.0267 206 THR A OG1 
46   C CG2 . THR A 9  ? 0.5135 0.2500 0.2101 -0.1364 0.0401  0.0047  206 THR A CG2 
54   N N   . VAL A 10 ? 0.5449 0.2406 0.2226 -0.0837 0.0291  -0.0663 207 VAL A N   
55   C CA  . VAL A 10 ? 0.5343 0.2332 0.2383 -0.0664 -0.0123 -0.0449 207 VAL A CA  
56   C C   . VAL A 10 ? 0.4451 0.2314 0.2116 -0.0668 0.0150  -0.0532 207 VAL A C   
57   O O   . VAL A 10 ? 0.4028 0.2191 0.2362 -0.0772 0.0065  -0.0552 207 VAL A O   
58   C CB  . VAL A 10 ? 0.5774 0.2477 0.2484 -0.0627 0.0014  -0.0452 207 VAL A CB  
59   C CG1 . VAL A 10 ? 0.5417 0.2980 0.2355 -0.1080 0.0345  -0.0623 207 VAL A CG1 
60   C CG2 . VAL A 10 ? 0.5623 0.3525 0.3001 -0.0459 -0.0481 -0.0277 207 VAL A CG2 
70   N N   . ALA A 11 ? 0.4285 0.2307 0.2125 -0.1147 0.0229  -0.0402 208 ALA A N   
71   C CA  . ALA A 11 ? 0.3745 0.1909 0.2227 -0.1331 0.0663  -0.0354 208 ALA A CA  
72   C C   . ALA A 11 ? 0.3669 0.2123 0.2239 -0.0995 0.0194  -0.0433 208 ALA A C   
73   O O   . ALA A 11 ? 0.3491 0.2094 0.2205 -0.0798 0.0368  -0.0383 208 ALA A O   
74   C CB  . ALA A 11 ? 0.3941 0.2741 0.2249 -0.1218 0.0139  -0.0069 208 ALA A CB  
80   N N   . GLN A 12 ? 0.3687 0.2107 0.2371 -0.1219 0.0278  -0.0403 209 GLN A N   
81   C CA  . GLN A 12 ? 0.3951 0.1821 0.2119 -0.0500 0.0325  -0.0457 209 GLN A CA  
82   C C   . GLN A 12 ? 0.3760 0.2441 0.2131 -0.1157 0.0265  -0.0323 209 GLN A C   
83   O O   . GLN A 12 ? 0.3888 0.2092 0.2224 -0.1052 0.0095  -0.0346 209 GLN A O   
91   N N   . ASN A 13 ? 0.3950 0.2196 0.2204 -0.0505 -0.0037 -0.0359 210 ASN A N   
92   C CA  . ASN A 13 ? 0.3773 0.2741 0.2314 -0.0083 -0.0141 -0.0419 210 ASN A CA  
93   C C   . ASN A 13 ? 0.3974 0.3019 0.2602 -0.0416 -0.0101 -0.0817 210 ASN A C   
94   O O   . ASN A 13 ? 0.3625 0.2740 0.3256 -0.0370 0.0179  -0.1081 210 ASN A O   
101  N N   . GLN A 14 ? 0.3478 0.2329 0.2832 -0.1021 0.0120  -0.1067 211 GLN A N   
102  C CA  . GLN A 14 ? 0.3554 0.2496 0.2940 -0.0984 0.0468  -0.0721 211 GLN A CA  
103  C C   . GLN A 14 ? 0.4311 0.2212 0.2771 -0.0843 0.0381  -0.0397 211 GLN A C   
104  O O   . GLN A 14 ? 0.4529 0.2308 0.2834 -0.1180 0.0095  -0.0414 211 GLN A O   
105  C CB  . GLN A 14 ? 0.4259 0.3028 0.3266 -0.1102 0.0599  -0.0802 211 GLN A CB  
106  C CG  . GLN A 14 ? 0.5893 0.2946 0.3462 -0.0703 0.0047  -0.1144 211 GLN A CG  
107  C CD  . GLN A 14 ? 0.5983 0.4230 0.3990 -0.0234 -0.0319 -0.0885 211 GLN A CD  
108  O OE1 . GLN A 14 ? 0.5571 0.4353 0.4232 0.0305  -0.0386 -0.1190 211 GLN A OE1 
109  N NE2 . GLN A 14 ? 0.7178 0.5311 0.4315 -0.0624 -0.0648 -0.0414 211 GLN A NE2 
118  N N   . VAL A 15 ? 0.3839 0.2341 0.2412 -0.1004 0.0535  -0.0274 212 VAL A N   
119  C CA  . VAL A 15 ? 0.3932 0.2110 0.2258 -0.0736 0.0139  -0.0017 212 VAL A CA  
120  C C   . VAL A 15 ? 0.4158 0.2078 0.2214 -0.1324 0.0200  -0.0129 212 VAL A C   
121  O O   . VAL A 15 ? 0.3893 0.1986 0.2484 -0.1020 0.0316  -0.0132 212 VAL A O   
122  C CB  . VAL A 15 ? 0.3641 0.2370 0.2203 -0.0433 -0.0049 0.0152  212 VAL A CB  
123  C CG1 . VAL A 15 ? 0.3079 0.2408 0.2367 -0.0326 0.0075  0.0269  212 VAL A CG1 
124  C CG2 . VAL A 15 ? 0.3055 0.2360 0.2346 -0.0299 0.0466  0.0100  212 VAL A CG2 
134  N N   . LEU A 16 ? 0.3793 0.1928 0.2184 -0.1022 0.0289  -0.0446 213 LEU A N   
135  C CA  . LEU A 16 ? 0.4095 0.1920 0.2102 -0.0565 -0.0073 -0.0416 213 LEU A CA  
136  C C   . LEU A 16 ? 0.4003 0.1771 0.2504 -0.0309 -0.0083 -0.0430 213 LEU A C   
137  O O   . LEU A 16 ? 0.4039 0.2096 0.2624 -0.0499 -0.0375 -0.0530 213 LEU A O   
138  C CB  . LEU A 16 ? 0.3583 0.2498 0.2180 -0.0672 -0.0252 -0.0364 213 LEU A CB  
139  C CG  . LEU A 16 ? 0.3805 0.2551 0.2326 -0.0083 -0.0330 -0.0481 213 LEU A CG  
140  C CD1 . LEU A 16 ? 0.4036 0.2779 0.2756 -0.0745 -0.0651 -0.0280 213 LEU A CD1 
141  C CD2 . LEU A 16 ? 0.4356 0.2573 0.2309 -0.0063 -0.0450 -0.0083 213 LEU A CD2 
153  N N   . ASN A 17 ? 0.4093 0.2225 0.2489 -0.0565 -0.0273 -0.0768 214 ASN A N   
154  C CA  . ASN A 17 ? 0.3324 0.2687 0.3017 -0.0482 -0.0292 -0.0638 214 ASN A CA  
155  C C   . ASN A 17 ? 0.3416 0.2768 0.3188 -0.0508 0.0622  -0.0915 214 ASN A C   
156  O O   . ASN A 17 ? 0.4233 0.2879 0.3598 -0.1236 0.0387  -0.1014 214 ASN A O   
157  C CB  . ASN A 17 ? 0.3648 0.2986 0.3566 -0.0575 -0.0331 -0.0754 214 ASN A CB  
158  C CG  . ASN A 17 ? 0.5200 0.3484 0.3981 -0.0217 -0.0149 -0.0638 214 ASN A CG  
159  O OD1 . ASN A 17 ? 0.6081 0.2862 0.4640 -0.0145 -0.0411 -0.0360 214 ASN A OD1 
160  N ND2 . ASN A 17 ? 0.6221 0.3832 0.4080 0.0142  -0.0003 -0.0828 214 ASN A ND2 
167  N N   . LEU A 18 ? 0.3115 0.2544 0.3540 -0.0760 -0.0035 -0.0730 215 LEU A N   
168  C CA  . LEU A 18 ? 0.2787 0.2564 0.3591 -0.0723 0.0110  -0.0541 215 LEU A CA  
169  C C   . LEU A 18 ? 0.3170 0.2423 0.3444 -0.0616 -0.0039 -0.0496 215 LEU A C   
170  O O   . LEU A 18 ? 0.3818 0.2437 0.4087 -0.0915 0.0037  -0.0780 215 LEU A O   
171  C CB  . LEU A 18 ? 0.4188 0.2705 0.3720 -0.0273 0.0434  -0.0179 215 LEU A CB  
172  C CG  . LEU A 18 ? 0.5074 0.3905 0.3854 -0.0945 0.0500  -0.0128 215 LEU A CG  
173  C CD1 . LEU A 18 ? 0.5519 0.4201 0.3911 -0.1287 0.0381  0.0008  215 LEU A CD1 
174  C CD2 . LEU A 18 ? 0.5608 0.5057 0.3685 -0.1087 0.0502  -0.0013 215 LEU A CD2 
186  N N   . ILE A 19 ? 0.3333 0.2337 0.3128 -0.1063 0.0040  -0.0373 216 ILE A N   
187  C CA  . ILE A 19 ? 0.4066 0.1881 0.3094 -0.0983 -0.0490 -0.0120 216 ILE A CA  
188  C C   . ILE A 19 ? 0.4742 0.2257 0.3505 -0.0833 -0.0163 -0.0851 216 ILE A C   
189  O O   . ILE A 19 ? 0.4780 0.2715 0.4298 -0.1104 0.0106  -0.0967 216 ILE A O   
190  C CB  . ILE A 19 ? 0.4244 0.1866 0.2417 -0.0966 -0.0319 -0.0001 216 ILE A CB  
191  C CG1 . ILE A 19 ? 0.4460 0.1766 0.1962 -0.0824 0.0196  -0.0142 216 ILE A CG1 
192  C CG2 . ILE A 19 ? 0.4734 0.2240 0.2084 -0.0772 -0.0182 -0.0345 216 ILE A CG2 
193  C CD1 . ILE A 19 ? 0.4397 0.2014 0.2088 -0.1154 0.0377  0.0010  216 ILE A CD1 
205  N N   . LYS A 20 ? 0.4008 0.2699 0.3588 -0.0699 -0.0751 -0.1010 217 LYS A N   
206  C CA  . LYS A 20 ? 0.4124 0.3095 0.4244 -0.0198 -0.0963 -0.1084 217 LYS A CA  
207  C C   . LYS A 20 ? 0.4355 0.2734 0.4947 -0.0219 -0.1318 -0.1109 217 LYS A C   
208  O O   . LYS A 20 ? 0.4519 0.3908 0.4871 -0.0248 -0.1759 -0.1061 217 LYS A O   
209  C CB  . LYS A 20 ? 0.4750 0.3752 0.4343 -0.0046 -0.1400 -0.0920 217 LYS A CB  
210  C CG  . LYS A 20 ? 0.6364 0.4046 0.4635 -0.0324 -0.1294 -0.0965 217 LYS A CG  
211  C CD  . LYS A 20 ? 0.7423 0.4677 0.5182 -0.0539 -0.1263 -0.0837 217 LYS A CD  
212  C CE  . LYS A 20 ? 0.8305 0.5190 0.5599 -0.0606 -0.1218 -0.0754 217 LYS A CE  
213  N NZ  . LYS A 20 ? 0.8756 0.5497 0.5746 -0.0616 -0.1286 -0.0693 217 LYS A NZ  
227  N N   . ALA A 21 ? 0.4600 0.2523 0.5681 -0.0403 -0.0922 -0.0934 218 ALA A N   
228  C CA  . ALA A 21 ? 0.4132 0.3130 0.5770 -0.0732 -0.0886 -0.0897 218 ALA A CA  
229  C C   . ALA A 21 ? 0.3911 0.3493 0.5571 -0.1248 -0.0506 -0.1021 218 ALA A C   
230  O O   . ALA A 21 ? 0.3991 0.4301 0.5686 -0.0982 -0.0297 -0.1022 218 ALA A O   
231  C CB  . ALA A 21 ? 0.5186 0.3353 0.5712 -0.0565 -0.0524 -0.1035 218 ALA A CB  
237  N N   . SCH A 22 ? 0.4259 0.2946 0.5027 -0.1074 -0.0377 -0.0982 219 SCH A N   
238  C CA  . SCH A 22 ? 0.4950 0.2971 0.4202 -0.0870 -0.0501 -0.0732 219 SCH A CA  
239  C CB  . SCH A 22 ? 0.5169 0.2593 0.3921 -0.0369 -0.0437 -0.0822 219 SCH A CB  
240  S SG  . SCH A 22 ? 0.4884 0.2841 0.3819 -0.0760 -0.0949 -0.0752 219 SCH A SG  
241  S SD  . SCH A 22 ? 0.5589 0.3668 0.4271 -0.0819 -0.0605 -0.0833 219 SCH A SD  
242  C CE  . SCH A 22 ? 0.5824 0.4827 0.4312 -0.0920 -0.0254 -0.0665 219 SCH A CE  
243  C C   . SCH A 22 ? 0.4603 0.2643 0.4223 -0.1496 -0.0912 -0.0421 219 SCH A C   
244  O O   . SCH A 22 ? 0.4861 0.2219 0.3966 -0.0836 -0.0652 0.0126  219 SCH A O   
251  N N   . PRO A 23 ? 0.5272 0.2752 0.4418 -0.1118 -0.1096 -0.0178 220 PRO A N   
252  C CA  . PRO A 23 ? 0.5104 0.3044 0.4445 -0.1637 -0.1559 -0.0090 220 PRO A CA  
253  C C   . PRO A 23 ? 0.5569 0.2691 0.3886 -0.1050 -0.0831 -0.0159 220 PRO A C   
254  O O   . PRO A 23 ? 0.6613 0.2728 0.4078 -0.1089 -0.0664 -0.0170 220 PRO A O   
255  C CB  . PRO A 23 ? 0.5590 0.3243 0.4727 -0.1361 -0.1409 -0.0133 220 PRO A CB  
256  C CG  . PRO A 23 ? 0.5571 0.3253 0.4783 -0.1111 -0.1310 -0.0087 220 PRO A CG  
257  C CD  . PRO A 23 ? 0.5651 0.2591 0.4949 -0.1157 -0.1134 -0.0098 220 PRO A CD  
265  N N   . ARG A 24 ? 0.5597 0.2026 0.3585 -0.1297 -0.0773 -0.0080 221 ARG A N   
266  C CA  . ARG A 24 ? 0.5392 0.2002 0.3180 -0.1280 -0.0435 -0.0076 221 ARG A CA  
267  C C   . ARG A 24 ? 0.5180 0.3008 0.2831 -0.1816 -0.0344 -0.0041 221 ARG A C   
268  O O   . ARG A 24 ? 0.5958 0.3305 0.2892 -0.2341 -0.0415 0.0050  221 ARG A O   
269  C CB  . ARG A 24 ? 0.4869 0.1930 0.2978 -0.0787 -0.0135 -0.0036 221 ARG A CB  
270  C CG  . ARG A 24 ? 0.5055 0.2823 0.2583 -0.1319 0.0479  -0.0358 221 ARG A CG  
271  C CD  . ARG A 24 ? 0.5758 0.2845 0.2244 -0.1138 0.0388  -0.0302 221 ARG A CD  
272  N NE  . ARG A 24 ? 0.5324 0.2126 0.2663 -0.0846 0.0045  -0.0296 221 ARG A NE  
273  C CZ  . ARG A 24 ? 0.4946 0.2459 0.3037 -0.1372 -0.0553 -0.0191 221 ARG A CZ  
274  N NH1 . ARG A 24 ? 0.5657 0.1910 0.2533 -0.0747 -0.0143 -0.0235 221 ARG A NH1 
275  N NH2 . ARG A 24 ? 0.4688 0.2809 0.3506 -0.1247 0.0257  -0.1097 221 ARG A NH2 
289  N N   . PRO A 25 ? 0.5607 0.2678 0.2612 -0.1681 0.0150  -0.0401 222 PRO A N   
290  C CA  . PRO A 25 ? 0.5800 0.3369 0.3003 -0.2163 0.0716  -0.0339 222 PRO A CA  
291  C C   . PRO A 25 ? 0.5797 0.3540 0.3221 -0.2176 0.1082  -0.0091 222 PRO A C   
292  O O   . PRO A 25 ? 0.6674 0.4381 0.3590 -0.2238 0.0708  0.0327  222 PRO A O   
293  C CB  . PRO A 25 ? 0.6126 0.3738 0.2811 -0.2021 0.0141  -0.0526 222 PRO A CB  
294  C CG  . PRO A 25 ? 0.6070 0.2599 0.2805 -0.1603 -0.0347 -0.0453 222 PRO A CG  
295  C CD  . PRO A 25 ? 0.5908 0.2546 0.2533 -0.1339 -0.0479 -0.0535 222 PRO A CD  
303  N N   . GLU A 26 ? 0.5718 0.3983 0.2902 -0.1755 0.0955  -0.0498 223 GLU A N   
304  C CA  . GLU A 26 ? 0.5750 0.3981 0.3221 -0.1654 0.0998  -0.0355 223 GLU A CA  
305  C C   . GLU A 26 ? 0.5251 0.3837 0.3883 -0.2373 0.1007  0.0090  223 GLU A C   
306  O O   . GLU A 26 ? 0.5901 0.4076 0.4593 -0.2531 0.0759  0.0018  223 GLU A O   
307  C CB  . GLU A 26 ? 0.5177 0.3043 0.3618 -0.1532 0.0808  -0.0298 223 GLU A CB  
308  C CG  . GLU A 26 ? 0.4831 0.2567 0.3680 -0.1146 0.0712  -0.0070 223 GLU A CG  
309  C CD  . GLU A 26 ? 0.4301 0.2845 0.3525 -0.1617 0.0739  -0.0082 223 GLU A CD  
310  O OE1 . GLU A 26 ? 0.5207 0.3025 0.3370 -0.1601 0.0219  0.0049  223 GLU A OE1 
311  O OE2 . GLU A 26 ? 0.4945 0.3526 0.3130 -0.1816 0.0715  -0.0064 223 GLU A OE2 
318  N N   . GLY A 27 ? 0.5495 0.3083 0.3792 -0.2143 0.0210  0.0510  224 GLY A N   
319  C CA  . GLY A 27 ? 0.5270 0.3105 0.3375 -0.2022 0.0146  0.0710  224 GLY A CA  
320  C C   . GLY A 27 ? 0.5912 0.3078 0.3206 -0.1943 0.0294  0.0523  224 GLY A C   
321  O O   . GLY A 27 ? 0.6215 0.3204 0.3504 -0.2279 0.0142  0.0423  224 GLY A O   
325  N N   . LEU A 28 ? 0.4973 0.2413 0.3302 -0.1544 0.0249  0.0385  225 LEU A N   
326  C CA  . LEU A 28 ? 0.5008 0.2787 0.3252 -0.1361 0.0523  0.0321  225 LEU A CA  
327  C C   . LEU A 28 ? 0.4889 0.2709 0.3083 -0.0865 0.0337  0.0661  225 LEU A C   
328  O O   . LEU A 28 ? 0.4667 0.3433 0.3545 -0.0854 0.0081  0.0804  225 LEU A O   
329  C CB  . LEU A 28 ? 0.4583 0.2761 0.3707 -0.1486 0.0197  0.0225  225 LEU A CB  
330  C CG  . LEU A 28 ? 0.5015 0.3285 0.3735 -0.1334 0.0219  0.0254  225 LEU A CG  
331  C CD1 . LEU A 28 ? 0.4856 0.3437 0.3670 -0.2074 0.0358  0.0112  225 LEU A CD1 
332  C CD2 . LEU A 28 ? 0.4892 0.3541 0.3844 -0.1777 0.0261  0.0276  225 LEU A CD2 
344  N N   . ASN A 29 ? 0.5344 0.2935 0.2884 -0.1045 0.0186  0.0394  226 ASN A N   
345  C CA  . ASN A 29 ? 0.5431 0.3759 0.2629 -0.0774 -0.0010 0.0177  226 ASN A CA  
346  C C   . ASN A 29 ? 0.4369 0.3213 0.2879 -0.0345 0.0133  0.0088  226 ASN A C   
347  O O   . ASN A 29 ? 0.4901 0.2752 0.2836 -0.0576 0.0257  0.0484  226 ASN A O   
348  C CB  . ASN A 29 ? 0.6509 0.3372 0.3016 -0.0463 -0.0627 -0.0057 226 ASN A CB  
349  C CG  . ASN A 29 ? 0.7561 0.2786 0.3475 -0.0762 -0.0573 0.0150  226 ASN A CG  
350  O OD1 . ASN A 29 ? 0.8040 0.3051 0.3402 -0.1815 -0.0819 0.0397  226 ASN A OD1 
351  N ND2 . ASN A 29 ? 0.8064 0.3478 0.3562 -0.0981 -0.0503 -0.0073 226 ASN A ND2 
358  N N   A PHE A 30 ? 0.5058 0.3096 0.3057 -0.0161 0.0316  -0.0078 227 PHE A N   
359  N N   B PHE A 30 ? 0.5151 0.3134 0.3180 -0.0279 0.0382  -0.0034 227 PHE A N   
360  C CA  A PHE A 30 ? 0.5395 0.3009 0.3124 0.0033  0.0253  -0.0294 227 PHE A CA  
361  C CA  B PHE A 30 ? 0.5586 0.2968 0.3258 -0.0064 0.0256  -0.0277 227 PHE A CA  
362  C C   A PHE A 30 ? 0.5348 0.3064 0.3243 -0.0778 0.0224  -0.0346 227 PHE A C   
363  C C   B PHE A 30 ? 0.5676 0.3180 0.3225 -0.0672 0.0196  -0.0342 227 PHE A C   
364  O O   A PHE A 30 ? 0.5001 0.3172 0.3503 -0.1117 0.0473  -0.0454 227 PHE A O   
365  O O   B PHE A 30 ? 0.5935 0.3505 0.3322 -0.0602 0.0440  -0.0485 227 PHE A O   
366  C CB  A PHE A 30 ? 0.5051 0.3441 0.2953 0.0407  0.0092  -0.0304 227 PHE A CB  
367  C CB  B PHE A 30 ? 0.5107 0.3344 0.3244 0.0034  0.0088  -0.0215 227 PHE A CB  
368  C CG  A PHE A 30 ? 0.5049 0.3966 0.2799 0.0481  -0.0013 -0.0311 227 PHE A CG  
369  C CG  B PHE A 30 ? 0.5118 0.3510 0.3405 -0.0186 -0.0080 -0.0191 227 PHE A CG  
370  C CD1 A PHE A 30 ? 0.5254 0.4030 0.2816 0.0460  -0.0130 -0.0256 227 PHE A CD1 
371  C CD1 B PHE A 30 ? 0.5358 0.3369 0.3255 -0.0122 -0.0255 -0.0063 227 PHE A CD1 
372  C CD2 A PHE A 30 ? 0.4760 0.4228 0.2636 0.0661  0.0196  -0.0365 227 PHE A CD2 
373  C CD2 B PHE A 30 ? 0.4770 0.3993 0.3179 -0.0043 -0.0336 -0.0162 227 PHE A CD2 
374  C CE1 A PHE A 30 ? 0.5439 0.4145 0.2795 0.0577  -0.0085 -0.0225 227 PHE A CE1 
375  C CE1 B PHE A 30 ? 0.4586 0.3321 0.3142 -0.0209 -0.0809 0.0014  227 PHE A CE1 
376  C CE2 A PHE A 30 ? 0.4780 0.4423 0.2617 0.0533  0.0091  -0.0313 227 PHE A CE2 
377  C CE2 B PHE A 30 ? 0.4834 0.3602 0.2959 0.0325  -0.0939 -0.0070 227 PHE A CE2 
378  C CZ  A PHE A 30 ? 0.5026 0.4361 0.2756 0.0414  -0.0104 -0.0176 227 PHE A CZ  
379  C CZ  B PHE A 30 ? 0.4078 0.2894 0.2984 -0.0119 -0.0988 -0.0004 227 PHE A CZ  
398  N N   . GLN A 31 ? 0.5874 0.2910 0.3052 -0.0960 -0.0005 -0.0361 228 GLN A N   
399  C CA  . GLN A 31 ? 0.5785 0.2961 0.3023 -0.1404 -0.0245 0.0133  228 GLN A CA  
400  C C   . GLN A 31 ? 0.6019 0.2923 0.2804 -0.1286 -0.0269 0.0349  228 GLN A C   
401  O O   . GLN A 31 ? 0.5966 0.3335 0.2796 -0.1904 -0.0249 0.0333  228 GLN A O   
402  C CB  . GLN A 31 ? 0.6154 0.3472 0.3269 -0.1604 -0.0426 0.0297  228 GLN A CB  
403  C CG  . GLN A 31 ? 0.6945 0.4976 0.3466 -0.1827 -0.0840 0.0456  228 GLN A CG  
404  C CD  . GLN A 31 ? 0.7261 0.6073 0.3472 -0.1593 -0.0769 0.0583  228 GLN A CD  
405  O OE1 . GLN A 31 ? 0.7292 0.5594 0.3950 -0.1705 -0.1053 0.0792  228 GLN A OE1 
406  N NE2 . GLN A 31 ? 0.7565 0.7297 0.2829 -0.1237 -0.0676 0.0666  228 GLN A NE2 
416  N N   . ASP A 32 ? 0.5342 0.2713 0.2714 -0.1338 -0.0396 0.0250  229 ASP A N   
417  C CA  . ASP A 32 ? 0.4947 0.3140 0.2721 -0.1488 -0.0095 0.0030  229 ASP A CA  
418  C C   . ASP A 32 ? 0.4056 0.3234 0.2609 -0.1537 0.0143  0.0142  229 ASP A C   
419  O O   . ASP A 32 ? 0.4252 0.3463 0.2954 -0.1505 0.0146  0.0403  229 ASP A O   
420  C CB  . ASP A 32 ? 0.4304 0.3435 0.2803 -0.1773 0.0228  -0.0187 229 ASP A CB  
421  C CG  . ASP A 32 ? 0.5958 0.3337 0.3478 -0.2087 0.0062  0.0374  229 ASP A CG  
422  O OD1 . ASP A 32 ? 0.6748 0.4009 0.3420 -0.1834 -0.0439 0.0443  229 ASP A OD1 
423  O OD2 . ASP A 32 ? 0.5711 0.3532 0.3528 -0.1619 0.0065  0.0411  229 ASP A OD2 
428  N N   . LEU A 33 ? 0.4381 0.3225 0.2446 -0.1346 0.0072  0.0011  230 LEU A N   
429  C CA  . LEU A 33 ? 0.3909 0.1895 0.2758 -0.0507 0.0198  -0.0005 230 LEU A CA  
430  C C   . LEU A 33 ? 0.4842 0.2462 0.2722 -0.1545 0.0031  0.0017  230 LEU A C   
431  O O   . LEU A 33 ? 0.5232 0.2974 0.2628 -0.1571 0.0074  0.0208  230 LEU A O   
432  C CB  . LEU A 33 ? 0.4359 0.2458 0.2703 -0.0778 0.0079  0.0224  230 LEU A CB  
433  C CG  . LEU A 33 ? 0.4258 0.2785 0.2889 -0.1018 0.0215  0.0348  230 LEU A CG  
434  C CD1 . LEU A 33 ? 0.3387 0.3781 0.2542 -0.0845 -0.0050 0.0160  230 LEU A CD1 
435  C CD2 . LEU A 33 ? 0.4579 0.4496 0.3130 -0.1835 0.0558  0.0606  230 LEU A CD2 
447  N N   . LYS A 34 ? 0.5254 0.2337 0.2377 -0.1206 0.0248  -0.0011 231 LYS A N   
448  C CA  . LYS A 34 ? 0.5415 0.2576 0.2535 -0.1539 0.0269  0.0062  231 LYS A CA  
449  C C   . LYS A 34 ? 0.5318 0.2566 0.2573 -0.1868 0.0429  0.0012  231 LYS A C   
450  O O   . LYS A 34 ? 0.5097 0.3449 0.2521 -0.1957 0.0668  -0.0246 231 LYS A O   
451  C CB  . LYS A 34 ? 0.5918 0.3248 0.2391 -0.1605 0.0442  0.0035  231 LYS A CB  
452  C CG  . LYS A 34 ? 0.6141 0.3182 0.3023 -0.1786 0.0502  -0.0001 231 LYS A CG  
453  C CD  . LYS A 34 ? 0.7421 0.3187 0.3368 -0.1154 0.0701  0.0174  231 LYS A CD  
454  C CE  . LYS A 34 ? 0.7826 0.3378 0.3579 -0.0861 0.0504  0.0219  231 LYS A CE  
455  N NZ  . LYS A 34 ? 0.8339 0.3847 0.3995 -0.0627 0.0124  0.0380  231 LYS A NZ  
469  N N   . ASN A 35 ? 0.5712 0.2569 0.2718 -0.1776 0.0585  0.0132  232 ASN A N   
470  C CA  . ASN A 35 ? 0.5903 0.2806 0.3193 -0.1798 0.0695  0.0387  232 ASN A CA  
471  C C   . ASN A 35 ? 0.4640 0.3941 0.3186 -0.2110 0.0930  0.0194  232 ASN A C   
472  O O   . ASN A 35 ? 0.5388 0.4965 0.2916 -0.1552 0.0869  0.0002  232 ASN A O   
473  C CB  . ASN A 35 ? 0.6238 0.2999 0.3528 -0.1939 0.0529  0.0441  232 ASN A CB  
474  C CG  . ASN A 35 ? 0.7376 0.4109 0.3580 -0.2219 0.0504  0.0437  232 ASN A CG  
475  O OD1 . ASN A 35 ? 0.7293 0.3905 0.3480 -0.1740 0.0061  0.1043  232 ASN A OD1 
476  N ND2 . ASN A 35 ? 0.8364 0.3732 0.3884 -0.2089 0.0845  0.0224  232 ASN A ND2 
483  N N   . GLN A 36 ? 0.4511 0.3551 0.3293 -0.2110 0.0666  0.0053  233 GLN A N   
484  C CA  . GLN A 36 ? 0.4441 0.4118 0.3705 -0.2056 0.0772  -0.0322 233 GLN A CA  
485  C C   . GLN A 36 ? 0.4429 0.4038 0.3517 -0.1693 0.1071  -0.0541 233 GLN A C   
486  O O   . GLN A 36 ? 0.5088 0.5341 0.4097 -0.1611 0.0859  -0.0541 233 GLN A O   
487  C CB  . GLN A 36 ? 0.4279 0.4917 0.4149 -0.1916 0.0539  -0.0393 233 GLN A CB  
488  C CG  . GLN A 36 ? 0.5131 0.5922 0.4669 -0.1939 0.0137  -0.0248 233 GLN A CG  
489  C CD  . GLN A 36 ? 0.6543 0.6319 0.5256 -0.1979 0.0412  -0.0306 233 GLN A CD  
490  O OE1 . GLN A 36 ? 0.7616 0.6470 0.5527 -0.1598 0.0624  -0.0299 233 GLN A OE1 
491  N NE2 . GLN A 36 ? 0.6466 0.6529 0.5587 -0.2545 0.0434  -0.0351 233 GLN A NE2 
500  N N   . LEU A 37 ? 0.4958 0.2637 0.2997 -0.1441 0.0926  -0.0044 234 LEU A N   
501  C CA  . LEU A 37 ? 0.5441 0.2231 0.2680 -0.0597 0.1021  0.0112  234 LEU A CA  
502  C C   . LEU A 37 ? 0.4830 0.2626 0.2516 -0.0595 0.0674  0.0112  234 LEU A C   
503  O O   . LEU A 37 ? 0.4895 0.2484 0.2408 -0.0668 0.0524  0.0066  234 LEU A O   
504  C CB  . LEU A 37 ? 0.4717 0.2604 0.2649 -0.0887 0.0968  0.0017  234 LEU A CB  
505  C CG  . LEU A 37 ? 0.5876 0.2775 0.2910 -0.1184 0.0111  0.0434  234 LEU A CG  
506  C CD1 . LEU A 37 ? 0.5962 0.3972 0.2680 -0.2010 0.0248  0.0726  234 LEU A CD1 
507  C CD2 . LEU A 37 ? 0.6428 0.2940 0.2824 -0.0609 -0.0287 0.0789  234 LEU A CD2 
519  N N   . LYS A 38 ? 0.4905 0.3168 0.2667 -0.1199 0.0464  0.0220  235 LYS A N   
520  C CA  . LYS A 38 ? 0.5000 0.3108 0.2555 -0.1241 0.0366  0.0207  235 LYS A CA  
521  C C   . LYS A 38 ? 0.5409 0.2551 0.2584 -0.0845 0.0325  0.0082  235 LYS A C   
522  O O   . LYS A 38 ? 0.6015 0.2506 0.2964 -0.0649 0.0206  0.0134  235 LYS A O   
523  C CB  . LYS A 38 ? 0.5584 0.4129 0.2471 -0.1145 0.0461  0.0362  235 LYS A CB  
524  C CG  . LYS A 38 ? 0.6269 0.5090 0.3015 -0.1363 0.0275  0.0599  235 LYS A CG  
525  C CD  . LYS A 38 ? 0.6914 0.5998 0.3305 -0.1208 0.0420  0.0404  235 LYS A CD  
526  C CE  . LYS A 38 ? 0.7724 0.6272 0.3431 -0.1046 0.0557  0.0307  235 LYS A CE  
527  N NZ  . LYS A 38 ? 0.7711 0.6939 0.3645 -0.1027 0.0924  -0.0018 235 LYS A NZ  
541  N N   . HIS A 39 ? 0.5583 0.2466 0.2548 -0.0274 0.0550  0.0067  236 HIS A N   
542  C CA  . HIS A 39 ? 0.5552 0.2632 0.2915 -0.1227 0.0873  -0.0187 236 HIS A CA  
543  C C   . HIS A 39 ? 0.5953 0.2919 0.2567 -0.1319 0.0663  -0.0720 236 HIS A C   
544  O O   . HIS A 39 ? 0.6022 0.4029 0.3169 -0.2166 0.1045  -0.1251 236 HIS A O   
545  C CB  . HIS A 39 ? 0.5337 0.2679 0.3109 -0.0698 0.1247  -0.0380 236 HIS A CB  
546  C CG  . HIS A 39 ? 0.6767 0.3011 0.3412 0.0094  0.1465  -0.0496 236 HIS A CG  
547  N ND1 . HIS A 39 ? 0.8170 0.4875 0.3391 -0.0368 0.1115  -0.0353 236 HIS A ND1 
548  C CD2 . HIS A 39 ? 0.7244 0.2680 0.3867 0.0231  0.1585  -0.0391 236 HIS A CD2 
549  C CE1 . HIS A 39 ? 0.7784 0.4958 0.3696 -0.0700 0.1442  -0.0378 236 HIS A CE1 
550  N NE2 . HIS A 39 ? 0.7491 0.3575 0.3748 -0.0026 0.1738  -0.0519 236 HIS A NE2 
557  N N   . MET A 40 ? 0.5217 0.2586 0.2498 -0.1311 0.0376  -0.0044 237 MET A N   
558  C CA  . MET A 40 ? 0.5035 0.2173 0.2352 -0.1253 0.0172  -0.0240 237 MET A CA  
559  C C   . MET A 40 ? 0.5042 0.2669 0.2171 -0.1054 0.0263  0.0152  237 MET A C   
560  O O   . MET A 40 ? 0.5111 0.3078 0.2345 -0.1651 0.0023  0.0151  237 MET A O   
561  C CB  . MET A 40 ? 0.5040 0.3013 0.2344 -0.1527 -0.0280 -0.0144 237 MET A CB  
562  C CG  . MET A 40 ? 0.7727 0.2528 0.2998 -0.1143 -0.0952 0.0126  237 MET A CG  
563  S SD  . MET A 40 ? 0.8992 0.2953 0.3005 -0.0668 -0.0834 0.0167  237 MET A SD  
564  C CE  . MET A 40 ? 0.5535 0.2547 0.2356 -0.0258 0.0345  -0.0352 237 MET A CE  
574  N N   . SER A 41 ? 0.5183 0.3402 0.2164 -0.1330 -0.0127 0.0330  238 SER A N   
575  C CA  . SER A 41 ? 0.4615 0.3778 0.2308 -0.1770 -0.0404 0.0689  238 SER A CA  
576  C C   . SER A 41 ? 0.4136 0.3877 0.2388 -0.2003 -0.0609 0.0840  238 SER A C   
577  O O   . SER A 41 ? 0.4195 0.3361 0.2186 -0.1607 -0.0212 0.0816  238 SER A O   
578  C CB  . SER A 41 ? 0.4469 0.4532 0.2288 -0.1556 -0.0489 0.0712  238 SER A CB  
579  O OG  . SER A 41 ? 0.4748 0.4570 0.2675 -0.2052 -0.0398 0.0808  238 SER A OG  
585  N N   . VAL A 42 ? 0.4196 0.4188 0.2287 -0.1686 -0.0481 0.0935  239 VAL A N   
586  C CA  . VAL A 42 ? 0.4383 0.4396 0.2246 -0.1347 -0.0796 0.0835  239 VAL A CA  
587  C C   . VAL A 42 ? 0.4218 0.4258 0.2269 -0.1773 -0.0448 0.0613  239 VAL A C   
588  O O   . VAL A 42 ? 0.4213 0.4522 0.2221 -0.1825 -0.0424 0.0392  239 VAL A O   
589  C CB  . VAL A 42 ? 0.4850 0.4246 0.2599 -0.0770 -0.0788 0.0980  239 VAL A CB  
590  C CG1 . VAL A 42 ? 0.5160 0.4439 0.2841 -0.0189 -0.1078 0.0800  239 VAL A CG1 
591  C CG2 . VAL A 42 ? 0.5115 0.3816 0.3087 -0.0937 0.0211  0.0732  239 VAL A CG2 
601  N N   . SER A 43 ? 0.4832 0.4747 0.2228 -0.1880 -0.0359 0.0838  240 SER A N   
602  C CA  . SER A 43 ? 0.4804 0.5546 0.2231 -0.2370 0.0027  0.0722  240 SER A CA  
603  C C   . SER A 43 ? 0.4827 0.5229 0.2399 -0.2299 -0.0385 0.0831  240 SER A C   
604  O O   . SER A 43 ? 0.4927 0.5078 0.2794 -0.2781 -0.0598 0.0814  240 SER A O   
605  C CB  . SER A 43 ? 0.4949 0.6817 0.2534 -0.2572 -0.0201 0.0830  240 SER A CB  
606  O OG  . SER A 43 ? 0.6603 0.7742 0.2844 -0.2621 -0.0239 0.0667  240 SER A OG  
612  N N   . SER A 44 ? 0.4516 0.4330 0.2160 -0.1986 0.0034  0.0717  241 SER A N   
613  C CA  . SER A 44 ? 0.4845 0.3054 0.2672 -0.1920 -0.0251 0.0380  241 SER A CA  
614  C C   . SER A 44 ? 0.4660 0.2714 0.2399 -0.1948 -0.0137 0.0263  241 SER A C   
615  O O   . SER A 44 ? 0.4332 0.3099 0.2278 -0.1124 0.0116  0.0649  241 SER A O   
616  C CB  . SER A 44 ? 0.5450 0.3319 0.2464 -0.1598 -0.0781 -0.0100 241 SER A CB  
617  O OG  . SER A 44 ? 0.6464 0.2989 0.3254 -0.0954 -0.0918 -0.0070 241 SER A OG  
623  N N   . ILE A 45 ? 0.4312 0.3331 0.1852 -0.1534 -0.0089 0.0543  242 ILE A N   
624  C CA  . ILE A 45 ? 0.3300 0.2990 0.1990 -0.1263 -0.0194 0.0749  242 ILE A CA  
625  C C   . ILE A 45 ? 0.3541 0.3001 0.2247 -0.1492 -0.0200 0.0566  242 ILE A C   
626  O O   . ILE A 45 ? 0.3512 0.3206 0.2314 -0.1264 -0.0456 0.0505  242 ILE A O   
627  C CB  . ILE A 45 ? 0.3353 0.2754 0.1800 -0.0899 -0.0398 0.0799  242 ILE A CB  
628  C CG1 . ILE A 45 ? 0.3782 0.3293 0.1855 -0.1341 -0.0275 0.0526  242 ILE A CG1 
629  C CG2 . ILE A 45 ? 0.3409 0.3248 0.2019 -0.1282 -0.0019 0.0348  242 ILE A CG2 
630  C CD1 . ILE A 45 ? 0.4194 0.3432 0.1972 -0.1696 -0.0437 0.0687  242 ILE A CD1 
642  N N   . LYS A 46 ? 0.3612 0.3197 0.2094 -0.1057 -0.0244 0.0455  243 LYS A N   
643  C CA  . LYS A 46 ? 0.3617 0.4249 0.2487 -0.1199 0.0233  0.0470  243 LYS A CA  
644  C C   . LYS A 46 ? 0.3821 0.4281 0.2417 -0.1133 -0.0083 0.0693  243 LYS A C   
645  O O   . LYS A 46 ? 0.3226 0.4510 0.2389 -0.1234 -0.0068 0.0794  243 LYS A O   
646  C CB  . LYS A 46 ? 0.3790 0.4996 0.2726 -0.1554 0.0366  0.0363  243 LYS A CB  
647  C CG  . LYS A 46 ? 0.4711 0.5688 0.3103 -0.1761 0.0182  0.0082  243 LYS A CG  
648  C CD  . LYS A 46 ? 0.5143 0.6288 0.3168 -0.1542 0.0196  -0.0130 243 LYS A CD  
649  C CE  . LYS A 46 ? 0.5981 0.6902 0.3071 -0.1342 -0.0079 -0.0159 243 LYS A CE  
650  N NZ  . LYS A 46 ? 0.6304 0.7419 0.3407 -0.1560 -0.0732 -0.0065 243 LYS A NZ  
664  N N   . GLN A 47 ? 0.4054 0.4571 0.2168 -0.1564 -0.0286 0.0847  244 GLN A N   
665  C CA  A GLN A 47 ? 0.4199 0.4831 0.2369 -0.1963 -0.0158 0.0665  244 GLN A CA  
666  C CA  B GLN A 47 ? 0.4143 0.4297 0.2709 -0.2129 -0.0054 0.0884  244 GLN A CA  
667  C C   . GLN A 47 ? 0.3920 0.4583 0.2247 -0.2005 -0.0340 0.0844  244 GLN A C   
668  O O   . GLN A 47 ? 0.4997 0.4708 0.2258 -0.2229 -0.0279 0.0951  244 GLN A O   
669  C CB  A GLN A 47 ? 0.5324 0.4905 0.2840 -0.2255 -0.0641 0.0780  244 GLN A CB  
670  C CB  B GLN A 47 ? 0.4961 0.3500 0.3477 -0.2267 -0.0332 0.0858  244 GLN A CB  
671  C CG  A GLN A 47 ? 0.6294 0.5763 0.3116 -0.2393 -0.0929 0.0593  244 GLN A CG  
672  C CG  B GLN A 47 ? 0.5982 0.4568 0.3438 -0.2727 -0.0482 0.0869  244 GLN A CG  
673  C CD  A GLN A 47 ? 0.7807 0.6221 0.3488 -0.2338 -0.0853 0.0501  244 GLN A CD  
674  C CD  B GLN A 47 ? 0.7398 0.5688 0.3529 -0.2765 -0.0712 0.0605  244 GLN A CD  
675  O OE1 A GLN A 47 ? 0.7970 0.6188 0.3386 -0.2058 -0.0846 0.0180  244 GLN A OE1 
676  O OE1 B GLN A 47 ? 0.8177 0.6261 0.3593 -0.2950 -0.0497 0.0346  244 GLN A OE1 
677  N NE2 A GLN A 47 ? 0.8771 0.6734 0.3617 -0.2574 -0.0629 0.0364  244 GLN A NE2 
678  N NE2 B GLN A 47 ? 0.7605 0.6274 0.3507 -0.2521 -0.1044 0.0647  244 GLN A NE2 
695  N N   . ALA A 48 ? 0.3983 0.3865 0.2086 -0.1634 -0.0149 0.0641  245 ALA A N   
696  C CA  . ALA A 48 ? 0.4147 0.2758 0.2122 -0.1366 -0.0494 0.0839  245 ALA A CA  
697  C C   . ALA A 48 ? 0.4067 0.2872 0.2240 -0.1598 -0.0210 0.0859  245 ALA A C   
698  O O   . ALA A 48 ? 0.3549 0.2965 0.1901 -0.1063 -0.0165 0.0665  245 ALA A O   
699  C CB  . ALA A 48 ? 0.4879 0.2608 0.1718 -0.1431 -0.0279 0.0466  245 ALA A CB  
705  N N   . VAL A 49 ? 0.3609 0.3095 0.2035 -0.1237 -0.0094 0.0502  246 VAL A N   
706  C CA  . VAL A 49 ? 0.3891 0.3123 0.2170 -0.1150 -0.0105 0.0427  246 VAL A CA  
707  C C   . VAL A 49 ? 0.4003 0.2934 0.2220 -0.0816 -0.0081 0.0410  246 VAL A C   
708  O O   . VAL A 49 ? 0.3991 0.3011 0.2257 -0.0974 -0.0115 0.0273  246 VAL A O   
709  C CB  . VAL A 49 ? 0.4087 0.3338 0.2452 -0.1249 -0.0173 0.0454  246 VAL A CB  
710  C CG1 . VAL A 49 ? 0.5122 0.3151 0.2670 -0.0855 -0.0035 0.0402  246 VAL A CG1 
711  C CG2 . VAL A 49 ? 0.4188 0.2661 0.2389 -0.0557 0.0024  0.0064  246 VAL A CG2 
721  N N   . ASP A 50 ? 0.4007 0.3679 0.2003 -0.0451 -0.0221 0.0519  247 ASP A N   
722  C CA  . ASP A 50 ? 0.4114 0.3784 0.2404 -0.0910 0.0291  0.0484  247 ASP A CA  
723  C C   . ASP A 50 ? 0.4048 0.3380 0.2155 -0.1273 0.0127  0.0531  247 ASP A C   
724  O O   . ASP A 50 ? 0.3783 0.3883 0.2108 -0.1230 0.0099  0.0512  247 ASP A O   
725  C CB  . ASP A 50 ? 0.4741 0.4975 0.2897 -0.1082 0.0741  0.0577  247 ASP A CB  
726  C CG  . ASP A 50 ? 0.6394 0.6013 0.3315 -0.0502 0.0929  0.0428  247 ASP A CG  
727  O OD1 . ASP A 50 ? 0.7272 0.6500 0.3330 0.0184  0.1337  0.0351  247 ASP A OD1 
728  O OD2 . ASP A 50 ? 0.6681 0.6681 0.3858 -0.0375 0.0922  0.0294  247 ASP A OD2 
733  N N   . PHE A 51 ? 0.3864 0.3846 0.2052 -0.1698 -0.0047 0.0322  248 PHE A N   
734  C CA  . PHE A 51 ? 0.3856 0.3720 0.1943 -0.1470 0.0298  0.0073  248 PHE A CA  
735  C C   . PHE A 51 ? 0.4055 0.2570 0.1948 -0.1339 -0.0095 0.0050  248 PHE A C   
736  O O   . PHE A 51 ? 0.3899 0.2827 0.1893 -0.0917 -0.0010 0.0188  248 PHE A O   
737  C CB  . PHE A 51 ? 0.3903 0.3904 0.1698 -0.1426 -0.0266 -0.0145 248 PHE A CB  
738  C CG  . PHE A 51 ? 0.4526 0.3616 0.1952 -0.1267 0.0330  -0.0384 248 PHE A CG  
739  C CD1 . PHE A 51 ? 0.5418 0.3662 0.2703 -0.1300 0.0204  -0.0457 248 PHE A CD1 
740  C CD2 . PHE A 51 ? 0.6297 0.3338 0.1804 -0.0652 0.0328  -0.0457 248 PHE A CD2 
741  C CE1 . PHE A 51 ? 0.6109 0.3664 0.2558 -0.0741 -0.0236 -0.0423 248 PHE A CE1 
742  C CE2 . PHE A 51 ? 0.7504 0.3843 0.2041 -0.0517 0.0059  -0.0532 248 PHE A CE2 
743  C CZ  . PHE A 51 ? 0.7048 0.3401 0.2181 -0.0125 -0.0269 -0.0489 248 PHE A CZ  
753  N N   . LEU A 52 ? 0.4077 0.2084 0.1793 -0.0937 0.0038  0.0207  249 LEU A N   
754  C CA  . LEU A 52 ? 0.4244 0.2735 0.1350 -0.0782 -0.0297 -0.0041 249 LEU A CA  
755  C C   . LEU A 52 ? 0.4169 0.2814 0.1598 -0.1214 0.0221  -0.0091 249 LEU A C   
756  O O   . LEU A 52 ? 0.4285 0.2147 0.1655 -0.0766 0.0083  0.0062  249 LEU A O   
757  C CB  . LEU A 52 ? 0.4189 0.2483 0.1505 -0.0981 -0.0015 -0.0128 249 LEU A CB  
758  C CG  . LEU A 52 ? 0.4314 0.3023 0.1736 -0.1308 0.0015  -0.0328 249 LEU A CG  
759  C CD1 . LEU A 52 ? 0.4292 0.2587 0.2116 -0.0927 -0.0109 -0.0137 249 LEU A CD1 
760  C CD2 . LEU A 52 ? 0.5002 0.2630 0.1740 -0.1312 0.0077  -0.0176 249 LEU A CD2 
772  N N   . SER A 53 ? 0.3862 0.2735 0.1585 -0.1008 0.0321  -0.0076 250 SER A N   
773  C CA  . SER A 53 ? 0.3893 0.2972 0.2073 -0.0931 0.0742  -0.0226 250 SER A CA  
774  C C   . SER A 53 ? 0.4644 0.3456 0.1917 -0.1112 0.0668  -0.0027 250 SER A C   
775  O O   . SER A 53 ? 0.5712 0.3050 0.2188 -0.1521 0.0897  -0.0021 250 SER A O   
776  C CB  . SER A 53 ? 0.5131 0.2788 0.2517 -0.0642 0.0713  0.0087  250 SER A CB  
777  O OG  . SER A 53 ? 0.5624 0.3176 0.3053 -0.0560 0.0637  0.0194  250 SER A OG  
783  N N   A ASN A 54 ? 0.4356 0.3242 0.1856 -0.0983 0.0555  0.0101  251 ASN A N   
784  N N   B ASN A 54 ? 0.4328 0.3470 0.1898 -0.1092 0.0526  0.0190  251 ASN A N   
785  C CA  A ASN A 54 ? 0.4719 0.2689 0.2254 -0.1077 0.0961  0.0173  251 ASN A CA  
786  C CA  B ASN A 54 ? 0.4428 0.3186 0.2125 -0.1153 0.0742  0.0305  251 ASN A CA  
787  C C   A ASN A 54 ? 0.4645 0.2888 0.2006 -0.0843 0.0163  0.0071  251 ASN A C   
788  C C   B ASN A 54 ? 0.4398 0.3231 0.1906 -0.1018 0.0214  0.0146  251 ASN A C   
789  O O   A ASN A 54 ? 0.4973 0.3262 0.2166 -0.0913 0.0459  -0.0060 251 ASN A O   
790  O O   B ASN A 54 ? 0.4456 0.3575 0.1981 -0.1059 0.0471  0.0051  251 ASN A O   
791  C CB  A ASN A 54 ? 0.5494 0.2862 0.2808 -0.1046 0.0978  0.0331  251 ASN A CB  
792  C CB  B ASN A 54 ? 0.4677 0.3299 0.2619 -0.1024 0.0708  0.0583  251 ASN A CB  
793  C CG  A ASN A 54 ? 0.6025 0.3991 0.3139 -0.1165 0.0711  0.0395  251 ASN A CG  
794  C CG  B ASN A 54 ? 0.4895 0.3744 0.3008 -0.0869 0.0418  0.0783  251 ASN A CG  
795  O OD1 A ASN A 54 ? 0.6395 0.4658 0.3292 -0.1479 0.0487  0.0439  251 ASN A OD1 
796  O OD1 B ASN A 54 ? 0.5052 0.3647 0.3269 -0.0822 -0.0015 0.0957  251 ASN A OD1 
797  N ND2 A ASN A 54 ? 0.5487 0.3721 0.3404 -0.0841 0.0728  0.0346  251 ASN A ND2 
798  N ND2 B ASN A 54 ? 0.4854 0.3655 0.3255 -0.0846 0.0457  0.0925  251 ASN A ND2 
811  N N   . GLU A 55 ? 0.4735 0.2852 0.1561 -0.1190 0.0238  0.0040  252 GLU A N   
812  C CA  . GLU A 55 ? 0.4475 0.2748 0.1895 -0.1950 -0.0084 0.0216  252 GLU A CA  
813  C C   . GLU A 55 ? 0.4498 0.2787 0.1758 -0.1578 0.0290  0.0310  252 GLU A C   
814  O O   . GLU A 55 ? 0.4851 0.2618 0.1777 -0.1194 0.0133  0.0273  252 GLU A O   
815  C CB  . GLU A 55 ? 0.5483 0.3037 0.1782 -0.1626 0.0390  -0.0301 252 GLU A CB  
816  C CG  . GLU A 55 ? 0.6057 0.3480 0.2666 -0.2103 0.0239  -0.0224 252 GLU A CG  
817  C CD  . GLU A 55 ? 0.6323 0.4501 0.2697 -0.2613 0.0207  -0.0156 252 GLU A CD  
818  O OE1 . GLU A 55 ? 0.7668 0.4412 0.2525 -0.2752 0.0105  -0.0344 252 GLU A OE1 
819  O OE2 . GLU A 55 ? 0.5800 0.5714 0.3079 -0.2517 0.0148  0.0179  252 GLU A OE2 
827  N N   . GLY A 56 ? 0.4353 0.2610 0.1809 -0.1173 0.0200  -0.0120 253 GLY A N   
828  C CA  . GLY A 56 ? 0.4653 0.2546 0.1681 -0.1048 0.0476  -0.0315 253 GLY A CA  
829  C C   . GLY A 56 ? 0.4542 0.2682 0.1679 -0.1078 0.0497  -0.0466 253 GLY A C   
830  O O   . GLY A 56 ? 0.4397 0.3547 0.1827 -0.1729 -0.0031 -0.0308 253 GLY A O   
834  N N   . HIS A 57 ? 0.4464 0.2296 0.1704 -0.0957 0.0224  -0.0384 254 HIS A N   
835  C CA  . HIS A 57 ? 0.4183 0.2894 0.1815 -0.1017 0.0308  -0.0100 254 HIS A CA  
836  C C   . HIS A 57 ? 0.4073 0.2365 0.1780 -0.1205 0.0085  -0.0095 254 HIS A C   
837  O O   . HIS A 57 ? 0.4293 0.2456 0.2248 -0.1319 -0.0299 0.0025  254 HIS A O   
838  C CB  . HIS A 57 ? 0.4544 0.2689 0.1716 -0.0971 0.0313  -0.0127 254 HIS A CB  
839  C CG  . HIS A 57 ? 0.4506 0.2252 0.1963 -0.0245 0.0202  0.0003  254 HIS A CG  
840  N ND1 . HIS A 57 ? 0.5208 0.2681 0.2510 -0.0419 0.0415  -0.0124 254 HIS A ND1 
841  C CD2 . HIS A 57 ? 0.4765 0.2734 0.2013 -0.0274 -0.0107 -0.0089 254 HIS A CD2 
842  C CE1 . HIS A 57 ? 0.5247 0.2343 0.2457 -0.0272 0.0215  -0.0286 254 HIS A CE1 
843  N NE2 . HIS A 57 ? 0.5159 0.2551 0.2221 0.0018  0.0170  0.0145  254 HIS A NE2 
850  N N   . ILE A 58 ? 0.4016 0.2249 0.1810 -0.1376 0.0042  -0.0262 255 ILE A N   
851  C CA  . ILE A 58 ? 0.4109 0.2173 0.1969 -0.1238 0.0122  -0.0293 255 ILE A CA  
852  C C   . ILE A 58 ? 0.4552 0.1994 0.1945 -0.1144 0.0462  -0.0293 255 ILE A C   
853  O O   . ILE A 58 ? 0.4745 0.2314 0.2195 -0.1312 0.0343  -0.0105 255 ILE A O   
854  C CB  . ILE A 58 ? 0.4653 0.1644 0.2236 -0.1093 0.0480  -0.0263 255 ILE A CB  
855  C CG1 . ILE A 58 ? 0.4853 0.2140 0.2047 -0.1278 0.0523  -0.0134 255 ILE A CG1 
856  C CG2 . ILE A 58 ? 0.4685 0.1902 0.2081 -0.1329 0.0164  -0.0235 255 ILE A CG2 
857  C CD1 . ILE A 58 ? 0.4747 0.2348 0.2080 -0.1189 0.0522  0.0082  255 ILE A CD1 
869  N N   . TYR A 59 ? 0.4652 0.2534 0.2175 -0.1303 0.0833  -0.0133 256 TYR A N   
870  C CA  . TYR A 59 ? 0.5751 0.2647 0.2426 -0.1403 0.0932  -0.0441 256 TYR A CA  
871  C C   . TYR A 59 ? 0.5949 0.2354 0.2663 -0.1193 0.1265  -0.0259 256 TYR A C   
872  O O   . TYR A 59 ? 0.5722 0.2511 0.2418 -0.1584 0.0135  -0.0145 256 TYR A O   
873  C CB  . TYR A 59 ? 0.6059 0.2261 0.2736 -0.1317 0.0659  -0.0573 256 TYR A CB  
874  C CG  . TYR A 59 ? 0.6121 0.2204 0.2426 -0.0934 0.0686  -0.0621 256 TYR A CG  
875  C CD1 . TYR A 59 ? 0.6614 0.2673 0.2253 -0.1167 0.0949  -0.0634 256 TYR A CD1 
876  C CD2 . TYR A 59 ? 0.6271 0.2830 0.2609 -0.0949 0.0214  -0.0471 256 TYR A CD2 
877  C CE1 . TYR A 59 ? 0.6503 0.3889 0.2459 -0.1829 0.0995  -0.0438 256 TYR A CE1 
878  C CE2 . TYR A 59 ? 0.6176 0.3009 0.2723 -0.1265 0.0206  -0.0479 256 TYR A CE2 
879  C CZ  . TYR A 59 ? 0.6390 0.3754 0.2669 -0.2249 0.0451  -0.0283 256 TYR A CZ  
880  O OH  . TYR A 59 ? 0.6588 0.4852 0.2495 -0.2743 0.0350  -0.0009 256 TYR A OH  
890  N N   . SER A 60 ? 0.6673 0.2601 0.3676 -0.0080 0.0531  0.0322  257 SER A N   
891  C CA  . SER A 60 ? 0.8354 0.3612 0.4180 0.0025  0.0400  -0.0438 257 SER A CA  
892  C C   . SER A 60 ? 1.0277 0.3960 0.5046 0.0356  0.0801  -0.1252 257 SER A C   
893  O O   . SER A 60 ? 0.9903 0.3162 0.5251 -0.0148 0.0647  -0.1222 257 SER A O   
894  C CB  . SER A 60 ? 0.8765 0.5411 0.3646 -0.0210 0.0128  -0.0614 257 SER A CB  
895  O OG  . SER A 60 ? 0.9415 0.6413 0.3741 0.0120  -0.0107 -0.0448 257 SER A OG  
901  N N   . THR A 61 ? 1.2463 0.5934 0.5566 0.0793  0.0969  -0.2001 258 THR A N   
902  C CA  . THR A 61 ? 1.4114 0.7622 0.6061 0.1216  0.0876  -0.2957 258 THR A CA  
903  C C   . THR A 61 ? 1.5505 0.9262 0.6456 0.1388  0.0409  -0.3527 258 THR A C   
904  O O   . THR A 61 ? 1.5618 0.9334 0.6600 0.1520  0.0536  -0.3572 258 THR A O   
905  C CB  . THR A 61 ? 1.4318 0.7926 0.6151 0.1219  0.0984  -0.3054 258 THR A CB  
908  N N   . VAL A 62 ? 1.6269 1.0675 0.6742 0.1517  -0.0045 -0.3874 259 VAL A N   
909  C CA  . VAL A 62 ? 1.6675 1.1888 0.6958 0.1517  -0.0256 -0.4298 259 VAL A CA  
910  C C   . VAL A 62 ? 1.6621 1.2490 0.7423 0.1389  -0.0485 -0.4426 259 VAL A C   
911  O O   . VAL A 62 ? 1.6638 1.2408 0.7394 0.1464  -0.0601 -0.4544 259 VAL A O   
912  C CB  . VAL A 62 ? 1.6887 1.1942 0.7011 0.1716  -0.0091 -0.4360 259 VAL A CB  
915  N N   . ASP A 63 ? 1.6356 1.2876 0.7707 0.1381  -0.0476 -0.4494 260 ASP A N   
916  C CA  . ASP A 63 ? 1.5793 1.3057 0.8050 0.1290  -0.0499 -0.4520 260 ASP A CA  
917  C C   . ASP A 63 ? 1.5386 1.3245 0.8428 0.1228  -0.0459 -0.4570 260 ASP A C   
918  O O   . ASP A 63 ? 1.5483 1.3313 0.8361 0.1267  -0.0606 -0.4654 260 ASP A O   
919  C CB  . ASP A 63 ? 1.5659 1.3126 0.8143 0.1155  -0.0683 -0.4457 260 ASP A CB  
922  N N   . ASP A 64 ? 1.4672 1.3208 0.8714 0.1219  -0.0070 -0.4636 261 ASP A N   
923  C CA  . ASP A 64 ? 1.3908 1.3074 0.8878 0.1258  0.0458  -0.4785 261 ASP A CA  
924  C C   . ASP A 64 ? 1.3745 1.3052 0.8729 0.1530  0.0857  -0.4906 261 ASP A C   
925  O O   . ASP A 64 ? 1.3048 1.3336 0.8650 0.1753  0.1127  -0.4988 261 ASP A O   
926  C CB  . ASP A 64 ? 1.3584 1.2864 0.9109 0.1244  0.0634  -0.4875 261 ASP A CB  
929  N N   . ASP A 65 ? 1.4346 1.3106 0.8627 0.1475  0.0876  -0.4879 262 ASP A N   
930  C CA  . ASP A 65 ? 1.4534 1.3103 0.8652 0.1192  0.0889  -0.4547 262 ASP A CA  
931  C C   . ASP A 65 ? 1.3337 1.2136 0.7577 0.1153  0.0642  -0.4397 262 ASP A C   
932  O O   . ASP A 65 ? 1.2843 1.2285 0.7472 0.1648  0.0702  -0.4543 262 ASP A O   
933  C CB  . ASP A 65 ? 1.6433 1.4253 0.9041 0.0938  0.0883  -0.4614 262 ASP A CB  
936  N N   . HIS A 66 ? 1.2540 1.0457 0.6954 0.0713  0.0648  -0.3868 263 HIS A N   
937  C CA  . HIS A 66 ? 1.1424 0.8409 0.6395 0.0330  0.0706  -0.3273 263 HIS A CA  
938  C C   . HIS A 66 ? 0.9508 0.4934 0.5576 -0.0564 0.1514  -0.2273 263 HIS A C   
939  O O   . HIS A 66 ? 1.0910 0.4574 0.5787 -0.0327 0.1629  -0.2148 263 HIS A O   
940  C CB  . HIS A 66 ? 1.2698 1.0316 0.6541 0.0579  -0.0269 -0.3760 263 HIS A CB  
941  C CG  . HIS A 66 ? 1.4163 1.1818 0.6852 0.0517  -0.1189 -0.4185 263 HIS A CG  
942  N ND1 . HIS A 66 ? 1.4841 1.2642 0.7063 0.0376  -0.1443 -0.4324 263 HIS A ND1 
943  C CD2 . HIS A 66 ? 1.4630 1.2468 0.7019 0.0562  -0.1513 -0.4330 263 HIS A CD2 
944  C CE1 . HIS A 66 ? 1.5069 1.3007 0.7217 0.0410  -0.1524 -0.4405 263 HIS A CE1 
945  N NE2 . HIS A 66 ? 1.4964 1.3010 0.7183 0.0419  -0.1522 -0.4433 263 HIS A NE2 
952  N N   . PHE A 67 ? 0.6364 0.2771 0.4816 -0.1818 0.1411  -0.0830 264 PHE A N   
953  C CA  . PHE A 67 ? 0.5098 0.2328 0.3676 -0.1657 0.0856  -0.0343 264 PHE A CA  
954  C C   . PHE A 67 ? 0.4728 0.2577 0.3188 -0.1748 0.1014  -0.0145 264 PHE A C   
955  O O   . PHE A 67 ? 0.5044 0.2121 0.2588 -0.1279 0.0036  -0.0139 264 PHE A O   
956  C CB  . PHE A 67 ? 0.5184 0.1870 0.3639 -0.1172 0.0708  -0.0340 264 PHE A CB  
957  C CG  . PHE A 67 ? 0.5216 0.2544 0.3662 -0.1139 0.0073  -0.0429 264 PHE A CG  
958  C CD1 . PHE A 67 ? 0.5791 0.2695 0.3982 -0.1382 -0.0299 -0.0316 264 PHE A CD1 
959  C CD2 . PHE A 67 ? 0.5706 0.2633 0.3677 -0.0525 0.0096  -0.0545 264 PHE A CD2 
960  C CE1 . PHE A 67 ? 0.6711 0.3611 0.4053 -0.1498 -0.0745 -0.0160 264 PHE A CE1 
961  C CE2 . PHE A 67 ? 0.6217 0.3625 0.3690 -0.1038 -0.0242 -0.0412 264 PHE A CE2 
962  C CZ  . PHE A 67 ? 0.6857 0.3703 0.4037 -0.1329 -0.0586 -0.0112 264 PHE A CZ  
972  N N   . LYS A 68 ? 0.4557 0.2356 0.3028 -0.1612 0.0931  -0.0430 265 LYS A N   
973  C CA  . LYS A 68 ? 0.4455 0.2547 0.2819 -0.1631 0.0618  -0.0844 265 LYS A CA  
974  C C   . LYS A 68 ? 0.3964 0.3106 0.2575 -0.1644 0.0097  -0.0710 265 LYS A C   
975  O O   . LYS A 68 ? 0.4242 0.2594 0.2434 -0.1319 0.0050  -0.0686 265 LYS A O   
976  C CB  . LYS A 68 ? 0.4946 0.2918 0.2934 -0.1717 0.0691  -0.1013 265 LYS A CB  
977  C CG  . LYS A 68 ? 0.6351 0.2962 0.3179 -0.1604 0.1000  -0.1123 265 LYS A CG  
978  C CD  . LYS A 68 ? 0.7977 0.3554 0.3526 -0.1628 0.1290  -0.1276 265 LYS A CD  
979  C CE  . LYS A 68 ? 0.8959 0.4707 0.3973 -0.2246 0.0819  -0.0902 265 LYS A CE  
980  N NZ  . LYS A 68 ? 0.8902 0.5139 0.4078 -0.3028 0.0813  -0.0754 265 LYS A NZ  
994  N N   . SER A 69 ? 0.4519 0.3481 0.2688 -0.1798 -0.0411 -0.0476 266 SER A N   
995  C CA  . SER A 69 ? 0.5237 0.3732 0.3007 -0.1206 -0.0729 -0.0161 266 SER A CA  
996  C C   . SER A 69 ? 0.5102 0.3649 0.2800 -0.1324 -0.1092 0.0028  266 SER A C   
997  O O   . SER A 69 ? 0.5742 0.3909 0.2826 -0.1363 -0.1071 -0.0131 266 SER A O   
998  C CB  . SER A 69 ? 0.6243 0.2581 0.4018 -0.0211 -0.0375 0.0000  266 SER A CB  
999  O OG  . SER A 69 ? 0.7486 0.4177 0.4444 -0.0314 -0.0051 -0.0108 266 SER A OG  
1005 N N   . THR A 70 ? 0.5268 0.3118 0.2810 -0.1320 -0.0761 0.0087  267 THR A N   
1006 C CA  . THR A 70 ? 0.5173 0.3986 0.3323 -0.1317 -0.1086 0.0280  267 THR A CA  
1007 C C   . THR A 70 ? 0.6381 0.5622 0.4268 -0.1091 -0.0802 0.0126  267 THR A C   
1008 O O   . THR A 70 ? 0.6795 0.6686 0.4170 -0.1167 -0.0341 0.0017  267 THR A O   
1009 C CB  . THR A 70 ? 0.5432 0.4505 0.3113 -0.1471 -0.1269 0.0636  267 THR A CB  
1010 O OG1 . THR A 70 ? 0.6649 0.5022 0.3187 -0.2528 -0.0874 0.0238  267 THR A OG1 
1011 C CG2 . THR A 70 ? 0.5812 0.4893 0.3186 -0.1872 -0.0782 0.0764  267 THR A CG2 
1019 N N   . ASP A 71 ? 0.6985 0.6831 0.5261 -0.1220 -0.0989 0.0130  268 ASP A N   
1020 C CA  . ASP A 71 ? 0.7822 0.7599 0.6422 -0.0597 -0.0822 0.0190  268 ASP A CA  
1021 C C   . ASP A 71 ? 0.8586 0.7660 0.6229 -0.0826 -0.0608 0.0196  268 ASP A C   
1022 O O   . ASP A 71 ? 0.9306 0.7469 0.6166 -0.0492 -0.0259 0.0192  268 ASP A O   
# 
loop_
_pdbx_poly_seq_scheme.asym_id 
_pdbx_poly_seq_scheme.entity_id 
_pdbx_poly_seq_scheme.seq_id 
_pdbx_poly_seq_scheme.mon_id 
_pdbx_poly_seq_scheme.ndb_seq_num 
_pdbx_poly_seq_scheme.pdb_seq_num 
_pdbx_poly_seq_scheme.auth_seq_num 
_pdbx_poly_seq_scheme.pdb_mon_id 
_pdbx_poly_seq_scheme.auth_mon_id 
_pdbx_poly_seq_scheme.pdb_strand_id 
_pdbx_poly_seq_scheme.pdb_ins_code 
_pdbx_poly_seq_scheme.hetero 
A 1 1  GLY 1  198 ?   ?   ?   A . n 
A 1 2  PRO 2  199 ?   ?   ?   A . n 
A 1 3  GLY 3  200 ?   ?   ?   A . n 
A 1 4  SER 4  201 ?   ?   ?   A . n 
A 1 5  ALA 5  202 ?   ?   ?   A . n 
A 1 6  ASN 6  203 203 ASN ASN A . n 
A 1 7  GLY 7  204 204 GLY GLY A . n 
A 1 8  LEU 8  205 205 LEU LEU A . n 
A 1 9  THR 9  206 206 THR THR A . n 
A 1 10 VAL 10 207 207 VAL VAL A . n 
A 1 11 ALA 11 208 208 ALA ALA A . n 
A 1 12 GLN 12 209 209 GLN GLN A . n 
A 1 13 ASN 13 210 210 ASN ASN A . n 
A 1 14 GLN 14 211 211 GLN GLN A . n 
A 1 15 VAL 15 212 212 VAL VAL A . n 
A 1 16 LEU 16 213 213 LEU LEU A . n 
A 1 17 ASN 17 214 214 ASN ASN A . n 
A 1 18 LEU 18 215 215 LEU LEU A . n 
A 1 19 ILE 19 216 216 ILE ILE A . n 
A 1 20 LYS 20 217 217 LYS LYS A . n 
A 1 21 ALA 21 218 218 ALA ALA A . n 
A 1 22 SCH 22 219 219 SCH SCH A . n 
A 1 23 PRO 23 220 220 PRO PRO A . n 
A 1 24 ARG 24 221 221 ARG ARG A . n 
A 1 25 PRO 25 222 222 PRO PRO A . n 
A 1 26 GLU 26 223 223 GLU GLU A . n 
A 1 27 GLY 27 224 224 GLY GLY A . n 
A 1 28 LEU 28 225 225 LEU LEU A . n 
A 1 29 ASN 29 226 226 ASN ASN A . n 
A 1 30 PHE 30 227 227 PHE PHE A . n 
A 1 31 GLN 31 228 228 GLN GLN A . n 
A 1 32 ASP 32 229 229 ASP ASP A . n 
A 1 33 LEU 33 230 230 LEU LEU A . n 
A 1 34 LYS 34 231 231 LYS LYS A . n 
A 1 35 ASN 35 232 232 ASN ASN A . n 
A 1 36 GLN 36 233 233 GLN GLN A . n 
A 1 37 LEU 37 234 234 LEU LEU A . n 
A 1 38 LYS 38 235 235 LYS LYS A . n 
A 1 39 HIS 39 236 236 HIS HIS A . n 
A 1 40 MET 40 237 237 MET MET A . n 
A 1 41 SER 41 238 238 SER SER A . n 
A 1 42 VAL 42 239 239 VAL VAL A . n 
A 1 43 SER 43 240 240 SER SER A . n 
A 1 44 SER 44 241 241 SER SER A . n 
A 1 45 ILE 45 242 242 ILE ILE A . n 
A 1 46 LYS 46 243 243 LYS LYS A . n 
A 1 47 GLN 47 244 244 GLN GLN A . n 
A 1 48 ALA 48 245 245 ALA ALA A . n 
A 1 49 VAL 49 246 246 VAL VAL A . n 
A 1 50 ASP 50 247 247 ASP ASP A . n 
A 1 51 PHE 51 248 248 PHE PHE A . n 
A 1 52 LEU 52 249 249 LEU LEU A . n 
A 1 53 SER 53 250 250 SER SER A . n 
A 1 54 ASN 54 251 251 ASN ASN A . n 
A 1 55 GLU 55 252 252 GLU GLU A . n 
A 1 56 GLY 56 253 253 GLY GLY A . n 
A 1 57 HIS 57 254 254 HIS HIS A . n 
A 1 58 ILE 58 255 255 ILE ILE A . n 
A 1 59 TYR 59 256 256 TYR TYR A . n 
A 1 60 SER 60 257 257 SER SER A . n 
A 1 61 THR 61 258 258 THR THR A . n 
A 1 62 VAL 62 259 259 VAL VAL A . n 
A 1 63 ASP 63 260 260 ASP ASP A . n 
A 1 64 ASP 64 261 261 ASP ASP A . n 
A 1 65 ASP 65 262 262 ASP ASP A . n 
A 1 66 HIS 66 263 263 HIS HIS A . n 
A 1 67 PHE 67 264 264 PHE PHE A . n 
A 1 68 LYS 68 265 265 LYS LYS A . n 
A 1 69 SER 69 266 266 SER SER A . n 
A 1 70 THR 70 267 267 THR THR A . n 
A 1 71 ASP 71 268 268 ASP ASP A . n 
A 1 72 ALA 72 269 ?   ?   ?   A . n 
A 1 73 GLU 73 270 ?   ?   ?   A . n 
# 
loop_
_pdbx_nonpoly_scheme.asym_id 
_pdbx_nonpoly_scheme.entity_id 
_pdbx_nonpoly_scheme.mon_id 
_pdbx_nonpoly_scheme.ndb_seq_num 
_pdbx_nonpoly_scheme.pdb_seq_num 
_pdbx_nonpoly_scheme.auth_seq_num 
_pdbx_nonpoly_scheme.pdb_mon_id 
_pdbx_nonpoly_scheme.auth_mon_id 
_pdbx_nonpoly_scheme.pdb_strand_id 
_pdbx_nonpoly_scheme.pdb_ins_code 
B 2 HOH 1  301 1  HOH HOH A . 
B 2 HOH 2  302 2  HOH HOH A . 
B 2 HOH 3  303 3  HOH HOH A . 
B 2 HOH 4  304 4  HOH HOH A . 
B 2 HOH 5  305 5  HOH HOH A . 
B 2 HOH 6  306 6  HOH HOH A . 
B 2 HOH 7  307 7  HOH HOH A . 
B 2 HOH 8  308 8  HOH HOH A . 
B 2 HOH 9  309 9  HOH HOH A . 
B 2 HOH 10 310 10 HOH HOH A . 
B 2 HOH 11 311 11 HOH HOH A . 
B 2 HOH 12 312 12 HOH HOH A . 
B 2 HOH 13 313 13 HOH HOH A . 
B 2 HOH 14 314 14 HOH HOH A . 
B 2 HOH 15 315 15 HOH HOH A . 
B 2 HOH 16 316 16 HOH HOH A . 
B 2 HOH 17 317 17 HOH HOH A . 
B 2 HOH 18 318 18 HOH HOH A . 
B 2 HOH 19 319 19 HOH HOH A . 
B 2 HOH 20 320 20 HOH HOH A . 
B 2 HOH 21 321 21 HOH HOH A . 
B 2 HOH 22 322 22 HOH HOH A . 
B 2 HOH 23 323 23 HOH HOH A . 
B 2 HOH 24 324 25 HOH HOH A . 
B 2 HOH 25 325 26 HOH HOH A . 
B 2 HOH 26 326 27 HOH HOH A . 
B 2 HOH 27 327 28 HOH HOH A . 
B 2 HOH 28 328 29 HOH HOH A . 
B 2 HOH 29 329 30 HOH HOH A . 
B 2 HOH 30 330 31 HOH HOH A . 
B 2 HOH 31 331 32 HOH HOH A . 
B 2 HOH 32 332 33 HOH HOH A . 
B 2 HOH 33 333 34 HOH HOH A . 
B 2 HOH 34 334 35 HOH HOH A . 
B 2 HOH 35 335 37 HOH HOH A . 
B 2 HOH 36 336 39 HOH HOH A . 
B 2 HOH 37 337 40 HOH HOH A . 
B 2 HOH 38 338 41 HOH HOH A . 
B 2 HOH 39 339 42 HOH HOH A . 
B 2 HOH 40 340 43 HOH HOH A . 
B 2 HOH 41 341 44 HOH HOH A . 
B 2 HOH 42 342 49 HOH HOH A . 
B 2 HOH 43 343 50 HOH HOH A . 
B 2 HOH 44 344 51 HOH HOH A . 
B 2 HOH 45 345 52 HOH HOH A . 
B 2 HOH 46 346 55 HOH HOH A . 
B 2 HOH 47 347 56 HOH HOH A . 
B 2 HOH 48 348 57 HOH HOH A . 
B 2 HOH 49 349 58 HOH HOH A . 
B 2 HOH 50 350 59 HOH HOH A . 
B 2 HOH 51 351 60 HOH HOH A . 
B 2 HOH 52 352 61 HOH HOH A . 
B 2 HOH 53 353 62 HOH HOH A . 
# 
_pdbx_struct_mod_residue.id               1 
_pdbx_struct_mod_residue.label_asym_id    A 
_pdbx_struct_mod_residue.label_comp_id    SCH 
_pdbx_struct_mod_residue.label_seq_id     22 
_pdbx_struct_mod_residue.auth_asym_id     A 
_pdbx_struct_mod_residue.auth_comp_id     SCH 
_pdbx_struct_mod_residue.auth_seq_id      219 
_pdbx_struct_mod_residue.PDB_ins_code     ? 
_pdbx_struct_mod_residue.parent_comp_id   CYS 
_pdbx_struct_mod_residue.details          S-METHYL-THIO-CYSTEINE 
# 
_pdbx_struct_assembly.id                   1 
_pdbx_struct_assembly.details              author_and_software_defined_assembly 
_pdbx_struct_assembly.method_details       PISA 
_pdbx_struct_assembly.oligomeric_details   monomeric 
_pdbx_struct_assembly.oligomeric_count     1 
# 
_pdbx_struct_assembly_gen.assembly_id       1 
_pdbx_struct_assembly_gen.oper_expression   1 
_pdbx_struct_assembly_gen.asym_id_list      A,B 
# 
_pdbx_struct_oper_list.id                   1 
_pdbx_struct_oper_list.type                 'identity operation' 
_pdbx_struct_oper_list.name                 1_555 
_pdbx_struct_oper_list.symmetry_operation   x,y,z 
_pdbx_struct_oper_list.matrix[1][1]         1.0000000000 
_pdbx_struct_oper_list.matrix[1][2]         0.0000000000 
_pdbx_struct_oper_list.matrix[1][3]         0.0000000000 
_pdbx_struct_oper_list.vector[1]            0.0000000000 
_pdbx_struct_oper_list.matrix[2][1]         0.0000000000 
_pdbx_struct_oper_list.matrix[2][2]         1.0000000000 
_pdbx_struct_oper_list.matrix[2][3]         0.0000000000 
_pdbx_struct_oper_list.vector[2]            0.0000000000 
_pdbx_struct_oper_list.matrix[3][1]         0.0000000000 
_pdbx_struct_oper_list.matrix[3][2]         0.0000000000 
_pdbx_struct_oper_list.matrix[3][3]         1.0000000000 
_pdbx_struct_oper_list.vector[3]            0.0000000000 
# 
loop_
_pdbx_audit_revision_history.ordinal 
_pdbx_audit_revision_history.data_content_type 
_pdbx_audit_revision_history.major_revision 
_pdbx_audit_revision_history.minor_revision 
_pdbx_audit_revision_history.revision_date 
1 'Structure model' 1 0 2014-04-30 
2 'Structure model' 1 1 2014-06-04 
3 'Structure model' 1 2 2015-12-09 
4 'Structure model' 1 3 2023-09-20 
# 
_pdbx_audit_revision_details.ordinal             1 
_pdbx_audit_revision_details.revision_ordinal    1 
_pdbx_audit_revision_details.data_content_type   'Structure model' 
_pdbx_audit_revision_details.provider            repository 
_pdbx_audit_revision_details.type                'Initial release' 
_pdbx_audit_revision_details.description         ? 
_pdbx_audit_revision_details.details             ? 
# 
loop_
_pdbx_audit_revision_group.ordinal 
_pdbx_audit_revision_group.revision_ordinal 
_pdbx_audit_revision_group.data_content_type 
_pdbx_audit_revision_group.group 
1 2 'Structure model' 'Database references'    
2 3 'Structure model' 'Structure summary'      
3 4 'Structure model' 'Data collection'        
4 4 'Structure model' 'Database references'    
5 4 'Structure model' 'Derived calculations'   
6 4 'Structure model' 'Refinement description' 
# 
loop_
_pdbx_audit_revision_category.ordinal 
_pdbx_audit_revision_category.revision_ordinal 
_pdbx_audit_revision_category.data_content_type 
_pdbx_audit_revision_category.category 
1 4 'Structure model' chem_comp_atom                
2 4 'Structure model' chem_comp_bond                
3 4 'Structure model' database_2                    
4 4 'Structure model' pdbx_initial_refinement_model 
5 4 'Structure model' struct_conn                   
6 4 'Structure model' struct_ref_seq_dif            
# 
loop_
_pdbx_audit_revision_item.ordinal 
_pdbx_audit_revision_item.revision_ordinal 
_pdbx_audit_revision_item.data_content_type 
_pdbx_audit_revision_item.item 
1 4 'Structure model' '_database_2.pdbx_DOI'                
2 4 'Structure model' '_database_2.pdbx_database_accession' 
3 4 'Structure model' '_struct_conn.pdbx_leaving_atom_flag' 
4 4 'Structure model' '_struct_ref_seq_dif.details'         
# 
loop_
_software.name 
_software.classification 
_software.version 
_software.citation_id 
_software.pdbx_ordinal 
HKL-2000 'data collection' .                             ? 1 
PHENIX   'model building'  '(phenix.refine: 1.8.4_1496)' ? 2 
PHENIX   refinement        '(phenix.refine: 1.8.4_1496)' ? 3 
HKL-2000 'data reduction'  .                             ? 4 
HKL-2000 'data scaling'    .                             ? 5 
PHENIX   phasing           1.8.4_1496                    ? 6 
# 
_pdbx_validate_torsion.id              1 
_pdbx_validate_torsion.PDB_model_num   1 
_pdbx_validate_torsion.auth_comp_id    LEU 
_pdbx_validate_torsion.auth_asym_id    A 
_pdbx_validate_torsion.auth_seq_id     234 
_pdbx_validate_torsion.PDB_ins_code    ? 
_pdbx_validate_torsion.label_alt_id    ? 
_pdbx_validate_torsion.phi             -112.82 
_pdbx_validate_torsion.psi             67.15 
# 
loop_
_pdbx_unobs_or_zero_occ_atoms.id 
_pdbx_unobs_or_zero_occ_atoms.PDB_model_num 
_pdbx_unobs_or_zero_occ_atoms.polymer_flag 
_pdbx_unobs_or_zero_occ_atoms.occupancy_flag 
_pdbx_unobs_or_zero_occ_atoms.auth_asym_id 
_pdbx_unobs_or_zero_occ_atoms.auth_comp_id 
_pdbx_unobs_or_zero_occ_atoms.auth_seq_id 
_pdbx_unobs_or_zero_occ_atoms.PDB_ins_code 
_pdbx_unobs_or_zero_occ_atoms.auth_atom_id 
_pdbx_unobs_or_zero_occ_atoms.label_alt_id 
_pdbx_unobs_or_zero_occ_atoms.label_asym_id 
_pdbx_unobs_or_zero_occ_atoms.label_comp_id 
_pdbx_unobs_or_zero_occ_atoms.label_seq_id 
_pdbx_unobs_or_zero_occ_atoms.label_atom_id 
1  1 Y 1 A THR 258 ? OG1 ? A THR 61 OG1 
2  1 Y 1 A THR 258 ? CG2 ? A THR 61 CG2 
3  1 Y 1 A VAL 259 ? CG1 ? A VAL 62 CG1 
4  1 Y 1 A VAL 259 ? CG2 ? A VAL 62 CG2 
5  1 Y 1 A ASP 260 ? CG  ? A ASP 63 CG  
6  1 Y 1 A ASP 260 ? OD1 ? A ASP 63 OD1 
7  1 Y 1 A ASP 260 ? OD2 ? A ASP 63 OD2 
8  1 Y 1 A ASP 261 ? CG  ? A ASP 64 CG  
9  1 Y 1 A ASP 261 ? OD1 ? A ASP 64 OD1 
10 1 Y 1 A ASP 261 ? OD2 ? A ASP 64 OD2 
11 1 Y 1 A ASP 262 ? CG  ? A ASP 65 CG  
12 1 Y 1 A ASP 262 ? OD1 ? A ASP 65 OD1 
13 1 Y 1 A ASP 262 ? OD2 ? A ASP 65 OD2 
14 1 Y 1 A ASP 268 ? CG  ? A ASP 71 CG  
15 1 Y 1 A ASP 268 ? OD1 ? A ASP 71 OD1 
16 1 Y 1 A ASP 268 ? OD2 ? A ASP 71 OD2 
# 
loop_
_pdbx_unobs_or_zero_occ_residues.id 
_pdbx_unobs_or_zero_occ_residues.PDB_model_num 
_pdbx_unobs_or_zero_occ_residues.polymer_flag 
_pdbx_unobs_or_zero_occ_residues.occupancy_flag 
_pdbx_unobs_or_zero_occ_residues.auth_asym_id 
_pdbx_unobs_or_zero_occ_residues.auth_comp_id 
_pdbx_unobs_or_zero_occ_residues.auth_seq_id 
_pdbx_unobs_or_zero_occ_residues.PDB_ins_code 
_pdbx_unobs_or_zero_occ_residues.label_asym_id 
_pdbx_unobs_or_zero_occ_residues.label_comp_id 
_pdbx_unobs_or_zero_occ_residues.label_seq_id 
1 1 Y 1 A GLY 198 ? A GLY 1  
2 1 Y 1 A PRO 199 ? A PRO 2  
3 1 Y 1 A GLY 200 ? A GLY 3  
4 1 Y 1 A SER 201 ? A SER 4  
5 1 Y 1 A ALA 202 ? A ALA 5  
6 1 Y 1 A ALA 269 ? A ALA 72 
7 1 Y 1 A GLU 270 ? A GLU 73 
# 
loop_
_chem_comp_atom.comp_id 
_chem_comp_atom.atom_id 
_chem_comp_atom.type_symbol 
_chem_comp_atom.pdbx_aromatic_flag 
_chem_comp_atom.pdbx_stereo_config 
_chem_comp_atom.pdbx_ordinal 
ALA N    N N N 1   
ALA CA   C N S 2   
ALA C    C N N 3   
ALA O    O N N 4   
ALA CB   C N N 5   
ALA OXT  O N N 6   
ALA H    H N N 7   
ALA H2   H N N 8   
ALA HA   H N N 9   
ALA HB1  H N N 10  
ALA HB2  H N N 11  
ALA HB3  H N N 12  
ALA HXT  H N N 13  
ARG N    N N N 14  
ARG CA   C N S 15  
ARG C    C N N 16  
ARG O    O N N 17  
ARG CB   C N N 18  
ARG CG   C N N 19  
ARG CD   C N N 20  
ARG NE   N N N 21  
ARG CZ   C N N 22  
ARG NH1  N N N 23  
ARG NH2  N N N 24  
ARG OXT  O N N 25  
ARG H    H N N 26  
ARG H2   H N N 27  
ARG HA   H N N 28  
ARG HB2  H N N 29  
ARG HB3  H N N 30  
ARG HG2  H N N 31  
ARG HG3  H N N 32  
ARG HD2  H N N 33  
ARG HD3  H N N 34  
ARG HE   H N N 35  
ARG HH11 H N N 36  
ARG HH12 H N N 37  
ARG HH21 H N N 38  
ARG HH22 H N N 39  
ARG HXT  H N N 40  
ASN N    N N N 41  
ASN CA   C N S 42  
ASN C    C N N 43  
ASN O    O N N 44  
ASN CB   C N N 45  
ASN CG   C N N 46  
ASN OD1  O N N 47  
ASN ND2  N N N 48  
ASN OXT  O N N 49  
ASN H    H N N 50  
ASN H2   H N N 51  
ASN HA   H N N 52  
ASN HB2  H N N 53  
ASN HB3  H N N 54  
ASN HD21 H N N 55  
ASN HD22 H N N 56  
ASN HXT  H N N 57  
ASP N    N N N 58  
ASP CA   C N S 59  
ASP C    C N N 60  
ASP O    O N N 61  
ASP CB   C N N 62  
ASP CG   C N N 63  
ASP OD1  O N N 64  
ASP OD2  O N N 65  
ASP OXT  O N N 66  
ASP H    H N N 67  
ASP H2   H N N 68  
ASP HA   H N N 69  
ASP HB2  H N N 70  
ASP HB3  H N N 71  
ASP HD2  H N N 72  
ASP HXT  H N N 73  
GLN N    N N N 74  
GLN CA   C N S 75  
GLN C    C N N 76  
GLN O    O N N 77  
GLN CB   C N N 78  
GLN CG   C N N 79  
GLN CD   C N N 80  
GLN OE1  O N N 81  
GLN NE2  N N N 82  
GLN OXT  O N N 83  
GLN H    H N N 84  
GLN H2   H N N 85  
GLN HA   H N N 86  
GLN HB2  H N N 87  
GLN HB3  H N N 88  
GLN HG2  H N N 89  
GLN HG3  H N N 90  
GLN HE21 H N N 91  
GLN HE22 H N N 92  
GLN HXT  H N N 93  
GLU N    N N N 94  
GLU CA   C N S 95  
GLU C    C N N 96  
GLU O    O N N 97  
GLU CB   C N N 98  
GLU CG   C N N 99  
GLU CD   C N N 100 
GLU OE1  O N N 101 
GLU OE2  O N N 102 
GLU OXT  O N N 103 
GLU H    H N N 104 
GLU H2   H N N 105 
GLU HA   H N N 106 
GLU HB2  H N N 107 
GLU HB3  H N N 108 
GLU HG2  H N N 109 
GLU HG3  H N N 110 
GLU HE2  H N N 111 
GLU HXT  H N N 112 
GLY N    N N N 113 
GLY CA   C N N 114 
GLY C    C N N 115 
GLY O    O N N 116 
GLY OXT  O N N 117 
GLY H    H N N 118 
GLY H2   H N N 119 
GLY HA2  H N N 120 
GLY HA3  H N N 121 
GLY HXT  H N N 122 
HIS N    N N N 123 
HIS CA   C N S 124 
HIS C    C N N 125 
HIS O    O N N 126 
HIS CB   C N N 127 
HIS CG   C Y N 128 
HIS ND1  N Y N 129 
HIS CD2  C Y N 130 
HIS CE1  C Y N 131 
HIS NE2  N Y N 132 
HIS OXT  O N N 133 
HIS H    H N N 134 
HIS H2   H N N 135 
HIS HA   H N N 136 
HIS HB2  H N N 137 
HIS HB3  H N N 138 
HIS HD1  H N N 139 
HIS HD2  H N N 140 
HIS HE1  H N N 141 
HIS HE2  H N N 142 
HIS HXT  H N N 143 
HOH O    O N N 144 
HOH H1   H N N 145 
HOH H2   H N N 146 
ILE N    N N N 147 
ILE CA   C N S 148 
ILE C    C N N 149 
ILE O    O N N 150 
ILE CB   C N S 151 
ILE CG1  C N N 152 
ILE CG2  C N N 153 
ILE CD1  C N N 154 
ILE OXT  O N N 155 
ILE H    H N N 156 
ILE H2   H N N 157 
ILE HA   H N N 158 
ILE HB   H N N 159 
ILE HG12 H N N 160 
ILE HG13 H N N 161 
ILE HG21 H N N 162 
ILE HG22 H N N 163 
ILE HG23 H N N 164 
ILE HD11 H N N 165 
ILE HD12 H N N 166 
ILE HD13 H N N 167 
ILE HXT  H N N 168 
LEU N    N N N 169 
LEU CA   C N S 170 
LEU C    C N N 171 
LEU O    O N N 172 
LEU CB   C N N 173 
LEU CG   C N N 174 
LEU CD1  C N N 175 
LEU CD2  C N N 176 
LEU OXT  O N N 177 
LEU H    H N N 178 
LEU H2   H N N 179 
LEU HA   H N N 180 
LEU HB2  H N N 181 
LEU HB3  H N N 182 
LEU HG   H N N 183 
LEU HD11 H N N 184 
LEU HD12 H N N 185 
LEU HD13 H N N 186 
LEU HD21 H N N 187 
LEU HD22 H N N 188 
LEU HD23 H N N 189 
LEU HXT  H N N 190 
LYS N    N N N 191 
LYS CA   C N S 192 
LYS C    C N N 193 
LYS O    O N N 194 
LYS CB   C N N 195 
LYS CG   C N N 196 
LYS CD   C N N 197 
LYS CE   C N N 198 
LYS NZ   N N N 199 
LYS OXT  O N N 200 
LYS H    H N N 201 
LYS H2   H N N 202 
LYS HA   H N N 203 
LYS HB2  H N N 204 
LYS HB3  H N N 205 
LYS HG2  H N N 206 
LYS HG3  H N N 207 
LYS HD2  H N N 208 
LYS HD3  H N N 209 
LYS HE2  H N N 210 
LYS HE3  H N N 211 
LYS HZ1  H N N 212 
LYS HZ2  H N N 213 
LYS HZ3  H N N 214 
LYS HXT  H N N 215 
MET N    N N N 216 
MET CA   C N S 217 
MET C    C N N 218 
MET O    O N N 219 
MET CB   C N N 220 
MET CG   C N N 221 
MET SD   S N N 222 
MET CE   C N N 223 
MET OXT  O N N 224 
MET H    H N N 225 
MET H2   H N N 226 
MET HA   H N N 227 
MET HB2  H N N 228 
MET HB3  H N N 229 
MET HG2  H N N 230 
MET HG3  H N N 231 
MET HE1  H N N 232 
MET HE2  H N N 233 
MET HE3  H N N 234 
MET HXT  H N N 235 
PHE N    N N N 236 
PHE CA   C N S 237 
PHE C    C N N 238 
PHE O    O N N 239 
PHE CB   C N N 240 
PHE CG   C Y N 241 
PHE CD1  C Y N 242 
PHE CD2  C Y N 243 
PHE CE1  C Y N 244 
PHE CE2  C Y N 245 
PHE CZ   C Y N 246 
PHE OXT  O N N 247 
PHE H    H N N 248 
PHE H2   H N N 249 
PHE HA   H N N 250 
PHE HB2  H N N 251 
PHE HB3  H N N 252 
PHE HD1  H N N 253 
PHE HD2  H N N 254 
PHE HE1  H N N 255 
PHE HE2  H N N 256 
PHE HZ   H N N 257 
PHE HXT  H N N 258 
PRO N    N N N 259 
PRO CA   C N S 260 
PRO C    C N N 261 
PRO O    O N N 262 
PRO CB   C N N 263 
PRO CG   C N N 264 
PRO CD   C N N 265 
PRO OXT  O N N 266 
PRO H    H N N 267 
PRO HA   H N N 268 
PRO HB2  H N N 269 
PRO HB3  H N N 270 
PRO HG2  H N N 271 
PRO HG3  H N N 272 
PRO HD2  H N N 273 
PRO HD3  H N N 274 
PRO HXT  H N N 275 
SCH N    N N N 276 
SCH CA   C N R 277 
SCH CB   C N N 278 
SCH SG   S N N 279 
SCH SD   S N N 280 
SCH CE   C N N 281 
SCH C    C N N 282 
SCH O    O N N 283 
SCH OXT  O N N 284 
SCH H    H N N 285 
SCH H2   H N N 286 
SCH HA   H N N 287 
SCH HB2  H N N 288 
SCH HB3  H N N 289 
SCH HE1  H N N 290 
SCH HE2  H N N 291 
SCH HE3  H N N 292 
SCH HXT  H N N 293 
SER N    N N N 294 
SER CA   C N S 295 
SER C    C N N 296 
SER O    O N N 297 
SER CB   C N N 298 
SER OG   O N N 299 
SER OXT  O N N 300 
SER H    H N N 301 
SER H2   H N N 302 
SER HA   H N N 303 
SER HB2  H N N 304 
SER HB3  H N N 305 
SER HG   H N N 306 
SER HXT  H N N 307 
THR N    N N N 308 
THR CA   C N S 309 
THR C    C N N 310 
THR O    O N N 311 
THR CB   C N R 312 
THR OG1  O N N 313 
THR CG2  C N N 314 
THR OXT  O N N 315 
THR H    H N N 316 
THR H2   H N N 317 
THR HA   H N N 318 
THR HB   H N N 319 
THR HG1  H N N 320 
THR HG21 H N N 321 
THR HG22 H N N 322 
THR HG23 H N N 323 
THR HXT  H N N 324 
TYR N    N N N 325 
TYR CA   C N S 326 
TYR C    C N N 327 
TYR O    O N N 328 
TYR CB   C N N 329 
TYR CG   C Y N 330 
TYR CD1  C Y N 331 
TYR CD2  C Y N 332 
TYR CE1  C Y N 333 
TYR CE2  C Y N 334 
TYR CZ   C Y N 335 
TYR OH   O N N 336 
TYR OXT  O N N 337 
TYR H    H N N 338 
TYR H2   H N N 339 
TYR HA   H N N 340 
TYR HB2  H N N 341 
TYR HB3  H N N 342 
TYR HD1  H N N 343 
TYR HD2  H N N 344 
TYR HE1  H N N 345 
TYR HE2  H N N 346 
TYR HH   H N N 347 
TYR HXT  H N N 348 
VAL N    N N N 349 
VAL CA   C N S 350 
VAL C    C N N 351 
VAL O    O N N 352 
VAL CB   C N N 353 
VAL CG1  C N N 354 
VAL CG2  C N N 355 
VAL OXT  O N N 356 
VAL H    H N N 357 
VAL H2   H N N 358 
VAL HA   H N N 359 
VAL HB   H N N 360 
VAL HG11 H N N 361 
VAL HG12 H N N 362 
VAL HG13 H N N 363 
VAL HG21 H N N 364 
VAL HG22 H N N 365 
VAL HG23 H N N 366 
VAL HXT  H N N 367 
# 
loop_
_chem_comp_bond.comp_id 
_chem_comp_bond.atom_id_1 
_chem_comp_bond.atom_id_2 
_chem_comp_bond.value_order 
_chem_comp_bond.pdbx_aromatic_flag 
_chem_comp_bond.pdbx_stereo_config 
_chem_comp_bond.pdbx_ordinal 
ALA N   CA   sing N N 1   
ALA N   H    sing N N 2   
ALA N   H2   sing N N 3   
ALA CA  C    sing N N 4   
ALA CA  CB   sing N N 5   
ALA CA  HA   sing N N 6   
ALA C   O    doub N N 7   
ALA C   OXT  sing N N 8   
ALA CB  HB1  sing N N 9   
ALA CB  HB2  sing N N 10  
ALA CB  HB3  sing N N 11  
ALA OXT HXT  sing N N 12  
ARG N   CA   sing N N 13  
ARG N   H    sing N N 14  
ARG N   H2   sing N N 15  
ARG CA  C    sing N N 16  
ARG CA  CB   sing N N 17  
ARG CA  HA   sing N N 18  
ARG C   O    doub N N 19  
ARG C   OXT  sing N N 20  
ARG CB  CG   sing N N 21  
ARG CB  HB2  sing N N 22  
ARG CB  HB3  sing N N 23  
ARG CG  CD   sing N N 24  
ARG CG  HG2  sing N N 25  
ARG CG  HG3  sing N N 26  
ARG CD  NE   sing N N 27  
ARG CD  HD2  sing N N 28  
ARG CD  HD3  sing N N 29  
ARG NE  CZ   sing N N 30  
ARG NE  HE   sing N N 31  
ARG CZ  NH1  sing N N 32  
ARG CZ  NH2  doub N N 33  
ARG NH1 HH11 sing N N 34  
ARG NH1 HH12 sing N N 35  
ARG NH2 HH21 sing N N 36  
ARG NH2 HH22 sing N N 37  
ARG OXT HXT  sing N N 38  
ASN N   CA   sing N N 39  
ASN N   H    sing N N 40  
ASN N   H2   sing N N 41  
ASN CA  C    sing N N 42  
ASN CA  CB   sing N N 43  
ASN CA  HA   sing N N 44  
ASN C   O    doub N N 45  
ASN C   OXT  sing N N 46  
ASN CB  CG   sing N N 47  
ASN CB  HB2  sing N N 48  
ASN CB  HB3  sing N N 49  
ASN CG  OD1  doub N N 50  
ASN CG  ND2  sing N N 51  
ASN ND2 HD21 sing N N 52  
ASN ND2 HD22 sing N N 53  
ASN OXT HXT  sing N N 54  
ASP N   CA   sing N N 55  
ASP N   H    sing N N 56  
ASP N   H2   sing N N 57  
ASP CA  C    sing N N 58  
ASP CA  CB   sing N N 59  
ASP CA  HA   sing N N 60  
ASP C   O    doub N N 61  
ASP C   OXT  sing N N 62  
ASP CB  CG   sing N N 63  
ASP CB  HB2  sing N N 64  
ASP CB  HB3  sing N N 65  
ASP CG  OD1  doub N N 66  
ASP CG  OD2  sing N N 67  
ASP OD2 HD2  sing N N 68  
ASP OXT HXT  sing N N 69  
GLN N   CA   sing N N 70  
GLN N   H    sing N N 71  
GLN N   H2   sing N N 72  
GLN CA  C    sing N N 73  
GLN CA  CB   sing N N 74  
GLN CA  HA   sing N N 75  
GLN C   O    doub N N 76  
GLN C   OXT  sing N N 77  
GLN CB  CG   sing N N 78  
GLN CB  HB2  sing N N 79  
GLN CB  HB3  sing N N 80  
GLN CG  CD   sing N N 81  
GLN CG  HG2  sing N N 82  
GLN CG  HG3  sing N N 83  
GLN CD  OE1  doub N N 84  
GLN CD  NE2  sing N N 85  
GLN NE2 HE21 sing N N 86  
GLN NE2 HE22 sing N N 87  
GLN OXT HXT  sing N N 88  
GLU N   CA   sing N N 89  
GLU N   H    sing N N 90  
GLU N   H2   sing N N 91  
GLU CA  C    sing N N 92  
GLU CA  CB   sing N N 93  
GLU CA  HA   sing N N 94  
GLU C   O    doub N N 95  
GLU C   OXT  sing N N 96  
GLU CB  CG   sing N N 97  
GLU CB  HB2  sing N N 98  
GLU CB  HB3  sing N N 99  
GLU CG  CD   sing N N 100 
GLU CG  HG2  sing N N 101 
GLU CG  HG3  sing N N 102 
GLU CD  OE1  doub N N 103 
GLU CD  OE2  sing N N 104 
GLU OE2 HE2  sing N N 105 
GLU OXT HXT  sing N N 106 
GLY N   CA   sing N N 107 
GLY N   H    sing N N 108 
GLY N   H2   sing N N 109 
GLY CA  C    sing N N 110 
GLY CA  HA2  sing N N 111 
GLY CA  HA3  sing N N 112 
GLY C   O    doub N N 113 
GLY C   OXT  sing N N 114 
GLY OXT HXT  sing N N 115 
HIS N   CA   sing N N 116 
HIS N   H    sing N N 117 
HIS N   H2   sing N N 118 
HIS CA  C    sing N N 119 
HIS CA  CB   sing N N 120 
HIS CA  HA   sing N N 121 
HIS C   O    doub N N 122 
HIS C   OXT  sing N N 123 
HIS CB  CG   sing N N 124 
HIS CB  HB2  sing N N 125 
HIS CB  HB3  sing N N 126 
HIS CG  ND1  sing Y N 127 
HIS CG  CD2  doub Y N 128 
HIS ND1 CE1  doub Y N 129 
HIS ND1 HD1  sing N N 130 
HIS CD2 NE2  sing Y N 131 
HIS CD2 HD2  sing N N 132 
HIS CE1 NE2  sing Y N 133 
HIS CE1 HE1  sing N N 134 
HIS NE2 HE2  sing N N 135 
HIS OXT HXT  sing N N 136 
HOH O   H1   sing N N 137 
HOH O   H2   sing N N 138 
ILE N   CA   sing N N 139 
ILE N   H    sing N N 140 
ILE N   H2   sing N N 141 
ILE CA  C    sing N N 142 
ILE CA  CB   sing N N 143 
ILE CA  HA   sing N N 144 
ILE C   O    doub N N 145 
ILE C   OXT  sing N N 146 
ILE CB  CG1  sing N N 147 
ILE CB  CG2  sing N N 148 
ILE CB  HB   sing N N 149 
ILE CG1 CD1  sing N N 150 
ILE CG1 HG12 sing N N 151 
ILE CG1 HG13 sing N N 152 
ILE CG2 HG21 sing N N 153 
ILE CG2 HG22 sing N N 154 
ILE CG2 HG23 sing N N 155 
ILE CD1 HD11 sing N N 156 
ILE CD1 HD12 sing N N 157 
ILE CD1 HD13 sing N N 158 
ILE OXT HXT  sing N N 159 
LEU N   CA   sing N N 160 
LEU N   H    sing N N 161 
LEU N   H2   sing N N 162 
LEU CA  C    sing N N 163 
LEU CA  CB   sing N N 164 
LEU CA  HA   sing N N 165 
LEU C   O    doub N N 166 
LEU C   OXT  sing N N 167 
LEU CB  CG   sing N N 168 
LEU CB  HB2  sing N N 169 
LEU CB  HB3  sing N N 170 
LEU CG  CD1  sing N N 171 
LEU CG  CD2  sing N N 172 
LEU CG  HG   sing N N 173 
LEU CD1 HD11 sing N N 174 
LEU CD1 HD12 sing N N 175 
LEU CD1 HD13 sing N N 176 
LEU CD2 HD21 sing N N 177 
LEU CD2 HD22 sing N N 178 
LEU CD2 HD23 sing N N 179 
LEU OXT HXT  sing N N 180 
LYS N   CA   sing N N 181 
LYS N   H    sing N N 182 
LYS N   H2   sing N N 183 
LYS CA  C    sing N N 184 
LYS CA  CB   sing N N 185 
LYS CA  HA   sing N N 186 
LYS C   O    doub N N 187 
LYS C   OXT  sing N N 188 
LYS CB  CG   sing N N 189 
LYS CB  HB2  sing N N 190 
LYS CB  HB3  sing N N 191 
LYS CG  CD   sing N N 192 
LYS CG  HG2  sing N N 193 
LYS CG  HG3  sing N N 194 
LYS CD  CE   sing N N 195 
LYS CD  HD2  sing N N 196 
LYS CD  HD3  sing N N 197 
LYS CE  NZ   sing N N 198 
LYS CE  HE2  sing N N 199 
LYS CE  HE3  sing N N 200 
LYS NZ  HZ1  sing N N 201 
LYS NZ  HZ2  sing N N 202 
LYS NZ  HZ3  sing N N 203 
LYS OXT HXT  sing N N 204 
MET N   CA   sing N N 205 
MET N   H    sing N N 206 
MET N   H2   sing N N 207 
MET CA  C    sing N N 208 
MET CA  CB   sing N N 209 
MET CA  HA   sing N N 210 
MET C   O    doub N N 211 
MET C   OXT  sing N N 212 
MET CB  CG   sing N N 213 
MET CB  HB2  sing N N 214 
MET CB  HB3  sing N N 215 
MET CG  SD   sing N N 216 
MET CG  HG2  sing N N 217 
MET CG  HG3  sing N N 218 
MET SD  CE   sing N N 219 
MET CE  HE1  sing N N 220 
MET CE  HE2  sing N N 221 
MET CE  HE3  sing N N 222 
MET OXT HXT  sing N N 223 
PHE N   CA   sing N N 224 
PHE N   H    sing N N 225 
PHE N   H2   sing N N 226 
PHE CA  C    sing N N 227 
PHE CA  CB   sing N N 228 
PHE CA  HA   sing N N 229 
PHE C   O    doub N N 230 
PHE C   OXT  sing N N 231 
PHE CB  CG   sing N N 232 
PHE CB  HB2  sing N N 233 
PHE CB  HB3  sing N N 234 
PHE CG  CD1  doub Y N 235 
PHE CG  CD2  sing Y N 236 
PHE CD1 CE1  sing Y N 237 
PHE CD1 HD1  sing N N 238 
PHE CD2 CE2  doub Y N 239 
PHE CD2 HD2  sing N N 240 
PHE CE1 CZ   doub Y N 241 
PHE CE1 HE1  sing N N 242 
PHE CE2 CZ   sing Y N 243 
PHE CE2 HE2  sing N N 244 
PHE CZ  HZ   sing N N 245 
PHE OXT HXT  sing N N 246 
PRO N   CA   sing N N 247 
PRO N   CD   sing N N 248 
PRO N   H    sing N N 249 
PRO CA  C    sing N N 250 
PRO CA  CB   sing N N 251 
PRO CA  HA   sing N N 252 
PRO C   O    doub N N 253 
PRO C   OXT  sing N N 254 
PRO CB  CG   sing N N 255 
PRO CB  HB2  sing N N 256 
PRO CB  HB3  sing N N 257 
PRO CG  CD   sing N N 258 
PRO CG  HG2  sing N N 259 
PRO CG  HG3  sing N N 260 
PRO CD  HD2  sing N N 261 
PRO CD  HD3  sing N N 262 
PRO OXT HXT  sing N N 263 
SCH N   CA   sing N N 264 
SCH N   H    sing N N 265 
SCH N   H2   sing N N 266 
SCH CA  CB   sing N N 267 
SCH CA  C    sing N N 268 
SCH CA  HA   sing N N 269 
SCH CB  SG   sing N N 270 
SCH CB  HB2  sing N N 271 
SCH CB  HB3  sing N N 272 
SCH SG  SD   sing N N 273 
SCH SD  CE   sing N N 274 
SCH CE  HE1  sing N N 275 
SCH CE  HE2  sing N N 276 
SCH CE  HE3  sing N N 277 
SCH C   O    doub N N 278 
SCH C   OXT  sing N N 279 
SCH OXT HXT  sing N N 280 
SER N   CA   sing N N 281 
SER N   H    sing N N 282 
SER N   H2   sing N N 283 
SER CA  C    sing N N 284 
SER CA  CB   sing N N 285 
SER CA  HA   sing N N 286 
SER C   O    doub N N 287 
SER C   OXT  sing N N 288 
SER CB  OG   sing N N 289 
SER CB  HB2  sing N N 290 
SER CB  HB3  sing N N 291 
SER OG  HG   sing N N 292 
SER OXT HXT  sing N N 293 
THR N   CA   sing N N 294 
THR N   H    sing N N 295 
THR N   H2   sing N N 296 
THR CA  C    sing N N 297 
THR CA  CB   sing N N 298 
THR CA  HA   sing N N 299 
THR C   O    doub N N 300 
THR C   OXT  sing N N 301 
THR CB  OG1  sing N N 302 
THR CB  CG2  sing N N 303 
THR CB  HB   sing N N 304 
THR OG1 HG1  sing N N 305 
THR CG2 HG21 sing N N 306 
THR CG2 HG22 sing N N 307 
THR CG2 HG23 sing N N 308 
THR OXT HXT  sing N N 309 
TYR N   CA   sing N N 310 
TYR N   H    sing N N 311 
TYR N   H2   sing N N 312 
TYR CA  C    sing N N 313 
TYR CA  CB   sing N N 314 
TYR CA  HA   sing N N 315 
TYR C   O    doub N N 316 
TYR C   OXT  sing N N 317 
TYR CB  CG   sing N N 318 
TYR CB  HB2  sing N N 319 
TYR CB  HB3  sing N N 320 
TYR CG  CD1  doub Y N 321 
TYR CG  CD2  sing Y N 322 
TYR CD1 CE1  sing Y N 323 
TYR CD1 HD1  sing N N 324 
TYR CD2 CE2  doub Y N 325 
TYR CD2 HD2  sing N N 326 
TYR CE1 CZ   doub Y N 327 
TYR CE1 HE1  sing N N 328 
TYR CE2 CZ   sing Y N 329 
TYR CE2 HE2  sing N N 330 
TYR CZ  OH   sing N N 331 
TYR OH  HH   sing N N 332 
TYR OXT HXT  sing N N 333 
VAL N   CA   sing N N 334 
VAL N   H    sing N N 335 
VAL N   H2   sing N N 336 
VAL CA  C    sing N N 337 
VAL CA  CB   sing N N 338 
VAL CA  HA   sing N N 339 
VAL C   O    doub N N 340 
VAL C   OXT  sing N N 341 
VAL CB  CG1  sing N N 342 
VAL CB  CG2  sing N N 343 
VAL CB  HB   sing N N 344 
VAL CG1 HG11 sing N N 345 
VAL CG1 HG12 sing N N 346 
VAL CG1 HG13 sing N N 347 
VAL CG2 HG21 sing N N 348 
VAL CG2 HG22 sing N N 349 
VAL CG2 HG23 sing N N 350 
VAL OXT HXT  sing N N 351 
# 
_pdbx_entity_nonpoly.entity_id   2 
_pdbx_entity_nonpoly.name        water 
_pdbx_entity_nonpoly.comp_id     HOH 
# 
_pdbx_initial_refinement_model.id               1 
_pdbx_initial_refinement_model.entity_id_list   ? 
_pdbx_initial_refinement_model.type             'experimental model' 
_pdbx_initial_refinement_model.source_name      PDB 
_pdbx_initial_refinement_model.accession_code   1DPU 
_pdbx_initial_refinement_model.details          'PDB entry 1DPU' 
# 
